data_6JJ7
#
_entry.id   6JJ7
#
_cell.length_a   131.569
_cell.length_b   131.569
_cell.length_c   188.782
_cell.angle_alpha   90.00
_cell.angle_beta   90.00
_cell.angle_gamma   120.00
#
_symmetry.space_group_name_H-M   'P 32 2 1'
#
loop_
_entity.id
_entity.type
_entity.pdbx_description
1 polymer 'Rice hexokinase 6'
2 non-polymer beta-D-glucopyranose
#
_entity_poly.entity_id   1
_entity_poly.type   'polypeptide(L)'
_entity_poly.pdbx_seq_one_letter_code
;EERRRRAAAVIEEVEQRFSTPTALLRGIADAMVEEMERGLRADPHAPLKMLISYVDNLPTGDEHGLFYALDLGGTNFRVI
RVQLGGREKRVVSQQYEEVAIPPHLMVGTSMELFDFIAAELESFVKTEGEDFHLPEGRQRELGFTFSFPVHQTSISSGTL
IKWTKGFSINGTVGEDVVAELSRAMERQGLDMKVTALVNDTVGTLAGGRYVDNDVAAAVILGTGTNAAYVEHANAIPKWT
GLLPRSGNMVINMEWGNFKSERLPRSDYDNALDFESLNPGEQIYEKMISGMYLGEIVRRILLKLAHDASLFGDVVPTKLE
QRFILRTPDMSAMHHDTSHDLKHLGAKLKDILGVADTSLEARYITLHVCDLVAERGARLAAAGIYGILKKLGRDRVPSDG
SQKQRTVIALDGGLYEHYKKFRTCLEATLADLLGEEAASSVVVKLANDGSGIGAALLAASHSQYA
;
_entity_poly.pdbx_strand_id   A,C,E
#
loop_
_chem_comp.id
_chem_comp.type
_chem_comp.name
_chem_comp.formula
BGC D-saccharide, beta linking beta-D-glucopyranose 'C6 H12 O6'
#
# COMPACT_ATOMS: atom_id res chain seq x y z
N GLU A 1 -21.61 -14.24 -35.20
CA GLU A 1 -22.73 -14.50 -34.34
C GLU A 1 -23.52 -13.24 -34.01
N GLU A 2 -24.38 -13.27 -33.00
CA GLU A 2 -25.15 -12.09 -32.61
C GLU A 2 -24.39 -11.24 -31.61
N ARG A 3 -23.23 -11.75 -31.25
CA ARG A 3 -22.27 -11.13 -30.38
C ARG A 3 -21.97 -9.85 -31.05
N ARG A 4 -21.64 -9.99 -32.31
CA ARG A 4 -21.32 -8.95 -33.22
C ARG A 4 -22.10 -7.65 -33.10
N ARG A 5 -23.33 -7.70 -32.68
CA ARG A 5 -24.07 -6.48 -32.57
C ARG A 5 -24.08 -6.00 -31.16
N ARG A 6 -23.76 -6.88 -30.25
CA ARG A 6 -23.65 -6.50 -28.86
C ARG A 6 -22.33 -5.81 -28.69
N ALA A 7 -21.39 -6.13 -29.55
CA ALA A 7 -20.10 -5.57 -29.58
C ALA A 7 -20.24 -4.26 -30.25
N ALA A 8 -20.99 -4.19 -31.32
CA ALA A 8 -21.18 -2.90 -31.95
C ALA A 8 -21.90 -1.92 -31.04
N ALA A 9 -22.77 -2.42 -30.15
CA ALA A 9 -23.45 -1.53 -29.23
C ALA A 9 -22.46 -0.85 -28.31
N VAL A 10 -21.45 -1.60 -27.85
CA VAL A 10 -20.43 -1.07 -26.96
C VAL A 10 -19.55 -0.07 -27.70
N ILE A 11 -19.10 -0.41 -28.87
CA ILE A 11 -18.27 0.48 -29.62
C ILE A 11 -18.98 1.69 -30.03
N GLU A 12 -20.28 1.61 -30.17
CA GLU A 12 -21.05 2.75 -30.59
C GLU A 12 -21.16 3.78 -29.49
N GLU A 13 -21.20 3.34 -28.24
CA GLU A 13 -21.32 4.26 -27.15
C GLU A 13 -19.99 4.84 -26.86
N VAL A 14 -18.92 4.17 -27.23
CA VAL A 14 -17.62 4.74 -27.04
C VAL A 14 -17.49 5.89 -28.00
N GLU A 15 -17.69 5.65 -29.28
CA GLU A 15 -17.59 6.69 -30.26
C GLU A 15 -18.48 7.78 -29.89
N GLN A 16 -19.65 7.49 -29.40
CA GLN A 16 -20.59 8.50 -29.04
C GLN A 16 -20.27 9.38 -27.87
N ARG A 17 -19.55 8.86 -26.89
CA ARG A 17 -19.21 9.64 -25.72
C ARG A 17 -17.87 10.28 -25.80
N PHE A 18 -17.03 9.82 -26.68
CA PHE A 18 -15.71 10.32 -26.89
C PHE A 18 -15.66 11.27 -28.05
N SER A 19 -16.79 11.60 -28.63
CA SER A 19 -16.85 12.44 -29.80
C SER A 19 -16.36 13.84 -29.48
N THR A 20 -15.42 14.34 -30.28
CA THR A 20 -14.89 15.69 -30.16
C THR A 20 -15.06 16.45 -31.48
N PRO A 21 -16.25 16.90 -31.76
CA PRO A 21 -16.48 17.70 -32.91
C PRO A 21 -15.84 19.05 -32.63
N THR A 22 -15.17 19.60 -33.61
CA THR A 22 -14.48 20.84 -33.50
C THR A 22 -15.28 21.91 -32.84
N ALA A 23 -16.58 21.80 -32.93
CA ALA A 23 -17.44 22.78 -32.34
C ALA A 23 -17.27 22.64 -30.87
N LEU A 24 -17.09 21.41 -30.41
CA LEU A 24 -16.94 21.13 -29.01
C LEU A 24 -15.59 21.53 -28.57
N LEU A 25 -14.61 21.41 -29.45
CA LEU A 25 -13.25 21.80 -29.13
C LEU A 25 -13.10 23.30 -28.97
N ARG A 26 -13.81 24.09 -29.79
CA ARG A 26 -13.76 25.53 -29.61
C ARG A 26 -14.36 25.92 -28.27
N GLY A 27 -15.43 25.24 -27.88
CA GLY A 27 -16.03 25.51 -26.60
C GLY A 27 -15.13 25.12 -25.44
N ILE A 28 -14.42 24.00 -25.58
CA ILE A 28 -13.46 23.59 -24.57
C ILE A 28 -12.32 24.60 -24.49
N ALA A 29 -11.85 25.07 -25.64
CA ALA A 29 -10.81 26.09 -25.64
C ALA A 29 -11.28 27.37 -24.98
N ASP A 30 -12.53 27.78 -25.21
CA ASP A 30 -13.03 28.95 -24.48
C ASP A 30 -13.10 28.66 -22.98
N ALA A 31 -13.51 27.45 -22.60
CA ALA A 31 -13.55 27.12 -21.18
C ALA A 31 -12.17 27.13 -20.57
N MET A 32 -11.17 26.73 -21.32
CA MET A 32 -9.84 26.71 -20.73
C MET A 32 -9.35 28.12 -20.44
N VAL A 33 -9.70 29.06 -21.26
CA VAL A 33 -9.28 30.42 -21.08
C VAL A 33 -9.95 31.11 -19.91
N GLU A 34 -11.16 30.68 -19.59
CA GLU A 34 -11.94 31.21 -18.51
C GLU A 34 -11.35 30.72 -17.24
N GLU A 35 -10.77 29.55 -17.27
CA GLU A 35 -10.18 28.97 -16.11
C GLU A 35 -8.82 29.53 -15.94
N MET A 36 -8.17 29.91 -17.01
CA MET A 36 -6.87 30.57 -16.83
C MET A 36 -7.03 31.92 -16.17
N GLU A 37 -8.14 32.54 -16.39
CA GLU A 37 -8.37 33.79 -15.76
C GLU A 37 -8.88 33.59 -14.36
N ARG A 38 -9.68 32.58 -14.10
CA ARG A 38 -10.10 32.28 -12.76
C ARG A 38 -8.87 31.97 -11.94
N GLY A 39 -7.92 31.23 -12.48
CA GLY A 39 -6.70 30.94 -11.76
C GLY A 39 -5.79 32.14 -11.57
N LEU A 40 -5.83 33.10 -12.48
CA LEU A 40 -4.90 34.21 -12.33
C LEU A 40 -5.34 35.23 -11.30
N ARG A 41 -6.62 35.30 -10.96
CA ARG A 41 -7.04 36.13 -9.85
C ARG A 41 -7.17 35.34 -8.57
N ALA A 42 -6.70 34.08 -8.56
CA ALA A 42 -6.74 33.21 -7.38
C ALA A 42 -8.14 33.06 -6.82
N ASP A 43 -9.10 32.74 -7.71
CA ASP A 43 -10.44 32.39 -7.30
C ASP A 43 -10.36 31.12 -6.48
N PRO A 44 -11.10 31.00 -5.38
CA PRO A 44 -10.97 29.82 -4.53
C PRO A 44 -11.27 28.55 -5.31
N HIS A 45 -10.42 27.54 -5.14
CA HIS A 45 -10.60 26.22 -5.74
C HIS A 45 -10.80 26.30 -7.26
N ALA A 46 -10.06 27.16 -7.90
CA ALA A 46 -10.01 27.17 -9.33
C ALA A 46 -9.30 25.91 -9.82
N PRO A 47 -9.80 25.22 -10.82
CA PRO A 47 -9.07 24.04 -11.32
C PRO A 47 -7.65 24.33 -11.76
N LEU A 48 -7.44 25.37 -12.55
CA LEU A 48 -6.10 25.72 -12.99
C LEU A 48 -5.49 26.61 -11.92
N LYS A 49 -4.45 26.12 -11.26
CA LYS A 49 -3.89 26.92 -10.21
C LYS A 49 -3.15 28.12 -10.73
N MET A 50 -2.69 28.08 -11.99
CA MET A 50 -1.93 29.13 -12.64
C MET A 50 -0.84 29.68 -11.74
N LEU A 51 0.15 28.86 -11.48
CA LEU A 51 1.12 29.15 -10.47
C LEU A 51 2.20 30.08 -10.99
N ILE A 52 2.41 31.18 -10.29
CA ILE A 52 3.51 32.10 -10.59
C ILE A 52 4.82 31.38 -10.39
N SER A 53 5.69 31.41 -11.39
CA SER A 53 6.91 30.61 -11.34
C SER A 53 8.11 31.35 -10.77
N TYR A 54 8.04 32.68 -10.61
CA TYR A 54 9.13 33.58 -10.27
C TYR A 54 10.18 33.70 -11.38
N VAL A 55 9.93 33.13 -12.55
CA VAL A 55 10.78 33.32 -13.71
C VAL A 55 10.26 34.50 -14.51
N ASP A 56 10.91 35.66 -14.34
CA ASP A 56 10.56 36.86 -15.08
C ASP A 56 11.40 37.07 -16.33
N ASN A 57 12.58 36.45 -16.42
CA ASN A 57 13.47 36.54 -17.59
C ASN A 57 13.91 35.15 -18.03
N LEU A 58 13.63 34.80 -19.28
CA LEU A 58 14.02 33.51 -19.83
C LEU A 58 15.45 33.57 -20.36
N PRO A 59 16.07 32.42 -20.61
CA PRO A 59 17.46 32.42 -21.06
C PRO A 59 17.68 33.27 -22.30
N THR A 60 18.83 33.90 -22.33
CA THR A 60 19.27 34.76 -23.42
C THR A 60 20.30 34.08 -24.32
N GLY A 61 21.27 33.40 -23.74
CA GLY A 61 22.31 32.79 -24.52
C GLY A 61 23.64 33.14 -23.89
N ASP A 62 23.65 34.25 -23.16
CA ASP A 62 24.89 34.74 -22.57
C ASP A 62 25.11 34.15 -21.21
N GLU A 63 24.76 32.89 -21.01
CA GLU A 63 25.05 32.21 -19.77
C GLU A 63 26.35 31.45 -19.93
N HIS A 64 27.13 31.40 -18.85
CA HIS A 64 28.43 30.76 -18.91
C HIS A 64 28.73 30.15 -17.54
N GLY A 65 29.40 29.01 -17.56
CA GLY A 65 29.86 28.42 -16.33
C GLY A 65 29.43 26.99 -16.22
N LEU A 66 29.66 26.43 -15.04
CA LEU A 66 29.36 25.03 -14.74
C LEU A 66 28.16 25.01 -13.82
N PHE A 67 27.15 24.23 -14.20
CA PHE A 67 25.90 24.18 -13.45
C PHE A 67 25.25 22.82 -13.63
N TYR A 68 24.71 22.28 -12.54
CA TYR A 68 24.02 21.01 -12.55
C TYR A 68 22.51 21.22 -12.64
N ALA A 69 21.79 20.16 -13.01
CA ALA A 69 20.35 20.19 -12.86
C ALA A 69 19.92 18.83 -12.35
N LEU A 70 18.87 18.81 -11.51
CA LEU A 70 18.23 17.56 -11.10
C LEU A 70 16.79 17.59 -11.57
N ASP A 71 16.38 16.55 -12.27
CA ASP A 71 15.11 16.51 -13.00
C ASP A 71 14.31 15.34 -12.46
N LEU A 72 13.30 15.61 -11.65
CA LEU A 72 12.48 14.55 -11.07
C LEU A 72 11.14 14.50 -11.77
N GLY A 73 10.89 13.41 -12.51
CA GLY A 73 9.68 13.24 -13.27
C GLY A 73 8.76 12.20 -12.67
N GLY A 74 7.72 11.88 -13.42
CA GLY A 74 6.79 10.88 -12.93
C GLY A 74 7.31 9.47 -13.02
N THR A 75 8.30 9.25 -13.87
CA THR A 75 8.81 7.90 -14.13
C THR A 75 10.31 7.76 -13.96
N ASN A 76 11.09 8.77 -14.35
CA ASN A 76 12.54 8.72 -14.24
C ASN A 76 13.02 10.00 -13.58
N PHE A 77 14.32 10.08 -13.38
CA PHE A 77 14.97 11.30 -12.92
C PHE A 77 16.32 11.40 -13.63
N ARG A 78 16.82 12.58 -13.91
CA ARG A 78 18.08 12.77 -14.59
C ARG A 78 19.05 13.61 -13.80
N VAL A 79 20.33 13.37 -13.95
CA VAL A 79 21.35 14.17 -13.30
C VAL A 79 22.07 14.73 -14.49
N ILE A 80 22.11 16.04 -14.59
CA ILE A 80 22.64 16.75 -15.74
C ILE A 80 23.77 17.63 -15.25
N ARG A 81 24.65 17.98 -16.18
CA ARG A 81 25.84 18.76 -15.90
C ARG A 81 26.22 19.50 -17.18
N VAL A 82 26.20 20.81 -17.22
CA VAL A 82 26.59 21.51 -18.44
C VAL A 82 27.68 22.52 -18.23
N GLN A 83 28.40 22.89 -19.29
CA GLN A 83 29.40 23.91 -19.19
C GLN A 83 29.05 24.92 -20.22
N LEU A 84 28.58 26.05 -19.79
CA LEU A 84 28.14 27.09 -20.67
C LEU A 84 29.26 28.02 -21.05
N GLY A 85 29.17 28.59 -22.23
CA GLY A 85 30.24 29.46 -22.71
C GLY A 85 29.79 30.69 -23.48
N GLY A 86 28.77 31.35 -23.02
CA GLY A 86 28.36 32.55 -23.66
C GLY A 86 27.57 32.41 -24.90
N ARG A 87 27.12 33.54 -25.37
CA ARG A 87 26.32 33.64 -26.53
C ARG A 87 26.89 33.04 -27.76
N GLU A 88 28.18 32.83 -27.77
CA GLU A 88 28.82 32.27 -28.94
C GLU A 88 28.96 30.78 -28.94
N LYS A 89 29.60 30.27 -27.91
CA LYS A 89 29.87 28.85 -27.78
C LYS A 89 28.69 28.06 -27.22
N ARG A 90 27.87 28.69 -26.38
CA ARG A 90 26.64 28.09 -25.83
C ARG A 90 27.08 26.88 -25.03
N VAL A 91 26.50 25.70 -25.24
CA VAL A 91 26.74 24.53 -24.40
C VAL A 91 28.01 23.82 -24.87
N VAL A 92 29.08 23.94 -24.11
CA VAL A 92 30.35 23.39 -24.58
C VAL A 92 30.49 21.90 -24.26
N SER A 93 29.94 21.48 -23.16
CA SER A 93 30.01 20.11 -22.76
C SER A 93 28.78 19.76 -21.97
N GLN A 94 28.28 18.57 -22.21
CA GLN A 94 27.08 18.06 -21.59
C GLN A 94 27.26 16.64 -21.16
N GLN A 95 26.85 16.35 -19.95
CA GLN A 95 26.91 15.01 -19.46
C GLN A 95 25.60 14.79 -18.76
N TYR A 96 25.01 13.63 -18.93
CA TYR A 96 23.75 13.31 -18.28
C TYR A 96 23.63 11.86 -17.90
N GLU A 97 22.83 11.58 -16.91
CA GLU A 97 22.61 10.24 -16.44
C GLU A 97 21.17 10.11 -16.06
N GLU A 98 20.47 9.12 -16.57
CA GLU A 98 19.07 8.95 -16.32
C GLU A 98 18.80 7.63 -15.68
N VAL A 99 18.00 7.70 -14.62
CA VAL A 99 17.64 6.56 -13.82
C VAL A 99 16.16 6.39 -13.68
N ALA A 100 15.70 5.16 -13.78
CA ALA A 100 14.29 4.89 -13.56
C ALA A 100 14.00 4.87 -12.07
N ILE A 101 12.90 5.50 -11.70
CA ILE A 101 12.48 5.56 -10.30
C ILE A 101 11.88 4.22 -9.95
N PRO A 102 12.43 3.52 -8.97
CA PRO A 102 11.84 2.28 -8.51
C PRO A 102 10.41 2.52 -8.03
N PRO A 103 9.46 1.66 -8.42
CA PRO A 103 8.05 1.95 -8.11
C PRO A 103 7.73 2.23 -6.65
N HIS A 104 8.39 1.56 -5.70
CA HIS A 104 8.05 1.81 -4.31
C HIS A 104 8.36 3.23 -3.90
N LEU A 105 9.32 3.89 -4.56
CA LEU A 105 9.67 5.23 -4.13
C LEU A 105 8.67 6.28 -4.57
N MET A 106 7.65 5.91 -5.32
CA MET A 106 6.57 6.82 -5.64
C MET A 106 5.51 6.84 -4.56
N VAL A 107 5.57 5.92 -3.60
CA VAL A 107 4.53 5.73 -2.59
C VAL A 107 5.07 5.40 -1.21
N GLY A 108 6.31 5.78 -0.92
CA GLY A 108 6.92 5.52 0.38
C GLY A 108 7.14 6.75 1.23
N THR A 109 8.29 6.88 1.84
CA THR A 109 8.59 8.07 2.59
C THR A 109 9.40 9.08 1.76
N SER A 110 9.34 10.33 2.13
CA SER A 110 10.03 11.36 1.40
C SER A 110 11.50 11.31 1.56
N MET A 111 11.96 10.76 2.65
CA MET A 111 13.36 10.60 2.86
C MET A 111 13.83 9.49 1.99
N GLU A 112 13.06 8.45 1.87
CA GLU A 112 13.49 7.38 1.01
C GLU A 112 13.69 7.89 -0.41
N LEU A 113 12.78 8.75 -0.86
CA LEU A 113 12.86 9.20 -2.24
C LEU A 113 14.05 10.13 -2.43
N PHE A 114 14.14 11.19 -1.64
CA PHE A 114 15.22 12.15 -1.84
C PHE A 114 16.59 11.60 -1.48
N ASP A 115 16.65 10.58 -0.62
CA ASP A 115 17.94 9.95 -0.37
C ASP A 115 18.35 9.18 -1.61
N PHE A 116 17.40 8.54 -2.29
CA PHE A 116 17.74 7.78 -3.49
C PHE A 116 18.27 8.72 -4.56
N ILE A 117 17.60 9.86 -4.74
CA ILE A 117 18.02 10.84 -5.72
C ILE A 117 19.38 11.40 -5.36
N ALA A 118 19.49 11.93 -4.14
CA ALA A 118 20.72 12.56 -3.68
C ALA A 118 21.91 11.64 -3.79
N ALA A 119 21.71 10.36 -3.61
CA ALA A 119 22.81 9.48 -3.70
C ALA A 119 23.23 9.28 -5.08
N GLU A 120 22.36 9.45 -6.06
CA GLU A 120 22.72 9.28 -7.45
C GLU A 120 23.41 10.48 -7.95
N LEU A 121 23.15 11.60 -7.32
CA LEU A 121 23.75 12.86 -7.66
C LEU A 121 25.12 12.86 -7.07
N GLU A 122 25.24 12.57 -5.79
CA GLU A 122 26.57 12.55 -5.19
C GLU A 122 27.55 11.72 -6.01
N SER A 123 27.11 10.61 -6.56
CA SER A 123 28.10 9.79 -7.25
C SER A 123 28.30 10.26 -8.67
N PHE A 124 27.33 10.99 -9.22
CA PHE A 124 27.48 11.59 -10.53
C PHE A 124 28.43 12.79 -10.47
N VAL A 125 28.38 13.54 -9.40
CA VAL A 125 29.22 14.68 -9.27
C VAL A 125 30.66 14.29 -9.10
N LYS A 126 30.92 13.03 -8.84
CA LYS A 126 32.28 12.63 -8.64
C LYS A 126 32.94 12.03 -9.85
N THR A 127 32.18 12.03 -10.92
CA THR A 127 32.63 11.57 -12.20
C THR A 127 33.11 12.77 -13.00
N GLU A 128 33.09 13.93 -12.37
CA GLU A 128 33.51 15.17 -12.91
C GLU A 128 34.97 15.20 -12.62
N GLY A 129 35.77 15.38 -13.67
CA GLY A 129 35.32 15.58 -15.02
C GLY A 129 36.29 16.65 -15.41
N GLU A 130 36.95 16.49 -16.54
CA GLU A 130 37.96 17.47 -16.93
C GLU A 130 37.40 18.57 -17.76
N ASP A 131 36.31 18.30 -18.43
CA ASP A 131 35.69 19.28 -19.26
C ASP A 131 34.88 20.33 -18.54
N PHE A 132 34.62 20.16 -17.26
CA PHE A 132 33.83 21.12 -16.52
C PHE A 132 34.61 21.64 -15.40
N HIS A 133 34.68 22.94 -15.29
CA HIS A 133 35.44 23.53 -14.23
C HIS A 133 34.76 24.55 -13.41
N LEU A 134 35.09 24.55 -12.14
CA LEU A 134 34.51 25.50 -11.23
C LEU A 134 35.63 26.21 -10.53
N PRO A 135 35.54 27.58 -10.51
CA PRO A 135 36.60 28.27 -9.81
C PRO A 135 36.92 27.71 -8.44
N GLU A 136 38.11 27.99 -7.95
CA GLU A 136 38.55 27.47 -6.67
C GLU A 136 37.78 28.12 -5.53
N GLY A 137 37.46 27.32 -4.52
CA GLY A 137 36.67 27.80 -3.41
C GLY A 137 35.31 28.30 -3.82
N ARG A 138 34.51 27.45 -4.46
CA ARG A 138 33.16 27.83 -4.84
C ARG A 138 32.22 26.68 -4.62
N GLN A 139 30.94 27.02 -4.53
CA GLN A 139 29.85 26.06 -4.40
C GLN A 139 29.24 25.81 -5.77
N ARG A 140 28.79 24.59 -5.96
CA ARG A 140 28.18 24.26 -7.23
C ARG A 140 26.71 24.50 -7.06
N GLU A 141 26.10 25.05 -8.09
CA GLU A 141 24.71 25.41 -8.01
C GLU A 141 23.91 24.55 -8.98
N LEU A 142 22.66 24.31 -8.59
CA LEU A 142 21.83 23.29 -9.19
C LEU A 142 20.48 23.87 -9.59
N GLY A 143 19.97 23.39 -10.72
CA GLY A 143 18.60 23.62 -11.13
C GLY A 143 17.77 22.41 -10.82
N PHE A 144 16.64 22.62 -10.17
CA PHE A 144 15.76 21.56 -9.73
C PHE A 144 14.48 21.66 -10.54
N THR A 145 14.24 20.67 -11.39
CA THR A 145 12.95 20.49 -12.06
C THR A 145 12.12 19.50 -11.26
N PHE A 146 10.93 19.93 -10.86
CA PHE A 146 10.05 19.12 -10.03
C PHE A 146 8.75 18.98 -10.79
N SER A 147 8.47 17.81 -11.32
CA SER A 147 7.30 17.63 -12.19
C SER A 147 5.98 17.47 -11.44
N PHE A 148 5.75 18.27 -10.41
CA PHE A 148 4.53 18.20 -9.61
C PHE A 148 4.17 19.62 -9.20
N PRO A 149 2.91 19.85 -8.88
CA PRO A 149 2.49 21.24 -8.62
C PRO A 149 3.09 21.79 -7.33
N VAL A 150 3.76 22.93 -7.44
CA VAL A 150 4.41 23.57 -6.30
C VAL A 150 3.92 25.00 -6.19
N HIS A 151 3.49 25.37 -5.00
CA HIS A 151 3.23 26.78 -4.72
C HIS A 151 4.56 27.49 -4.46
N GLN A 152 4.98 28.35 -5.39
CA GLN A 152 6.32 28.93 -5.33
C GLN A 152 6.38 30.13 -4.40
N THR A 153 7.53 30.27 -3.75
CA THR A 153 7.76 31.35 -2.82
C THR A 153 8.97 32.17 -3.18
N SER A 154 9.81 31.68 -4.09
CA SER A 154 10.96 32.40 -4.60
C SER A 154 11.45 31.58 -5.79
N ILE A 155 12.42 32.12 -6.53
CA ILE A 155 12.91 31.39 -7.69
C ILE A 155 13.45 30.03 -7.30
N SER A 156 13.71 29.80 -6.02
CA SER A 156 14.39 28.61 -5.54
C SER A 156 13.72 28.00 -4.33
N SER A 157 12.49 28.37 -4.04
CA SER A 157 11.81 27.76 -2.91
C SER A 157 10.35 27.57 -3.25
N GLY A 158 9.76 26.52 -2.72
CA GLY A 158 8.37 26.33 -2.99
C GLY A 158 7.76 25.15 -2.28
N THR A 159 6.47 25.24 -2.03
CA THR A 159 5.75 24.25 -1.25
C THR A 159 5.02 23.26 -2.16
N LEU A 160 5.00 21.98 -1.78
CA LEU A 160 4.31 20.98 -2.58
C LEU A 160 2.82 21.10 -2.38
N ILE A 161 2.05 21.11 -3.46
CA ILE A 161 0.61 21.23 -3.34
C ILE A 161 -0.06 19.89 -3.20
N LYS A 162 0.29 18.96 -4.08
CA LYS A 162 -0.28 17.62 -4.11
C LYS A 162 0.62 16.83 -5.04
N TRP A 163 0.63 15.51 -4.89
CA TRP A 163 1.26 14.69 -5.90
C TRP A 163 0.31 14.39 -7.06
N THR A 164 0.86 13.88 -8.14
CA THR A 164 0.04 13.48 -9.27
C THR A 164 0.62 12.21 -9.87
N LYS A 165 0.07 11.79 -10.98
CA LYS A 165 0.54 10.62 -11.72
C LYS A 165 0.54 9.44 -10.76
N GLY A 166 1.65 8.74 -10.58
CA GLY A 166 1.65 7.59 -9.73
C GLY A 166 2.31 7.81 -8.40
N PHE A 167 2.53 9.05 -8.02
CA PHE A 167 3.18 9.37 -6.77
C PHE A 167 2.13 9.63 -5.67
N SER A 168 2.42 9.16 -4.46
CA SER A 168 1.62 9.53 -3.28
C SER A 168 2.42 9.25 -2.02
N ILE A 169 3.14 10.26 -1.54
CA ILE A 169 4.04 10.16 -0.40
C ILE A 169 3.53 11.05 0.73
N ASN A 170 3.15 10.47 1.83
CA ASN A 170 2.70 11.17 2.99
C ASN A 170 3.68 12.11 3.63
N GLY A 171 3.19 13.23 4.11
CA GLY A 171 4.03 14.19 4.79
C GLY A 171 4.85 15.12 3.97
N THR A 172 4.50 15.26 2.74
CA THR A 172 5.31 16.06 1.95
C THR A 172 4.57 17.24 1.43
N VAL A 173 3.26 17.22 1.53
CA VAL A 173 2.48 18.36 1.12
C VAL A 173 2.61 19.46 2.13
N GLY A 174 2.93 20.64 1.70
CA GLY A 174 3.06 21.76 2.57
C GLY A 174 4.47 22.06 2.90
N GLU A 175 5.33 21.12 2.61
CA GLU A 175 6.72 21.26 2.90
C GLU A 175 7.46 21.81 1.71
N ASP A 176 8.63 22.39 1.94
CA ASP A 176 9.44 22.98 0.90
C ASP A 176 10.25 21.88 0.20
N VAL A 177 10.04 21.69 -1.10
CA VAL A 177 10.70 20.57 -1.72
C VAL A 177 12.19 20.83 -1.93
N VAL A 178 12.61 22.09 -1.91
CA VAL A 178 14.05 22.33 -2.06
C VAL A 178 14.74 22.03 -0.74
N ALA A 179 14.09 22.36 0.37
CA ALA A 179 14.60 22.02 1.68
C ALA A 179 14.66 20.52 1.85
N GLU A 180 13.65 19.82 1.35
CA GLU A 180 13.65 18.36 1.43
C GLU A 180 14.78 17.79 0.60
N LEU A 181 15.08 18.39 -0.55
CA LEU A 181 16.18 17.90 -1.37
C LEU A 181 17.52 18.28 -0.77
N SER A 182 17.60 19.43 -0.09
CA SER A 182 18.89 19.86 0.44
C SER A 182 19.32 19.02 1.62
N ARG A 183 18.38 18.62 2.49
CA ARG A 183 18.81 17.75 3.58
C ARG A 183 19.29 16.42 3.05
N ALA A 184 18.68 15.91 1.97
CA ALA A 184 19.17 14.69 1.36
C ALA A 184 20.57 14.88 0.85
N MET A 185 20.86 16.06 0.30
CA MET A 185 22.20 16.24 -0.23
C MET A 185 23.21 16.39 0.88
N GLU A 186 22.85 16.99 2.01
CA GLU A 186 23.81 17.04 3.09
C GLU A 186 23.95 15.69 3.76
N ARG A 187 22.96 14.85 3.71
CA ARG A 187 23.15 13.55 4.24
C ARG A 187 24.08 12.81 3.35
N GLN A 188 24.51 13.38 2.25
CA GLN A 188 25.36 12.68 1.28
C GLN A 188 26.88 12.85 1.18
N GLY A 189 27.48 13.97 1.52
CA GLY A 189 26.86 15.19 1.92
C GLY A 189 27.62 15.81 0.80
N LEU A 190 26.99 16.62 -0.03
CA LEU A 190 27.69 17.23 -1.11
C LEU A 190 27.43 18.67 -0.95
N ASP A 191 28.40 19.50 -1.25
CA ASP A 191 28.23 20.92 -1.11
C ASP A 191 27.56 21.48 -2.35
N MET A 192 26.26 21.53 -2.36
CA MET A 192 25.56 22.03 -3.52
C MET A 192 24.39 22.88 -3.10
N LYS A 193 24.14 23.95 -3.84
CA LYS A 193 23.04 24.86 -3.56
C LYS A 193 22.05 24.93 -4.72
N VAL A 194 20.78 24.76 -4.42
CA VAL A 194 19.78 24.84 -5.41
C VAL A 194 19.47 26.29 -5.59
N THR A 195 19.65 26.80 -6.80
CA THR A 195 19.37 28.18 -7.11
C THR A 195 18.17 28.36 -7.99
N ALA A 196 17.54 27.31 -8.45
CA ALA A 196 16.31 27.47 -9.20
C ALA A 196 15.48 26.22 -9.03
N LEU A 197 14.20 26.42 -8.72
CA LEU A 197 13.22 25.35 -8.61
C LEU A 197 12.15 25.60 -9.65
N VAL A 198 11.94 24.64 -10.55
CA VAL A 198 11.02 24.87 -11.66
C VAL A 198 10.26 23.59 -11.93
N ASN A 199 9.06 23.76 -12.46
CA ASN A 199 8.25 22.64 -12.92
C ASN A 199 8.75 22.25 -14.28
N ASP A 200 8.48 21.02 -14.68
CA ASP A 200 9.07 20.58 -15.94
C ASP A 200 8.51 21.34 -17.13
N THR A 201 7.28 21.86 -17.05
CA THR A 201 6.79 22.70 -18.14
C THR A 201 7.56 24.00 -18.19
N VAL A 202 7.80 24.61 -17.03
CA VAL A 202 8.55 25.86 -16.98
C VAL A 202 9.98 25.65 -17.44
N GLY A 203 10.60 24.54 -17.06
CA GLY A 203 11.94 24.24 -17.51
C GLY A 203 12.04 23.98 -19.00
N THR A 204 11.08 23.25 -19.55
CA THR A 204 11.07 23.00 -20.99
C THR A 204 10.98 24.29 -21.76
N LEU A 205 10.15 25.23 -21.30
CA LEU A 205 10.02 26.53 -21.95
C LEU A 205 11.28 27.37 -21.84
N ALA A 206 12.04 27.21 -20.76
CA ALA A 206 13.36 27.85 -20.70
C ALA A 206 14.33 27.22 -21.68
N GLY A 207 14.47 25.89 -21.60
CA GLY A 207 15.38 25.21 -22.49
C GLY A 207 15.03 25.44 -23.93
N GLY A 208 13.77 25.66 -24.20
CA GLY A 208 13.32 25.88 -25.55
C GLY A 208 13.67 27.25 -26.06
N ARG A 209 13.47 28.29 -25.24
CA ARG A 209 13.82 29.62 -25.70
C ARG A 209 15.33 29.84 -25.74
N TYR A 210 16.11 29.05 -25.02
CA TYR A 210 17.56 29.13 -25.18
C TYR A 210 18.00 28.89 -26.63
N VAL A 211 17.22 28.13 -27.40
CA VAL A 211 17.59 27.84 -28.77
C VAL A 211 16.69 28.55 -29.77
N ASP A 212 15.51 28.97 -29.40
CA ASP A 212 14.69 29.64 -30.36
C ASP A 212 14.01 30.72 -29.65
N ASN A 213 14.31 31.94 -29.98
CA ASN A 213 13.73 33.07 -29.32
C ASN A 213 12.29 33.33 -29.51
N ASP A 214 11.60 32.45 -30.18
CA ASP A 214 10.21 32.67 -30.46
C ASP A 214 9.27 31.83 -29.64
N VAL A 215 9.81 31.02 -28.78
CA VAL A 215 9.08 30.14 -27.87
C VAL A 215 8.26 30.97 -26.90
N ALA A 216 6.95 30.79 -26.92
CA ALA A 216 6.06 31.47 -26.00
C ALA A 216 5.38 30.55 -25.00
N ALA A 217 5.46 29.23 -25.18
CA ALA A 217 4.80 28.31 -24.27
C ALA A 217 5.40 26.92 -24.46
N ALA A 218 5.25 26.08 -23.46
CA ALA A 218 5.71 24.71 -23.52
C ALA A 218 4.63 23.78 -23.00
N VAL A 219 4.43 22.68 -23.68
CA VAL A 219 3.42 21.71 -23.34
C VAL A 219 4.14 20.40 -23.13
N ILE A 220 3.84 19.71 -22.05
CA ILE A 220 4.32 18.36 -21.80
C ILE A 220 3.19 17.41 -22.11
N LEU A 221 3.46 16.41 -22.92
CA LEU A 221 2.53 15.31 -23.18
C LEU A 221 3.26 14.00 -22.95
N GLY A 222 3.40 13.60 -21.72
CA GLY A 222 4.17 12.42 -21.42
C GLY A 222 3.39 11.53 -20.47
N THR A 223 4.09 11.01 -19.48
CA THR A 223 3.38 10.23 -18.49
C THR A 223 2.32 11.09 -17.81
N GLY A 224 2.52 12.41 -17.72
CA GLY A 224 1.49 13.35 -17.35
C GLY A 224 1.26 14.39 -18.45
N THR A 225 0.39 15.35 -18.20
CA THR A 225 0.28 16.46 -19.15
C THR A 225 0.07 17.80 -18.44
N ASN A 226 0.74 18.83 -18.94
CA ASN A 226 0.63 20.15 -18.35
C ASN A 226 1.23 21.14 -19.33
N ALA A 227 1.11 22.43 -19.02
CA ALA A 227 1.55 23.45 -19.97
C ALA A 227 1.95 24.70 -19.20
N ALA A 228 2.92 25.45 -19.73
CA ALA A 228 3.31 26.74 -19.19
C ALA A 228 3.47 27.74 -20.32
N TYR A 229 3.30 29.01 -20.01
CA TYR A 229 3.34 30.06 -21.01
C TYR A 229 3.83 31.36 -20.39
N VAL A 230 4.14 32.32 -21.24
CA VAL A 230 4.61 33.63 -20.82
C VAL A 230 3.42 34.58 -20.80
N GLU A 231 3.09 35.05 -19.61
CA GLU A 231 1.99 35.96 -19.38
C GLU A 231 2.57 37.33 -19.03
N HIS A 232 1.77 38.36 -19.25
CA HIS A 232 2.17 39.71 -18.88
C HIS A 232 1.89 39.91 -17.41
N ALA A 233 2.89 40.37 -16.67
CA ALA A 233 2.70 40.49 -15.22
C ALA A 233 1.48 41.34 -14.88
N ASN A 234 1.21 42.39 -15.67
CA ASN A 234 0.05 43.22 -15.39
C ASN A 234 -1.27 42.53 -15.73
N ALA A 235 -1.25 41.28 -16.19
CA ALA A 235 -2.47 40.54 -16.41
C ALA A 235 -2.75 39.52 -15.31
N ILE A 236 -2.02 39.57 -14.20
CA ILE A 236 -2.16 38.64 -13.08
C ILE A 236 -2.71 39.36 -11.85
N PRO A 237 -4.03 39.48 -11.68
CA PRO A 237 -4.57 40.20 -10.53
C PRO A 237 -4.03 39.71 -9.20
N LYS A 238 -3.78 38.42 -9.04
CA LYS A 238 -3.29 37.89 -7.78
C LYS A 238 -1.87 38.30 -7.47
N TRP A 239 -1.29 39.12 -8.30
CA TRP A 239 0.09 39.50 -8.12
C TRP A 239 0.21 40.58 -7.05
N THR A 240 1.18 40.44 -6.15
CA THR A 240 1.44 41.45 -5.12
C THR A 240 2.92 41.82 -5.19
N GLY A 241 3.19 43.10 -5.24
CA GLY A 241 4.54 43.58 -5.29
C GLY A 241 4.87 44.35 -6.52
N LEU A 242 6.15 44.61 -6.69
CA LEU A 242 6.60 45.31 -7.83
C LEU A 242 6.55 44.35 -8.92
N LEU A 243 6.23 44.82 -10.11
CA LEU A 243 6.20 43.98 -11.26
C LEU A 243 7.60 43.87 -11.70
N PRO A 244 7.92 42.96 -12.59
CA PRO A 244 9.30 42.82 -13.06
C PRO A 244 9.61 43.75 -14.23
N ARG A 245 10.87 44.22 -14.25
CA ARG A 245 11.39 44.99 -15.38
C ARG A 245 10.89 44.47 -16.71
N SER A 246 10.96 43.14 -16.88
CA SER A 246 10.61 42.55 -18.14
C SER A 246 9.13 42.64 -18.41
N GLY A 247 8.32 42.84 -17.37
CA GLY A 247 6.90 42.81 -17.58
C GLY A 247 6.32 41.44 -17.83
N ASN A 248 7.11 40.38 -17.77
CA ASN A 248 6.56 39.06 -18.00
C ASN A 248 6.79 38.14 -16.82
N MET A 249 6.04 37.04 -16.87
CA MET A 249 5.99 36.05 -15.81
C MET A 249 5.55 34.75 -16.44
N VAL A 250 6.31 33.69 -16.21
CA VAL A 250 5.97 32.38 -16.73
C VAL A 250 5.04 31.68 -15.76
N ILE A 251 3.89 31.23 -16.27
CA ILE A 251 2.84 30.63 -15.47
C ILE A 251 2.79 29.13 -15.75
N ASN A 252 2.84 28.35 -14.69
CA ASN A 252 2.61 26.91 -14.74
C ASN A 252 1.12 26.67 -14.58
N MET A 253 0.45 26.33 -15.68
CA MET A 253 -1.01 26.22 -15.67
C MET A 253 -1.48 25.09 -14.78
N GLU A 254 -0.74 24.00 -14.73
CA GLU A 254 -1.21 22.80 -14.07
C GLU A 254 -2.55 22.41 -14.68
N TRP A 255 -2.56 22.28 -16.01
CA TRP A 255 -3.83 22.14 -16.70
C TRP A 255 -4.41 20.74 -16.63
N GLY A 256 -3.63 19.75 -16.20
CA GLY A 256 -4.21 18.44 -16.01
C GLY A 256 -5.39 18.44 -15.07
N ASN A 257 -5.48 19.43 -14.19
CA ASN A 257 -6.59 19.54 -13.27
C ASN A 257 -7.80 20.21 -13.89
N PHE A 258 -7.68 20.69 -15.12
CA PHE A 258 -8.81 21.20 -15.90
C PHE A 258 -9.99 20.26 -15.78
N LYS A 259 -11.14 20.78 -15.42
CA LYS A 259 -12.34 19.99 -15.48
C LYS A 259 -13.40 20.91 -16.02
N SER A 260 -14.36 20.34 -16.68
CA SER A 260 -15.36 21.09 -17.34
C SER A 260 -16.42 20.19 -17.79
N GLU A 261 -17.64 20.65 -17.76
CA GLU A 261 -18.73 19.83 -18.16
C GLU A 261 -18.73 19.66 -19.63
N ARG A 262 -17.89 20.38 -20.34
CA ARG A 262 -17.82 20.17 -21.78
C ARG A 262 -16.92 19.01 -22.15
N LEU A 263 -16.13 18.49 -21.20
CA LEU A 263 -15.19 17.43 -21.50
C LEU A 263 -15.95 16.15 -21.79
N PRO A 264 -15.69 15.49 -22.91
CA PRO A 264 -16.43 14.27 -23.26
C PRO A 264 -15.97 13.02 -22.51
N ARG A 265 -16.56 12.73 -21.35
CA ARG A 265 -16.14 11.61 -20.54
C ARG A 265 -17.18 10.49 -20.53
N SER A 266 -16.77 9.33 -20.08
CA SER A 266 -17.57 8.13 -20.22
C SER A 266 -17.52 7.37 -18.90
N ASP A 267 -18.20 6.24 -18.85
CA ASP A 267 -18.10 5.47 -17.63
C ASP A 267 -16.72 4.89 -17.45
N TYR A 268 -16.02 4.63 -18.55
CA TYR A 268 -14.66 4.13 -18.42
C TYR A 268 -13.78 5.14 -17.74
N ASP A 269 -14.08 6.43 -17.91
CA ASP A 269 -13.31 7.48 -17.27
C ASP A 269 -13.64 7.61 -15.78
N ASN A 270 -14.89 7.41 -15.42
CA ASN A 270 -15.26 7.47 -14.01
C ASN A 270 -14.68 6.29 -13.26
N ALA A 271 -14.72 5.10 -13.87
CA ALA A 271 -14.14 3.91 -13.25
C ALA A 271 -12.63 4.05 -13.05
N LEU A 272 -11.92 4.52 -14.09
CA LEU A 272 -10.49 4.76 -13.93
C LEU A 272 -10.22 5.69 -12.75
N ASP A 273 -11.00 6.79 -12.66
CA ASP A 273 -10.76 7.76 -11.60
C ASP A 273 -11.14 7.20 -10.24
N PHE A 274 -12.22 6.43 -10.17
CA PHE A 274 -12.64 5.90 -8.90
C PHE A 274 -11.56 5.01 -8.31
N GLU A 275 -10.74 4.38 -9.14
CA GLU A 275 -9.68 3.50 -8.69
C GLU A 275 -8.31 4.11 -8.87
N SER A 276 -8.23 5.40 -9.14
CA SER A 276 -6.93 5.99 -9.29
C SER A 276 -6.34 6.31 -7.95
N LEU A 277 -5.06 6.60 -7.96
CA LEU A 277 -4.34 6.94 -6.75
C LEU A 277 -4.69 8.33 -6.25
N ASN A 278 -5.35 9.16 -7.06
CA ASN A 278 -5.71 10.52 -6.70
C ASN A 278 -7.12 10.83 -7.19
N PRO A 279 -8.13 10.17 -6.62
CA PRO A 279 -9.49 10.27 -7.16
C PRO A 279 -10.05 11.68 -7.15
N GLY A 280 -10.61 12.09 -8.29
CA GLY A 280 -11.19 13.39 -8.44
C GLY A 280 -10.23 14.45 -8.88
N GLU A 281 -8.96 14.16 -8.87
CA GLU A 281 -7.95 15.13 -9.24
C GLU A 281 -7.46 14.83 -10.64
N GLN A 282 -7.06 15.87 -11.34
CA GLN A 282 -6.42 15.73 -12.65
C GLN A 282 -7.35 15.07 -13.67
N ILE A 283 -8.61 15.48 -13.66
CA ILE A 283 -9.63 14.90 -14.53
C ILE A 283 -9.21 14.98 -16.00
N TYR A 284 -8.87 16.17 -16.46
CA TYR A 284 -8.43 16.38 -17.84
C TYR A 284 -7.27 15.48 -18.21
N GLU A 285 -6.24 15.49 -17.37
CA GLU A 285 -5.04 14.72 -17.63
C GLU A 285 -5.34 13.25 -17.80
N LYS A 286 -6.32 12.73 -17.07
CA LYS A 286 -6.61 11.32 -17.25
C LYS A 286 -7.34 11.01 -18.56
N MET A 287 -7.68 11.99 -19.36
CA MET A 287 -8.23 11.72 -20.68
C MET A 287 -7.19 11.82 -21.77
N ILE A 288 -5.95 12.15 -21.43
CA ILE A 288 -4.96 12.58 -22.41
C ILE A 288 -3.62 11.88 -22.25
N SER A 289 -3.12 11.85 -21.03
CA SER A 289 -1.73 11.57 -20.66
C SER A 289 -1.38 10.09 -20.73
N GLY A 290 -0.09 9.81 -20.89
CA GLY A 290 0.43 8.47 -21.06
C GLY A 290 0.22 7.52 -19.90
N MET A 291 -0.02 8.03 -18.71
CA MET A 291 -0.28 7.09 -17.63
C MET A 291 -1.63 6.45 -17.77
N TYR A 292 -2.50 7.01 -18.57
CA TYR A 292 -3.91 6.67 -18.49
C TYR A 292 -4.47 6.07 -19.77
N LEU A 293 -3.94 6.40 -20.94
CA LEU A 293 -4.55 5.95 -22.18
C LEU A 293 -4.62 4.44 -22.27
N GLY A 294 -3.51 3.75 -22.00
CA GLY A 294 -3.53 2.30 -22.08
C GLY A 294 -4.58 1.67 -21.20
N GLU A 295 -4.84 2.28 -20.05
CA GLU A 295 -5.78 1.70 -19.09
C GLU A 295 -7.20 1.97 -19.50
N ILE A 296 -7.44 3.07 -20.22
CA ILE A 296 -8.74 3.28 -20.84
C ILE A 296 -8.98 2.22 -21.87
N VAL A 297 -7.96 1.91 -22.68
CA VAL A 297 -8.15 0.88 -23.69
C VAL A 297 -8.44 -0.47 -23.04
N ARG A 298 -7.66 -0.85 -22.03
CA ARG A 298 -7.95 -2.10 -21.34
C ARG A 298 -9.39 -2.15 -20.85
N ARG A 299 -9.90 -1.04 -20.32
CA ARG A 299 -11.23 -1.07 -19.74
C ARG A 299 -12.30 -1.14 -20.80
N ILE A 300 -12.07 -0.57 -21.99
CA ILE A 300 -13.00 -0.77 -23.10
C ILE A 300 -12.91 -2.20 -23.63
N LEU A 301 -11.69 -2.69 -23.83
CA LEU A 301 -11.52 -4.07 -24.27
C LEU A 301 -12.13 -5.06 -23.29
N LEU A 302 -12.14 -4.76 -22.01
CA LEU A 302 -12.72 -5.70 -21.06
C LEU A 302 -14.24 -5.76 -21.16
N LYS A 303 -14.91 -4.65 -21.41
CA LYS A 303 -16.35 -4.70 -21.59
C LYS A 303 -16.71 -5.52 -22.81
N LEU A 304 -15.94 -5.40 -23.89
CA LEU A 304 -16.18 -6.20 -25.08
C LEU A 304 -15.92 -7.68 -24.81
N ALA A 305 -14.86 -8.00 -24.05
CA ALA A 305 -14.60 -9.38 -23.73
C ALA A 305 -15.76 -10.01 -22.99
N HIS A 306 -16.45 -9.23 -22.18
CA HIS A 306 -17.47 -9.78 -21.32
C HIS A 306 -18.81 -9.78 -22.02
N ASP A 307 -19.17 -8.66 -22.63
CA ASP A 307 -20.45 -8.53 -23.29
C ASP A 307 -20.49 -9.06 -24.71
N ALA A 308 -19.34 -9.31 -25.33
CA ALA A 308 -19.38 -9.84 -26.68
C ALA A 308 -18.46 -11.04 -26.87
N SER A 309 -18.03 -11.65 -25.78
CA SER A 309 -17.08 -12.75 -25.86
C SER A 309 -15.98 -12.50 -26.87
N LEU A 310 -15.50 -11.28 -26.94
CA LEU A 310 -14.63 -10.85 -28.03
C LEU A 310 -13.30 -11.60 -28.07
N PHE A 311 -12.85 -12.09 -26.95
CA PHE A 311 -11.58 -12.77 -26.87
C PHE A 311 -11.73 -14.20 -26.44
N GLY A 312 -12.89 -14.78 -26.63
CA GLY A 312 -13.10 -16.15 -26.22
C GLY A 312 -14.43 -16.24 -25.55
N ASP A 313 -14.78 -17.37 -24.99
CA ASP A 313 -16.07 -17.49 -24.33
C ASP A 313 -15.92 -17.33 -22.85
N VAL A 314 -14.67 -17.19 -22.40
CA VAL A 314 -14.34 -16.89 -21.02
C VAL A 314 -13.48 -15.68 -21.18
N VAL A 315 -13.53 -14.76 -20.23
CA VAL A 315 -12.71 -13.55 -20.27
C VAL A 315 -11.29 -13.87 -19.84
N PRO A 316 -10.27 -13.50 -20.62
CA PRO A 316 -8.89 -13.76 -20.20
C PRO A 316 -8.59 -13.09 -18.89
N THR A 317 -7.94 -13.83 -18.00
CA THR A 317 -7.72 -13.35 -16.66
C THR A 317 -6.87 -12.09 -16.65
N LYS A 318 -5.80 -12.09 -17.44
CA LYS A 318 -4.92 -10.93 -17.46
C LYS A 318 -5.65 -9.67 -17.91
N LEU A 319 -6.72 -9.80 -18.68
CA LEU A 319 -7.41 -8.60 -19.12
C LEU A 319 -8.16 -7.93 -17.98
N GLU A 320 -8.42 -8.64 -16.90
CA GLU A 320 -9.10 -8.02 -15.78
C GLU A 320 -8.13 -7.33 -14.82
N GLN A 321 -6.84 -7.35 -15.08
CA GLN A 321 -5.84 -6.82 -14.17
C GLN A 321 -5.46 -5.39 -14.55
N ARG A 322 -5.60 -4.47 -13.61
CA ARG A 322 -5.43 -3.07 -13.95
C ARG A 322 -3.99 -2.76 -14.35
N PHE A 323 -3.86 -1.85 -15.29
CA PHE A 323 -2.58 -1.37 -15.82
C PHE A 323 -1.78 -2.42 -16.57
N ILE A 324 -2.39 -3.56 -16.90
CA ILE A 324 -1.68 -4.60 -17.62
C ILE A 324 -1.33 -4.14 -19.03
N LEU A 325 -2.11 -3.22 -19.57
CA LEU A 325 -1.91 -2.65 -20.88
C LEU A 325 -1.45 -1.24 -20.64
N ARG A 326 -0.21 -0.97 -21.00
CA ARG A 326 0.46 0.27 -20.85
C ARG A 326 0.26 1.04 -22.09
N THR A 327 0.75 2.26 -22.16
CA THR A 327 0.50 3.08 -23.34
C THR A 327 1.47 2.85 -24.48
N PRO A 328 2.68 2.49 -24.21
CA PRO A 328 3.55 2.04 -25.30
C PRO A 328 3.04 0.79 -26.02
N ASP A 329 2.53 -0.19 -25.27
CA ASP A 329 1.88 -1.34 -25.88
C ASP A 329 0.70 -0.93 -26.72
N MET A 330 -0.09 0.02 -26.23
CA MET A 330 -1.15 0.54 -27.06
C MET A 330 -0.56 1.11 -28.34
N SER A 331 0.49 1.90 -28.22
CA SER A 331 1.05 2.57 -29.39
C SER A 331 1.58 1.57 -30.42
N ALA A 332 2.18 0.47 -29.95
CA ALA A 332 2.68 -0.59 -30.83
C ALA A 332 1.56 -1.26 -31.61
N MET A 333 0.45 -1.56 -30.97
CA MET A 333 -0.67 -2.16 -31.68
C MET A 333 -1.27 -1.19 -32.68
N HIS A 334 -1.38 0.08 -32.30
CA HIS A 334 -2.07 1.09 -33.10
C HIS A 334 -1.35 1.37 -34.39
N HIS A 335 -0.06 1.10 -34.47
CA HIS A 335 0.70 1.44 -35.66
C HIS A 335 0.98 0.23 -36.55
N ASP A 336 0.21 -0.83 -36.42
CA ASP A 336 0.47 -2.02 -37.19
C ASP A 336 -0.30 -1.93 -38.50
N THR A 337 0.38 -2.12 -39.62
CA THR A 337 -0.25 -2.01 -40.92
C THR A 337 -0.09 -3.25 -41.76
N SER A 338 -0.01 -4.39 -41.11
CA SER A 338 0.13 -5.65 -41.77
C SER A 338 -1.26 -6.09 -42.05
N HIS A 339 -1.47 -6.67 -43.22
CA HIS A 339 -2.78 -7.06 -43.67
C HIS A 339 -3.60 -7.82 -42.70
N ASP A 340 -2.98 -8.62 -41.87
CA ASP A 340 -3.71 -9.39 -40.91
C ASP A 340 -3.42 -8.98 -39.48
N LEU A 341 -2.95 -7.77 -39.25
CA LEU A 341 -2.69 -7.28 -37.92
C LEU A 341 -1.90 -8.22 -37.06
N LYS A 342 -0.85 -8.71 -37.67
CA LYS A 342 0.08 -9.64 -37.12
C LYS A 342 0.83 -9.25 -35.86
N HIS A 343 1.23 -8.00 -35.74
CA HIS A 343 1.94 -7.51 -34.58
C HIS A 343 0.98 -7.13 -33.50
N LEU A 344 -0.05 -6.39 -33.84
CA LEU A 344 -1.09 -6.13 -32.86
C LEU A 344 -1.59 -7.43 -32.30
N GLY A 345 -1.59 -8.48 -33.12
CA GLY A 345 -1.99 -9.79 -32.62
C GLY A 345 -0.98 -10.35 -31.65
N ALA A 346 0.31 -10.21 -31.95
CA ALA A 346 1.34 -10.73 -31.05
C ALA A 346 1.33 -10.01 -29.73
N LYS A 347 1.03 -8.69 -29.71
CA LYS A 347 0.99 -7.97 -28.45
C LYS A 347 -0.21 -8.42 -27.62
N LEU A 348 -1.36 -8.58 -28.25
CA LEU A 348 -2.52 -9.05 -27.53
C LEU A 348 -2.27 -10.42 -26.92
N LYS A 349 -1.48 -11.28 -27.57
CA LYS A 349 -1.19 -12.58 -27.00
C LYS A 349 -0.40 -12.44 -25.73
N ASP A 350 0.62 -11.58 -25.74
CA ASP A 350 1.42 -11.37 -24.54
C ASP A 350 0.61 -10.72 -23.44
N ILE A 351 -0.15 -9.68 -23.80
CA ILE A 351 -0.82 -8.88 -22.79
C ILE A 351 -2.01 -9.61 -22.21
N LEU A 352 -2.75 -10.33 -23.02
CA LEU A 352 -3.92 -10.98 -22.46
C LEU A 352 -3.68 -12.43 -22.11
N GLY A 353 -2.53 -12.98 -22.48
CA GLY A 353 -2.25 -14.37 -22.22
C GLY A 353 -3.21 -15.32 -22.90
N VAL A 354 -3.68 -14.96 -24.08
CA VAL A 354 -4.45 -15.87 -24.92
C VAL A 354 -3.51 -16.55 -25.89
N ALA A 355 -4.00 -17.58 -26.59
CA ALA A 355 -3.14 -18.31 -27.51
C ALA A 355 -3.18 -17.72 -28.90
N ASP A 356 -4.34 -17.22 -29.30
CA ASP A 356 -4.54 -16.59 -30.60
C ASP A 356 -5.74 -15.67 -30.44
N THR A 357 -5.94 -14.85 -31.44
CA THR A 357 -7.03 -13.91 -31.46
C THR A 357 -7.66 -13.98 -32.84
N SER A 358 -8.96 -13.73 -32.88
CA SER A 358 -9.69 -13.53 -34.12
C SER A 358 -9.03 -12.45 -34.95
N LEU A 359 -9.47 -12.27 -36.19
CA LEU A 359 -9.02 -11.11 -36.95
C LEU A 359 -10.03 -9.98 -36.95
N GLU A 360 -11.30 -10.29 -36.81
CA GLU A 360 -12.25 -9.27 -36.39
C GLU A 360 -11.85 -8.65 -35.06
N ALA A 361 -11.44 -9.47 -34.09
CA ALA A 361 -11.10 -8.89 -32.78
C ALA A 361 -9.97 -7.88 -32.91
N ARG A 362 -8.97 -8.16 -33.75
CA ARG A 362 -7.85 -7.23 -33.89
C ARG A 362 -8.28 -5.93 -34.56
N TYR A 363 -9.21 -5.98 -35.50
CA TYR A 363 -9.66 -4.72 -36.07
C TYR A 363 -10.45 -3.91 -35.04
N ILE A 364 -11.23 -4.57 -34.17
CA ILE A 364 -11.94 -3.83 -33.11
C ILE A 364 -10.96 -3.25 -32.10
N THR A 365 -9.98 -4.04 -31.69
CA THR A 365 -8.89 -3.56 -30.85
C THR A 365 -8.22 -2.34 -31.47
N LEU A 366 -7.92 -2.40 -32.77
CA LEU A 366 -7.27 -1.28 -33.41
C LEU A 366 -8.21 -0.09 -33.48
N HIS A 367 -9.49 -0.35 -33.63
CA HIS A 367 -10.45 0.75 -33.61
C HIS A 367 -10.59 1.31 -32.23
N VAL A 368 -10.46 0.48 -31.18
CA VAL A 368 -10.56 0.99 -29.82
C VAL A 368 -9.39 1.91 -29.53
N CYS A 369 -8.18 1.53 -29.92
CA CYS A 369 -7.05 2.43 -29.75
C CYS A 369 -7.28 3.74 -30.47
N ASP A 370 -7.83 3.68 -31.67
CA ASP A 370 -7.96 4.92 -32.42
C ASP A 370 -8.93 5.86 -31.72
N LEU A 371 -10.04 5.33 -31.22
CA LEU A 371 -10.98 6.16 -30.48
C LEU A 371 -10.33 6.81 -29.27
N VAL A 372 -9.51 6.07 -28.52
CA VAL A 372 -8.92 6.59 -27.30
C VAL A 372 -7.81 7.57 -27.61
N ALA A 373 -6.86 7.20 -28.44
CA ALA A 373 -5.77 8.10 -28.75
C ALA A 373 -6.27 9.40 -29.37
N GLU A 374 -7.33 9.36 -30.17
CA GLU A 374 -7.76 10.56 -30.85
C GLU A 374 -8.57 11.50 -29.95
N ARG A 375 -9.33 10.99 -29.00
CA ARG A 375 -9.97 11.93 -28.07
C ARG A 375 -8.94 12.63 -27.21
N GLY A 376 -7.87 11.94 -26.85
CA GLY A 376 -6.82 12.56 -26.06
C GLY A 376 -6.07 13.61 -26.85
N ALA A 377 -5.73 13.32 -28.09
CA ALA A 377 -4.96 14.27 -28.87
C ALA A 377 -5.81 15.46 -29.29
N ARG A 378 -7.09 15.24 -29.58
CA ARG A 378 -7.91 16.37 -29.97
C ARG A 378 -8.13 17.32 -28.80
N LEU A 379 -8.28 16.77 -27.61
CA LEU A 379 -8.44 17.60 -26.42
C LEU A 379 -7.17 18.33 -26.08
N ALA A 380 -6.02 17.67 -26.21
CA ALA A 380 -4.77 18.38 -25.99
C ALA A 380 -4.62 19.54 -26.96
N ALA A 381 -5.04 19.34 -28.22
CA ALA A 381 -5.03 20.42 -29.19
C ALA A 381 -5.94 21.58 -28.77
N ALA A 382 -7.12 21.27 -28.21
CA ALA A 382 -7.99 22.33 -27.72
C ALA A 382 -7.30 23.13 -26.63
N GLY A 383 -6.52 22.48 -25.80
CA GLY A 383 -5.79 23.19 -24.79
C GLY A 383 -4.75 24.10 -25.40
N ILE A 384 -3.94 23.59 -26.32
CA ILE A 384 -2.93 24.44 -26.93
C ILE A 384 -3.60 25.66 -27.56
N TYR A 385 -4.73 25.44 -28.22
CA TYR A 385 -5.49 26.54 -28.82
C TYR A 385 -5.90 27.56 -27.76
N GLY A 386 -6.38 27.09 -26.61
CA GLY A 386 -6.70 28.00 -25.54
C GLY A 386 -5.51 28.84 -25.12
N ILE A 387 -4.33 28.25 -25.03
CA ILE A 387 -3.15 29.04 -24.70
C ILE A 387 -2.93 30.11 -25.76
N LEU A 388 -3.04 29.74 -27.03
CA LEU A 388 -2.91 30.73 -28.11
C LEU A 388 -3.97 31.82 -28.01
N LYS A 389 -5.23 31.45 -27.70
CA LYS A 389 -6.27 32.46 -27.47
C LYS A 389 -5.83 33.44 -26.41
N LYS A 390 -5.24 32.94 -25.32
CA LYS A 390 -4.90 33.79 -24.21
C LYS A 390 -3.75 34.70 -24.53
N LEU A 391 -2.93 34.35 -25.49
CA LEU A 391 -1.86 35.21 -25.94
C LEU A 391 -2.27 36.10 -27.08
N GLY A 392 -3.55 36.09 -27.43
CA GLY A 392 -4.01 36.78 -28.61
C GLY A 392 -3.35 36.29 -29.88
N ARG A 393 -2.84 35.06 -29.88
CA ARG A 393 -2.15 34.49 -31.03
C ARG A 393 -2.98 33.46 -31.77
N ASP A 394 -4.28 33.48 -31.58
CA ASP A 394 -5.12 32.69 -32.44
C ASP A 394 -5.59 33.49 -33.64
N ARG A 395 -5.22 34.74 -33.66
CA ARG A 395 -5.59 35.66 -34.68
C ARG A 395 -4.40 36.12 -35.43
N VAL A 396 -4.65 36.56 -36.63
CA VAL A 396 -3.60 37.03 -37.49
C VAL A 396 -3.89 38.48 -37.72
N PRO A 397 -2.81 39.33 -37.72
CA PRO A 397 -3.16 40.76 -37.92
C PRO A 397 -3.68 40.83 -39.33
N SER A 398 -4.73 41.56 -39.64
CA SER A 398 -5.49 42.53 -38.84
C SER A 398 -5.75 43.48 -40.00
N ASP A 399 -4.65 43.81 -40.64
CA ASP A 399 -4.71 44.54 -41.86
C ASP A 399 -4.13 43.44 -42.72
N GLY A 400 -2.87 43.17 -42.49
CA GLY A 400 -2.17 42.13 -43.19
C GLY A 400 -1.09 42.62 -44.10
N SER A 401 0.09 43.03 -43.62
CA SER A 401 0.57 43.07 -42.24
C SER A 401 1.42 41.91 -41.87
N GLN A 402 2.39 42.18 -41.01
CA GLN A 402 3.30 41.16 -40.59
C GLN A 402 2.68 40.18 -39.63
N LYS A 403 2.85 38.89 -39.92
CA LYS A 403 2.33 37.86 -39.05
C LYS A 403 3.39 37.56 -38.01
N GLN A 404 2.97 37.15 -36.84
CA GLN A 404 3.89 36.80 -35.79
C GLN A 404 4.49 35.42 -36.04
N ARG A 405 5.53 35.08 -35.30
CA ARG A 405 6.00 33.70 -35.29
C ARG A 405 5.98 33.24 -33.85
N THR A 406 5.17 32.23 -33.56
CA THR A 406 4.95 31.79 -32.20
C THR A 406 5.22 30.29 -32.12
N VAL A 407 6.26 29.93 -31.39
CA VAL A 407 6.73 28.55 -31.25
C VAL A 407 6.22 27.96 -29.93
N ILE A 408 5.75 26.73 -29.98
CA ILE A 408 5.35 25.95 -28.81
C ILE A 408 6.37 24.84 -28.63
N ALA A 409 7.00 24.75 -27.46
CA ALA A 409 7.91 23.64 -27.14
C ALA A 409 7.14 22.45 -26.58
N LEU A 410 7.40 21.27 -27.10
CA LEU A 410 6.76 20.05 -26.61
C LEU A 410 7.76 19.00 -26.18
N ASP A 411 7.41 18.26 -25.14
CA ASP A 411 8.22 17.11 -24.77
C ASP A 411 7.31 16.06 -24.16
N GLY A 412 7.84 14.87 -23.98
CA GLY A 412 7.03 13.78 -23.50
C GLY A 412 6.92 12.65 -24.50
N GLY A 413 6.90 11.40 -24.01
CA GLY A 413 6.83 10.25 -24.90
C GLY A 413 5.59 10.21 -25.77
N LEU A 414 4.47 10.71 -25.29
CA LEU A 414 3.29 10.77 -26.15
C LEU A 414 3.56 11.61 -27.40
N TYR A 415 4.11 12.80 -27.23
CA TYR A 415 4.31 13.60 -28.42
C TYR A 415 5.51 13.08 -29.22
N GLU A 416 6.48 12.50 -28.56
CA GLU A 416 7.72 12.20 -29.26
C GLU A 416 7.68 10.82 -29.91
N HIS A 417 6.98 9.86 -29.31
CA HIS A 417 7.04 8.49 -29.81
C HIS A 417 5.69 7.86 -30.13
N TYR A 418 4.61 8.61 -30.15
CA TYR A 418 3.29 8.07 -30.48
C TYR A 418 2.83 8.82 -31.71
N LYS A 419 3.04 8.22 -32.88
CA LYS A 419 3.04 9.01 -34.10
C LYS A 419 1.65 9.43 -34.48
N LYS A 420 0.66 8.56 -34.30
CA LYS A 420 -0.69 9.00 -34.67
C LYS A 420 -1.22 10.04 -33.72
N PHE A 421 -0.77 10.01 -32.46
CA PHE A 421 -1.15 11.05 -31.51
C PHE A 421 -0.61 12.40 -31.96
N ARG A 422 0.67 12.50 -32.22
CA ARG A 422 1.27 13.73 -32.66
C ARG A 422 0.69 14.32 -33.92
N THR A 423 0.25 13.49 -34.82
CA THR A 423 -0.30 13.89 -36.07
C THR A 423 -1.66 14.39 -35.87
N CYS A 424 -2.47 13.65 -35.15
CA CYS A 424 -3.81 14.11 -34.86
C CYS A 424 -3.77 15.40 -34.07
N LEU A 425 -2.78 15.54 -33.19
CA LEU A 425 -2.63 16.76 -32.42
C LEU A 425 -2.40 17.95 -33.34
N GLU A 426 -1.46 17.83 -34.26
CA GLU A 426 -1.09 18.95 -35.12
C GLU A 426 -2.14 19.26 -36.16
N ALA A 427 -2.83 18.25 -36.69
CA ALA A 427 -3.90 18.51 -37.64
C ALA A 427 -5.06 19.23 -36.99
N THR A 428 -5.45 18.79 -35.79
CA THR A 428 -6.53 19.45 -35.07
C THR A 428 -6.13 20.86 -34.69
N LEU A 429 -4.91 21.04 -34.19
CA LEU A 429 -4.46 22.38 -33.83
C LEU A 429 -4.50 23.28 -35.04
N ALA A 430 -3.95 22.81 -36.17
CA ALA A 430 -4.00 23.56 -37.40
C ALA A 430 -5.43 23.87 -37.81
N ASP A 431 -6.34 22.95 -37.61
CA ASP A 431 -7.70 23.15 -37.99
C ASP A 431 -8.48 24.05 -37.06
N LEU A 432 -8.07 24.19 -35.83
CA LEU A 432 -8.73 25.10 -34.94
C LEU A 432 -8.27 26.49 -35.22
N LEU A 433 -7.06 26.61 -35.74
CA LEU A 433 -6.45 27.87 -36.06
C LEU A 433 -6.89 28.54 -37.35
N GLY A 434 -6.74 27.88 -38.47
CA GLY A 434 -7.11 28.48 -39.70
C GLY A 434 -5.90 28.42 -40.54
N GLU A 435 -6.08 28.19 -41.82
CA GLU A 435 -4.94 28.09 -42.70
C GLU A 435 -4.04 29.28 -42.54
N GLU A 436 -4.61 30.34 -42.03
CA GLU A 436 -4.00 31.62 -41.81
C GLU A 436 -3.15 31.78 -40.59
N ALA A 437 -3.74 31.69 -39.42
CA ALA A 437 -3.01 31.77 -38.18
C ALA A 437 -2.11 30.61 -37.99
N ALA A 438 -2.46 29.53 -38.62
CA ALA A 438 -1.71 28.32 -38.54
C ALA A 438 -0.32 28.48 -39.06
N SER A 439 -0.15 29.22 -40.13
CA SER A 439 1.17 29.41 -40.71
C SER A 439 2.13 30.13 -39.78
N SER A 440 1.63 30.77 -38.72
CA SER A 440 2.43 31.53 -37.76
C SER A 440 2.79 30.73 -36.51
N VAL A 441 2.25 29.52 -36.36
CA VAL A 441 2.41 28.70 -35.17
C VAL A 441 3.33 27.54 -35.50
N VAL A 442 4.30 27.29 -34.64
CA VAL A 442 5.29 26.25 -34.78
C VAL A 442 5.16 25.32 -33.58
N VAL A 443 5.34 24.03 -33.79
CA VAL A 443 5.31 23.06 -32.71
C VAL A 443 6.61 22.27 -32.79
N LYS A 444 7.46 22.38 -31.78
CA LYS A 444 8.77 21.74 -31.81
C LYS A 444 8.94 20.76 -30.68
N LEU A 445 9.72 19.73 -30.94
CA LEU A 445 10.09 18.77 -29.96
C LEU A 445 11.23 19.47 -29.32
N ALA A 446 11.20 19.55 -28.01
CA ALA A 446 12.23 20.20 -27.28
C ALA A 446 12.74 19.17 -26.34
N ASN A 447 13.36 18.17 -26.87
CA ASN A 447 13.88 17.07 -26.10
C ASN A 447 14.79 17.43 -24.94
N ASP A 448 14.66 16.65 -23.89
CA ASP A 448 15.42 16.82 -22.67
C ASP A 448 15.48 18.25 -22.30
N GLY A 449 14.42 18.93 -22.65
CA GLY A 449 14.29 20.35 -22.42
C GLY A 449 14.29 20.82 -21.02
N SER A 450 13.57 20.18 -20.14
CA SER A 450 13.53 20.63 -18.73
C SER A 450 14.80 20.78 -17.95
N GLY A 451 15.76 19.93 -18.21
CA GLY A 451 17.00 19.96 -17.49
C GLY A 451 18.00 21.01 -17.79
N ILE A 452 18.27 21.24 -19.05
CA ILE A 452 19.19 22.27 -19.41
C ILE A 452 18.46 23.54 -19.04
N GLY A 453 17.18 23.60 -19.29
CA GLY A 453 16.38 24.73 -18.96
C GLY A 453 16.51 25.10 -17.52
N ALA A 454 16.41 24.17 -16.62
CA ALA A 454 16.62 24.41 -15.19
C ALA A 454 18.05 24.82 -14.92
N ALA A 455 19.01 24.16 -15.57
CA ALA A 455 20.41 24.49 -15.40
C ALA A 455 20.67 25.92 -15.78
N LEU A 456 20.05 26.37 -16.88
CA LEU A 456 20.23 27.74 -17.33
C LEU A 456 19.61 28.72 -16.36
N LEU A 457 18.42 28.41 -15.84
CA LEU A 457 17.83 29.34 -14.90
C LEU A 457 18.58 29.35 -13.58
N ALA A 458 19.20 28.26 -13.21
CA ALA A 458 19.97 28.20 -12.00
C ALA A 458 21.16 29.07 -12.08
N ALA A 459 21.56 29.40 -13.28
CA ALA A 459 22.72 30.18 -13.55
C ALA A 459 22.47 31.64 -13.48
N SER A 460 21.40 32.09 -14.09
CA SER A 460 21.07 33.49 -14.08
C SER A 460 20.64 33.93 -12.73
N HIS A 461 20.74 33.03 -11.78
CA HIS A 461 20.30 33.23 -10.43
C HIS A 461 21.32 32.70 -9.48
N SER A 462 22.56 32.76 -9.89
CA SER A 462 23.62 32.28 -9.09
C SER A 462 24.00 33.27 -8.06
N GLN A 463 24.71 32.80 -7.08
CA GLN A 463 25.23 33.67 -6.07
C GLN A 463 26.58 34.15 -6.58
N TYR A 464 26.79 34.04 -7.89
CA TYR A 464 28.00 34.32 -8.59
C TYR A 464 29.07 33.45 -8.00
N ALA A 465 28.73 32.43 -7.22
CA ALA A 465 29.72 31.51 -6.64
C ALA A 465 29.18 30.64 -5.55
N GLU B 1 13.54 -27.59 -31.90
CA GLU B 1 13.00 -26.42 -32.54
C GLU B 1 13.97 -25.34 -32.26
N GLU B 2 13.64 -24.14 -32.72
CA GLU B 2 14.47 -23.01 -32.40
C GLU B 2 14.24 -22.71 -30.93
N ARG B 3 13.22 -23.33 -30.32
CA ARG B 3 12.86 -23.23 -28.92
C ARG B 3 14.16 -23.52 -28.25
N ARG B 4 14.50 -24.79 -28.17
CA ARG B 4 15.73 -25.25 -27.60
C ARG B 4 16.92 -24.35 -27.84
N ARG B 5 16.83 -23.53 -28.87
CA ARG B 5 17.93 -22.65 -29.19
C ARG B 5 17.92 -21.59 -28.16
N ARG B 6 16.88 -20.77 -28.23
CA ARG B 6 16.63 -19.66 -27.35
C ARG B 6 16.72 -20.02 -25.90
N ALA B 7 16.18 -21.16 -25.55
CA ALA B 7 16.21 -21.58 -24.19
C ALA B 7 17.60 -21.88 -23.76
N ALA B 8 18.49 -22.04 -24.70
CA ALA B 8 19.85 -22.35 -24.39
C ALA B 8 20.58 -21.08 -24.19
N ALA B 9 20.19 -20.07 -24.90
CA ALA B 9 20.80 -18.80 -24.79
C ALA B 9 20.40 -18.11 -23.52
N VAL B 10 19.35 -18.56 -22.85
CA VAL B 10 18.94 -17.94 -21.61
C VAL B 10 19.74 -18.63 -20.55
N ILE B 11 19.73 -19.94 -20.55
CA ILE B 11 20.46 -20.69 -19.58
C ILE B 11 21.91 -20.46 -19.73
N GLU B 12 22.40 -20.07 -20.88
CA GLU B 12 23.81 -19.85 -20.95
C GLU B 12 24.21 -18.51 -20.42
N GLU B 13 23.30 -17.57 -20.46
CA GLU B 13 23.55 -16.23 -20.00
C GLU B 13 23.40 -16.24 -18.50
N VAL B 14 22.59 -17.12 -17.98
CA VAL B 14 22.52 -17.18 -16.54
C VAL B 14 23.82 -17.72 -15.97
N GLU B 15 24.35 -18.80 -16.52
CA GLU B 15 25.59 -19.39 -16.07
C GLU B 15 26.76 -18.44 -16.19
N GLN B 16 26.68 -17.51 -17.09
CA GLN B 16 27.71 -16.55 -17.30
C GLN B 16 27.72 -15.45 -16.29
N ARG B 17 26.53 -15.08 -15.84
CA ARG B 17 26.41 -14.02 -14.87
C ARG B 17 26.56 -14.51 -13.51
N PHE B 18 26.05 -15.70 -13.24
CA PHE B 18 26.09 -16.25 -11.90
C PHE B 18 27.42 -16.93 -11.59
N SER B 19 28.36 -16.91 -12.51
CA SER B 19 29.60 -17.66 -12.36
C SER B 19 30.35 -17.17 -11.14
N THR B 20 30.71 -18.09 -10.25
CA THR B 20 31.49 -17.74 -9.07
C THR B 20 32.76 -18.57 -9.03
N PRO B 21 33.71 -18.28 -9.93
CA PRO B 21 35.03 -18.92 -9.83
C PRO B 21 35.68 -18.54 -8.52
N THR B 22 36.44 -19.40 -7.90
CA THR B 22 37.06 -19.04 -6.64
C THR B 22 37.96 -17.81 -6.66
N ALA B 23 38.42 -17.44 -7.83
CA ALA B 23 39.29 -16.33 -7.96
C ALA B 23 38.53 -15.06 -7.69
N LEU B 24 37.22 -15.15 -7.86
CA LEU B 24 36.29 -14.06 -7.68
C LEU B 24 35.87 -14.11 -6.25
N LEU B 25 35.59 -15.30 -5.79
CA LEU B 25 35.22 -15.47 -4.42
C LEU B 25 36.30 -14.88 -3.55
N ARG B 26 37.55 -15.10 -3.89
CA ARG B 26 38.66 -14.57 -3.11
C ARG B 26 38.70 -13.06 -3.18
N GLY B 27 38.43 -12.48 -4.35
CA GLY B 27 38.37 -11.02 -4.44
C GLY B 27 37.21 -10.44 -3.67
N ILE B 28 36.08 -11.12 -3.69
CA ILE B 28 34.93 -10.67 -2.92
C ILE B 28 35.23 -10.72 -1.44
N ALA B 29 35.85 -11.80 -0.97
CA ALA B 29 36.23 -11.86 0.44
C ALA B 29 37.21 -10.75 0.79
N ASP B 30 38.13 -10.44 -0.12
CA ASP B 30 39.00 -9.28 0.12
C ASP B 30 38.19 -7.99 0.11
N ALA B 31 37.21 -7.89 -0.77
CA ALA B 31 36.34 -6.72 -0.75
C ALA B 31 35.55 -6.66 0.53
N MET B 32 35.21 -7.82 1.10
CA MET B 32 34.40 -7.78 2.32
C MET B 32 35.20 -7.24 3.49
N VAL B 33 36.49 -7.60 3.56
CA VAL B 33 37.33 -7.11 4.65
C VAL B 33 37.54 -5.62 4.52
N GLU B 34 37.74 -5.11 3.31
CA GLU B 34 37.89 -3.66 3.16
C GLU B 34 36.65 -2.92 3.63
N GLU B 35 35.48 -3.48 3.40
CA GLU B 35 34.32 -2.72 3.82
C GLU B 35 34.03 -2.92 5.29
N MET B 36 34.50 -4.01 5.88
CA MET B 36 34.45 -4.07 7.33
C MET B 36 35.37 -3.03 7.93
N GLU B 37 36.46 -2.70 7.26
CA GLU B 37 37.32 -1.67 7.83
C GLU B 37 36.70 -0.30 7.67
N ARG B 38 36.04 -0.06 6.54
CA ARG B 38 35.35 1.22 6.34
C ARG B 38 34.26 1.46 7.39
N GLY B 39 33.46 0.44 7.70
CA GLY B 39 32.39 0.63 8.67
C GLY B 39 32.87 0.85 10.09
N LEU B 40 34.03 0.32 10.44
CA LEU B 40 34.52 0.45 11.80
C LEU B 40 35.12 1.81 12.09
N ARG B 41 35.48 2.57 11.09
CA ARG B 41 35.99 3.88 11.34
C ARG B 41 34.93 4.92 11.22
N ALA B 42 33.71 4.48 10.96
CA ALA B 42 32.60 5.37 10.85
C ALA B 42 32.70 6.17 9.59
N ASP B 43 33.09 5.51 8.52
CA ASP B 43 33.21 6.18 7.28
C ASP B 43 31.85 6.51 6.82
N PRO B 44 31.65 7.66 6.19
CA PRO B 44 30.28 7.97 5.76
C PRO B 44 29.81 7.09 4.61
N HIS B 45 28.58 6.62 4.76
CA HIS B 45 27.93 5.78 3.77
C HIS B 45 28.78 4.56 3.44
N ALA B 46 29.38 3.98 4.45
CA ALA B 46 29.99 2.70 4.25
C ALA B 46 28.86 1.69 4.07
N PRO B 47 28.94 0.82 3.08
CA PRO B 47 27.89 -0.19 2.94
C PRO B 47 27.65 -0.98 4.21
N LEU B 48 28.71 -1.46 4.85
CA LEU B 48 28.58 -2.23 6.09
C LEU B 48 28.61 -1.27 7.28
N LYS B 49 27.51 -1.17 7.99
CA LYS B 49 27.44 -0.24 9.09
C LYS B 49 28.27 -0.68 10.29
N MET B 50 28.55 -1.98 10.39
CA MET B 50 29.34 -2.53 11.49
C MET B 50 28.92 -1.93 12.81
N LEU B 51 27.75 -2.32 13.28
CA LEU B 51 27.13 -1.67 14.41
C LEU B 51 27.68 -2.23 15.71
N ILE B 52 28.16 -1.34 16.56
CA ILE B 52 28.61 -1.70 17.90
C ILE B 52 27.42 -2.17 18.72
N SER B 53 27.55 -3.35 19.32
CA SER B 53 26.40 -3.99 19.95
C SER B 53 26.22 -3.65 21.41
N TYR B 54 27.25 -3.10 22.06
CA TYR B 54 27.33 -2.80 23.48
C TYR B 54 27.33 -4.05 24.35
N VAL B 55 27.43 -5.23 23.76
CA VAL B 55 27.68 -6.45 24.52
C VAL B 55 29.20 -6.59 24.54
N ASP B 56 29.84 -6.27 25.65
CA ASP B 56 31.27 -6.49 25.70
C ASP B 56 31.66 -7.81 26.34
N ASN B 57 30.77 -8.40 27.13
CA ASN B 57 31.01 -9.67 27.81
C ASN B 57 29.85 -10.61 27.49
N LEU B 58 30.17 -11.72 26.83
CA LEU B 58 29.18 -12.68 26.39
C LEU B 58 28.87 -13.68 27.51
N PRO B 59 27.80 -14.46 27.35
CA PRO B 59 27.41 -15.41 28.39
C PRO B 59 28.53 -16.35 28.79
N THR B 60 28.59 -16.67 30.07
CA THR B 60 29.59 -17.56 30.64
C THR B 60 29.05 -18.96 30.89
N GLY B 61 27.88 -19.03 31.51
CA GLY B 61 27.28 -20.28 31.91
C GLY B 61 26.70 -20.16 33.30
N ASP B 62 27.23 -19.22 34.09
CA ASP B 62 26.81 -19.06 35.48
C ASP B 62 25.70 -18.03 35.62
N GLU B 63 24.77 -18.03 34.68
CA GLU B 63 23.59 -17.19 34.78
C GLU B 63 22.49 -18.00 35.41
N HIS B 64 21.69 -17.35 36.25
CA HIS B 64 20.69 -18.05 37.04
C HIS B 64 19.50 -17.14 37.22
N GLY B 65 18.30 -17.70 37.16
CA GLY B 65 17.08 -16.95 37.40
C GLY B 65 16.08 -17.13 36.28
N LEU B 66 15.01 -16.33 36.33
CA LEU B 66 13.92 -16.38 35.36
C LEU B 66 14.02 -15.19 34.42
N PHE B 67 14.00 -15.47 33.12
CA PHE B 67 14.17 -14.41 32.13
C PHE B 67 13.40 -14.75 30.87
N TYR B 68 12.72 -13.74 30.33
CA TYR B 68 11.97 -13.87 29.09
C TYR B 68 12.76 -13.34 27.91
N ALA B 69 12.36 -13.74 26.72
CA ALA B 69 12.87 -13.09 25.53
C ALA B 69 11.77 -12.97 24.50
N LEU B 70 11.79 -11.86 23.78
CA LEU B 70 10.93 -11.62 22.64
C LEU B 70 11.78 -11.58 21.40
N ASP B 71 11.42 -12.37 20.41
CA ASP B 71 12.23 -12.55 19.21
C ASP B 71 11.38 -12.06 18.05
N LEU B 72 11.74 -10.91 17.44
CA LEU B 72 11.00 -10.40 16.28
C LEU B 72 11.78 -10.60 14.98
N GLY B 73 11.31 -11.50 14.12
CA GLY B 73 11.95 -11.77 12.86
C GLY B 73 11.19 -11.22 11.67
N GLY B 74 11.65 -11.61 10.49
CA GLY B 74 11.02 -11.11 9.28
C GLY B 74 9.69 -11.76 8.96
N THR B 75 9.41 -12.88 9.54
CA THR B 75 8.22 -13.65 9.21
C THR B 75 7.40 -14.02 10.43
N ASN B 76 8.04 -14.35 11.55
CA ASN B 76 7.39 -14.82 12.77
C ASN B 76 7.97 -14.10 13.96
N PHE B 77 7.40 -14.34 15.12
CA PHE B 77 8.08 -13.93 16.33
C PHE B 77 7.91 -14.98 17.42
N ARG B 78 8.94 -15.18 18.22
CA ARG B 78 8.87 -16.12 19.32
C ARG B 78 8.84 -15.31 20.61
N VAL B 79 8.16 -15.83 21.63
CA VAL B 79 8.14 -15.27 22.96
C VAL B 79 8.67 -16.45 23.72
N ILE B 80 9.78 -16.28 24.40
CA ILE B 80 10.45 -17.33 25.11
C ILE B 80 10.48 -17.12 26.59
N ARG B 81 10.69 -18.19 27.32
CA ARG B 81 10.76 -18.19 28.77
C ARG B 81 11.78 -19.21 29.25
N VAL B 82 12.79 -18.82 30.01
CA VAL B 82 13.79 -19.75 30.50
C VAL B 82 13.95 -19.58 32.01
N GLN B 83 14.26 -20.68 32.69
CA GLN B 83 14.73 -20.61 34.07
C GLN B 83 16.14 -21.16 34.10
N LEU B 84 17.11 -20.29 34.39
CA LEU B 84 18.51 -20.64 34.30
C LEU B 84 19.06 -21.04 35.66
N GLY B 85 20.03 -21.97 35.64
CA GLY B 85 20.49 -22.57 36.89
C GLY B 85 21.98 -22.73 37.13
N GLY B 86 22.78 -21.73 36.83
CA GLY B 86 24.19 -21.85 37.08
C GLY B 86 24.96 -22.71 36.12
N ARG B 87 26.23 -22.90 36.45
CA ARG B 87 27.15 -23.65 35.63
C ARG B 87 26.89 -25.12 35.68
N GLU B 88 26.13 -25.56 36.67
CA GLU B 88 25.87 -26.99 36.68
C GLU B 88 24.55 -27.32 36.00
N LYS B 89 23.48 -26.61 36.34
CA LYS B 89 22.16 -26.95 35.84
C LYS B 89 21.84 -26.31 34.48
N ARG B 90 22.36 -25.11 34.21
CA ARG B 90 22.18 -24.42 32.91
C ARG B 90 20.69 -24.14 32.71
N VAL B 91 20.10 -24.52 31.58
CA VAL B 91 18.70 -24.20 31.30
C VAL B 91 17.84 -25.25 31.98
N VAL B 92 17.19 -24.88 33.07
CA VAL B 92 16.46 -25.86 33.86
C VAL B 92 15.04 -26.05 33.35
N SER B 93 14.45 -25.01 32.76
CA SER B 93 13.12 -25.13 32.16
C SER B 93 13.03 -24.10 31.06
N GLN B 94 12.43 -24.47 29.95
CA GLN B 94 12.33 -23.60 28.82
C GLN B 94 11.01 -23.76 28.19
N GLN B 95 10.33 -22.67 27.92
CA GLN B 95 9.03 -22.71 27.30
C GLN B 95 8.97 -21.67 26.20
N TYR B 96 8.44 -22.03 25.03
CA TYR B 96 8.31 -21.11 23.93
C TYR B 96 7.04 -21.18 23.10
N GLU B 97 6.78 -20.11 22.38
CA GLU B 97 5.60 -19.98 21.56
C GLU B 97 5.93 -19.09 20.42
N GLU B 98 5.82 -19.61 19.21
CA GLU B 98 6.11 -18.90 17.98
C GLU B 98 4.84 -18.58 17.23
N VAL B 99 4.64 -17.33 16.90
CA VAL B 99 3.48 -16.84 16.18
C VAL B 99 3.92 -16.27 14.84
N ALA B 100 3.11 -16.51 13.82
CA ALA B 100 3.32 -15.93 12.51
C ALA B 100 2.85 -14.48 12.50
N ILE B 101 3.67 -13.62 11.89
CA ILE B 101 3.37 -12.21 11.79
C ILE B 101 2.35 -11.98 10.68
N PRO B 102 1.18 -11.40 10.96
CA PRO B 102 0.24 -11.07 9.90
C PRO B 102 0.88 -10.14 8.90
N PRO B 103 0.74 -10.42 7.59
CA PRO B 103 1.45 -9.61 6.61
C PRO B 103 1.17 -8.12 6.72
N HIS B 104 -0.05 -7.70 7.05
CA HIS B 104 -0.27 -6.26 7.08
C HIS B 104 0.53 -5.58 8.18
N LEU B 105 0.82 -6.28 9.27
CA LEU B 105 1.59 -5.60 10.32
C LEU B 105 3.05 -5.45 9.93
N MET B 106 3.46 -5.89 8.75
CA MET B 106 4.76 -5.56 8.21
C MET B 106 4.80 -4.20 7.53
N VAL B 107 3.65 -3.57 7.29
CA VAL B 107 3.60 -2.37 6.46
C VAL B 107 2.58 -1.38 6.99
N GLY B 108 2.24 -1.45 8.26
CA GLY B 108 1.25 -0.54 8.79
C GLY B 108 1.81 0.52 9.70
N THR B 109 1.15 0.76 10.82
CA THR B 109 1.67 1.70 11.79
C THR B 109 2.47 0.92 12.82
N SER B 110 3.44 1.57 13.44
CA SER B 110 4.29 0.84 14.34
C SER B 110 3.58 0.48 15.64
N MET B 111 2.57 1.24 16.04
CA MET B 111 1.77 0.85 17.20
C MET B 111 0.99 -0.41 16.91
N GLU B 112 0.51 -0.58 15.68
CA GLU B 112 -0.24 -1.78 15.35
C GLU B 112 0.63 -3.00 15.51
N LEU B 113 1.91 -2.89 15.14
CA LEU B 113 2.83 -4.02 15.24
C LEU B 113 3.15 -4.35 16.68
N PHE B 114 3.57 -3.36 17.45
CA PHE B 114 3.97 -3.65 18.82
C PHE B 114 2.80 -3.97 19.72
N ASP B 115 1.60 -3.50 19.39
CA ASP B 115 0.46 -3.88 20.19
C ASP B 115 0.14 -5.35 19.99
N PHE B 116 0.24 -5.81 18.74
CA PHE B 116 -0.03 -7.20 18.43
C PHE B 116 0.96 -8.10 19.13
N ILE B 117 2.22 -7.68 19.18
CA ILE B 117 3.24 -8.46 19.86
C ILE B 117 2.97 -8.45 21.37
N ALA B 118 2.84 -7.27 21.95
CA ALA B 118 2.59 -7.18 23.39
C ALA B 118 1.36 -7.96 23.80
N ALA B 119 0.36 -8.06 22.94
CA ALA B 119 -0.80 -8.86 23.32
C ALA B 119 -0.44 -10.34 23.39
N GLU B 120 0.41 -10.82 22.47
CA GLU B 120 0.88 -12.20 22.56
C GLU B 120 1.74 -12.44 23.79
N LEU B 121 2.62 -11.51 24.10
CA LEU B 121 3.48 -11.67 25.27
C LEU B 121 2.66 -11.67 26.54
N GLU B 122 1.79 -10.67 26.69
CA GLU B 122 0.95 -10.62 27.88
C GLU B 122 0.25 -11.95 28.13
N SER B 123 -0.26 -12.59 27.11
CA SER B 123 -1.02 -13.78 27.44
C SER B 123 -0.13 -15.01 27.62
N PHE B 124 1.10 -14.98 27.12
CA PHE B 124 2.07 -16.04 27.36
C PHE B 124 2.59 -15.96 28.80
N VAL B 125 2.73 -14.75 29.32
CA VAL B 125 3.19 -14.55 30.68
C VAL B 125 2.11 -14.98 31.66
N LYS B 126 0.86 -15.09 31.20
CA LYS B 126 -0.18 -15.53 32.12
C LYS B 126 -0.26 -17.04 32.24
N THR B 127 0.42 -17.77 31.37
CA THR B 127 0.40 -19.20 31.42
C THR B 127 1.61 -19.72 32.12
N GLU B 128 2.27 -18.90 32.87
CA GLU B 128 3.41 -19.30 33.61
C GLU B 128 2.74 -19.77 34.86
N GLY B 129 3.02 -20.95 35.36
CA GLY B 129 3.99 -21.87 34.84
C GLY B 129 4.53 -22.08 36.23
N GLU B 130 4.67 -23.31 36.68
CA GLU B 130 5.17 -23.52 38.03
C GLU B 130 6.61 -23.90 38.02
N ASP B 131 7.13 -24.13 36.84
CA ASP B 131 8.52 -24.41 36.71
C ASP B 131 9.29 -23.12 36.67
N PHE B 132 8.59 -22.01 36.65
CA PHE B 132 9.17 -20.70 36.59
C PHE B 132 8.71 -19.99 37.83
N HIS B 133 9.64 -19.44 38.58
CA HIS B 133 9.30 -18.76 39.80
C HIS B 133 10.10 -17.48 39.80
N LEU B 134 9.45 -16.45 40.31
CA LEU B 134 10.04 -15.14 40.35
C LEU B 134 9.99 -14.72 41.81
N PRO B 135 11.13 -14.44 42.43
CA PRO B 135 11.11 -13.99 43.82
C PRO B 135 10.11 -12.87 44.03
N GLU B 136 9.42 -12.96 45.16
CA GLU B 136 8.26 -12.13 45.44
C GLU B 136 8.59 -10.65 45.42
N GLY B 137 7.66 -9.88 44.83
CA GLY B 137 7.80 -8.45 44.61
C GLY B 137 8.95 -8.08 43.71
N ARG B 138 9.00 -8.64 42.51
CA ARG B 138 10.04 -8.28 41.56
C ARG B 138 9.46 -8.24 40.16
N GLN B 139 10.19 -7.54 39.29
CA GLN B 139 9.81 -7.30 37.91
C GLN B 139 10.43 -8.35 37.00
N ARG B 140 9.74 -8.66 35.91
CA ARG B 140 10.29 -9.65 34.98
C ARG B 140 11.04 -8.92 33.90
N GLU B 141 12.19 -9.46 33.52
CA GLU B 141 13.03 -8.77 32.58
C GLU B 141 13.11 -9.58 31.30
N LEU B 142 13.30 -8.87 30.21
CA LEU B 142 13.12 -9.42 28.88
C LEU B 142 14.35 -9.10 28.04
N GLY B 143 14.77 -10.05 27.20
CA GLY B 143 15.74 -9.75 26.16
C GLY B 143 15.01 -9.59 24.84
N PHE B 144 15.34 -8.52 24.11
CA PHE B 144 14.62 -8.20 22.88
C PHE B 144 15.52 -8.53 21.71
N THR B 145 15.14 -9.53 20.93
CA THR B 145 15.82 -9.83 19.68
C THR B 145 15.09 -9.13 18.55
N PHE B 146 15.81 -8.25 17.86
CA PHE B 146 15.27 -7.39 16.81
C PHE B 146 16.08 -7.60 15.54
N SER B 147 15.50 -8.28 14.57
CA SER B 147 16.22 -8.66 13.35
C SER B 147 16.31 -7.55 12.32
N PHE B 148 16.64 -6.33 12.72
CA PHE B 148 16.71 -5.21 11.79
C PHE B 148 17.81 -4.29 12.30
N PRO B 149 18.37 -3.44 11.43
CA PRO B 149 19.52 -2.62 11.86
C PRO B 149 19.16 -1.57 12.90
N VAL B 150 19.88 -1.58 14.01
CA VAL B 150 19.65 -0.65 15.10
C VAL B 150 20.97 0.06 15.42
N HIS B 151 20.93 1.37 15.45
CA HIS B 151 22.04 2.18 15.93
C HIS B 151 22.02 2.10 17.45
N GLN B 152 22.96 1.37 18.04
CA GLN B 152 22.81 1.12 19.47
C GLN B 152 23.31 2.29 20.28
N THR B 153 22.64 2.50 21.41
CA THR B 153 22.97 3.58 22.33
C THR B 153 23.29 3.08 23.72
N SER B 154 22.95 1.84 24.03
CA SER B 154 23.24 1.15 25.26
C SER B 154 22.86 -0.29 25.01
N ILE B 155 23.18 -1.17 25.96
CA ILE B 155 22.82 -2.56 25.81
C ILE B 155 21.32 -2.75 25.68
N SER B 156 20.51 -1.76 26.05
CA SER B 156 19.07 -1.93 26.06
C SER B 156 18.35 -0.80 25.33
N SER B 157 19.05 0.01 24.59
CA SER B 157 18.38 1.07 23.85
C SER B 157 19.08 1.24 22.52
N GLY B 158 18.28 1.56 21.51
CA GLY B 158 18.80 1.78 20.18
C GLY B 158 17.79 2.20 19.16
N THR B 159 18.27 2.93 18.18
CA THR B 159 17.45 3.56 17.17
C THR B 159 17.35 2.68 15.92
N LEU B 160 16.18 2.67 15.30
CA LEU B 160 16.01 1.94 14.05
C LEU B 160 16.67 2.71 12.92
N ILE B 161 17.49 2.02 12.13
CA ILE B 161 18.16 2.69 11.02
C ILE B 161 17.32 2.62 9.74
N LYS B 162 16.82 1.45 9.41
CA LYS B 162 15.98 1.23 8.26
C LYS B 162 15.33 -0.13 8.48
N TRP B 163 14.22 -0.37 7.82
CA TRP B 163 13.69 -1.72 7.80
C TRP B 163 14.34 -2.51 6.67
N THR B 164 14.21 -3.83 6.74
CA THR B 164 14.70 -4.69 5.68
C THR B 164 13.70 -5.80 5.48
N LYS B 165 14.03 -6.72 4.60
CA LYS B 165 13.19 -7.88 4.29
C LYS B 165 11.82 -7.37 3.87
N GLY B 166 10.73 -7.80 4.47
CA GLY B 166 9.45 -7.40 3.96
C GLY B 166 8.77 -6.36 4.79
N PHE B 167 9.50 -5.67 5.63
CA PHE B 167 8.96 -4.66 6.53
C PHE B 167 9.12 -3.27 5.96
N SER B 168 8.11 -2.43 6.16
CA SER B 168 8.26 -1.01 5.85
C SER B 168 7.17 -0.26 6.62
N ILE B 169 7.53 0.22 7.79
CA ILE B 169 6.61 0.91 8.66
C ILE B 169 7.12 2.34 8.80
N ASN B 170 6.33 3.30 8.34
CA ASN B 170 6.66 4.71 8.47
C ASN B 170 6.72 5.12 9.92
N GLY B 171 7.55 6.12 10.21
CA GLY B 171 7.56 6.71 11.51
C GLY B 171 8.24 5.93 12.60
N THR B 172 9.01 4.91 12.26
CA THR B 172 9.87 4.23 13.23
C THR B 172 11.35 4.48 13.01
N VAL B 173 11.75 4.85 11.79
CA VAL B 173 13.14 5.16 11.56
C VAL B 173 13.53 6.29 12.50
N GLY B 174 14.61 6.12 13.21
CA GLY B 174 15.07 7.13 14.13
C GLY B 174 14.56 7.02 15.54
N GLU B 175 13.55 6.19 15.77
CA GLU B 175 12.92 6.00 17.06
C GLU B 175 13.53 4.83 17.80
N ASP B 176 13.43 4.88 19.12
CA ASP B 176 13.98 3.82 19.96
C ASP B 176 13.07 2.63 19.87
N VAL B 177 13.58 1.49 19.40
CA VAL B 177 12.66 0.38 19.24
C VAL B 177 12.27 -0.21 20.57
N VAL B 178 13.08 -0.01 21.60
CA VAL B 178 12.70 -0.52 22.90
C VAL B 178 11.63 0.34 23.53
N ALA B 179 11.73 1.65 23.34
CA ALA B 179 10.69 2.54 23.83
C ALA B 179 9.37 2.22 23.19
N GLU B 180 9.40 1.86 21.91
CA GLU B 180 8.17 1.50 21.19
C GLU B 180 7.58 0.20 21.73
N LEU B 181 8.41 -0.75 22.13
CA LEU B 181 7.88 -1.98 22.71
C LEU B 181 7.41 -1.77 24.14
N SER B 182 8.04 -0.88 24.88
CA SER B 182 7.63 -0.69 26.27
C SER B 182 6.31 0.05 26.36
N ARG B 183 6.06 1.03 25.49
CA ARG B 183 4.72 1.58 25.57
C ARG B 183 3.69 0.53 25.22
N ALA B 184 4.03 -0.35 24.29
CA ALA B 184 3.10 -1.42 23.95
C ALA B 184 2.86 -2.33 25.13
N MET B 185 3.88 -2.59 25.92
CA MET B 185 3.69 -3.48 27.06
C MET B 185 2.94 -2.81 28.20
N GLU B 186 3.06 -1.50 28.39
CA GLU B 186 2.21 -0.90 29.41
C GLU B 186 0.80 -0.75 28.94
N ARG B 187 0.57 -0.59 27.65
CA ARG B 187 -0.82 -0.61 27.25
C ARG B 187 -1.48 -1.95 27.51
N GLN B 188 -0.75 -2.96 27.94
CA GLN B 188 -1.30 -4.30 27.92
C GLN B 188 -1.86 -5.00 29.18
N GLY B 189 -1.48 -4.61 30.39
CA GLY B 189 -0.35 -3.76 30.66
C GLY B 189 0.41 -4.67 31.57
N LEU B 190 1.61 -5.10 31.17
CA LEU B 190 2.33 -6.06 31.96
C LEU B 190 3.63 -5.42 32.41
N ASP B 191 3.98 -5.67 33.65
CA ASP B 191 5.10 -4.98 34.26
C ASP B 191 6.33 -5.77 33.89
N MET B 192 6.90 -5.40 32.76
CA MET B 192 8.11 -6.03 32.25
C MET B 192 9.08 -4.96 31.80
N LYS B 193 10.34 -5.14 32.17
CA LYS B 193 11.41 -4.26 31.77
C LYS B 193 12.33 -5.02 30.85
N VAL B 194 12.57 -4.47 29.65
CA VAL B 194 13.52 -5.05 28.71
C VAL B 194 14.93 -4.55 29.05
N THR B 195 15.84 -5.48 29.35
CA THR B 195 17.18 -5.16 29.79
C THR B 195 18.25 -5.48 28.76
N ALA B 196 17.89 -6.00 27.59
CA ALA B 196 18.85 -6.22 26.53
C ALA B 196 18.17 -6.12 25.18
N LEU B 197 18.77 -5.36 24.27
CA LEU B 197 18.31 -5.28 22.89
C LEU B 197 19.43 -5.79 22.01
N VAL B 198 19.16 -6.82 21.21
CA VAL B 198 20.21 -7.45 20.42
C VAL B 198 19.63 -7.80 19.05
N ASN B 199 20.49 -7.81 18.06
CA ASN B 199 20.13 -8.27 16.74
C ASN B 199 20.19 -9.79 16.76
N ASP B 200 19.48 -10.42 15.82
CA ASP B 200 19.41 -11.88 15.88
C ASP B 200 20.76 -12.53 15.64
N THR B 201 21.67 -11.89 14.90
CA THR B 201 23.02 -12.45 14.81
C THR B 201 23.71 -12.39 16.16
N VAL B 202 23.62 -11.24 16.81
CA VAL B 202 24.26 -11.06 18.11
C VAL B 202 23.65 -11.99 19.15
N GLY B 203 22.34 -12.16 19.12
CA GLY B 203 21.72 -13.12 20.02
C GLY B 203 22.17 -14.54 19.73
N THR B 204 22.27 -14.88 18.47
CA THR B 204 22.68 -16.18 18.10
C THR B 204 24.11 -16.47 18.45
N LEU B 205 24.97 -15.49 18.37
CA LEU B 205 26.35 -15.69 18.67
C LEU B 205 26.56 -15.75 20.13
N ALA B 206 25.59 -15.30 20.89
CA ALA B 206 25.67 -15.35 22.33
C ALA B 206 25.13 -16.70 22.64
N GLY B 207 23.94 -16.96 22.20
CA GLY B 207 23.40 -18.28 22.50
C GLY B 207 24.38 -19.38 22.17
N GLY B 208 25.27 -19.12 21.23
CA GLY B 208 26.26 -20.10 20.81
C GLY B 208 27.43 -20.25 21.75
N ARG B 209 27.96 -19.13 22.26
CA ARG B 209 29.10 -19.26 23.15
C ARG B 209 28.71 -19.84 24.50
N TYR B 210 27.42 -19.76 24.83
CA TYR B 210 26.91 -20.39 26.04
C TYR B 210 27.21 -21.88 26.09
N VAL B 211 27.22 -22.56 24.94
CA VAL B 211 27.44 -23.98 24.91
C VAL B 211 28.84 -24.32 24.41
N ASP B 212 29.47 -23.46 23.61
CA ASP B 212 30.81 -23.71 23.08
C ASP B 212 31.60 -22.42 23.21
N ASN B 213 32.69 -22.44 23.93
CA ASN B 213 33.49 -21.26 24.17
C ASN B 213 34.36 -20.76 23.07
N ASP B 214 34.41 -21.49 22.00
CA ASP B 214 35.23 -21.03 20.89
C ASP B 214 34.42 -20.31 19.82
N VAL B 215 33.17 -20.02 20.08
CA VAL B 215 32.35 -19.27 19.14
C VAL B 215 32.78 -17.83 19.01
N ALA B 216 33.11 -17.43 17.80
CA ALA B 216 33.55 -16.10 17.53
C ALA B 216 32.77 -15.39 16.44
N ALA B 217 31.69 -15.99 16.02
CA ALA B 217 30.91 -15.44 14.97
C ALA B 217 29.70 -16.27 14.75
N ALA B 218 28.65 -15.63 14.28
CA ALA B 218 27.40 -16.27 14.01
C ALA B 218 26.91 -15.72 12.74
N VAL B 219 26.37 -16.57 11.88
CA VAL B 219 25.86 -16.19 10.58
C VAL B 219 24.41 -16.64 10.47
N ILE B 220 23.54 -15.77 10.02
CA ILE B 220 22.17 -16.13 9.75
C ILE B 220 22.00 -16.34 8.26
N LEU B 221 21.53 -17.51 7.88
CA LEU B 221 21.15 -17.79 6.50
C LEU B 221 19.71 -18.27 6.53
N GLY B 222 18.78 -17.33 6.60
CA GLY B 222 17.37 -17.64 6.73
C GLY B 222 16.57 -16.82 5.75
N THR B 223 15.41 -16.34 6.21
CA THR B 223 14.63 -15.44 5.37
C THR B 223 15.43 -14.20 4.97
N GLY B 224 16.34 -13.74 5.83
CA GLY B 224 17.32 -12.73 5.50
C GLY B 224 18.72 -13.29 5.71
N THR B 225 19.73 -12.44 5.54
CA THR B 225 21.09 -12.86 5.82
C THR B 225 21.92 -11.75 6.47
N ASN B 226 22.73 -12.10 7.48
CA ASN B 226 23.59 -11.16 8.18
C ASN B 226 24.56 -11.95 9.07
N ALA B 227 25.48 -11.25 9.73
CA ALA B 227 26.55 -11.91 10.48
C ALA B 227 27.06 -11.03 11.60
N ALA B 228 27.45 -11.67 12.71
CA ALA B 228 28.10 -10.98 13.81
C ALA B 228 29.35 -11.75 14.22
N TYR B 229 30.31 -11.01 14.79
CA TYR B 229 31.59 -11.58 15.17
C TYR B 229 32.18 -10.74 16.30
N VAL B 230 33.20 -11.28 16.98
CA VAL B 230 33.86 -10.55 18.05
C VAL B 230 35.09 -9.86 17.45
N GLU B 231 35.12 -8.54 17.53
CA GLU B 231 36.22 -7.74 16.96
C GLU B 231 37.11 -7.21 18.08
N HIS B 232 38.37 -6.93 17.75
CA HIS B 232 39.27 -6.38 18.74
C HIS B 232 39.03 -4.88 18.84
N ALA B 233 38.78 -4.41 20.07
CA ALA B 233 38.42 -3.00 20.27
C ALA B 233 39.43 -2.07 19.65
N ASN B 234 40.71 -2.42 19.65
CA ASN B 234 41.69 -1.53 19.03
C ASN B 234 41.56 -1.47 17.52
N ALA B 235 40.67 -2.27 16.94
CA ALA B 235 40.35 -2.16 15.53
C ALA B 235 39.05 -1.41 15.29
N ILE B 236 38.50 -0.74 16.31
CA ILE B 236 37.26 0.00 16.08
C ILE B 236 37.51 1.50 16.29
N PRO B 237 38.01 2.20 15.28
CA PRO B 237 38.29 3.64 15.42
C PRO B 237 37.11 4.49 15.82
N LYS B 238 35.89 4.17 15.37
CA LYS B 238 34.75 5.03 15.65
C LYS B 238 34.27 4.99 17.10
N TRP B 239 34.88 4.18 17.97
CA TRP B 239 34.47 4.10 19.36
C TRP B 239 35.23 5.17 20.13
N THR B 240 34.52 5.92 20.97
CA THR B 240 35.09 7.10 21.61
C THR B 240 34.99 7.04 23.12
N GLY B 241 34.87 5.83 23.67
CA GLY B 241 34.81 5.64 25.11
C GLY B 241 35.90 4.72 25.61
N LEU B 242 35.84 4.38 26.88
CA LEU B 242 36.82 3.54 27.52
C LEU B 242 36.84 2.16 26.95
N LEU B 243 38.02 1.56 26.95
CA LEU B 243 38.31 0.23 26.46
C LEU B 243 37.76 -0.82 27.34
N PRO B 244 37.20 -1.90 26.70
CA PRO B 244 36.63 -2.92 27.56
C PRO B 244 37.50 -3.98 28.25
N ARG B 245 37.13 -4.36 29.45
CA ARG B 245 37.93 -5.35 30.09
C ARG B 245 38.16 -6.51 29.17
N SER B 246 37.15 -6.94 28.42
CA SER B 246 37.38 -8.09 27.55
C SER B 246 38.35 -7.75 26.43
N GLY B 247 38.57 -6.48 26.15
CA GLY B 247 39.33 -6.05 25.01
C GLY B 247 38.64 -6.22 23.67
N ASN B 248 37.41 -6.75 23.64
CA ASN B 248 36.65 -6.94 22.42
C ASN B 248 35.26 -6.35 22.53
N MET B 249 34.61 -6.23 21.38
CA MET B 249 33.28 -5.69 21.24
C MET B 249 32.59 -6.53 20.22
N VAL B 250 31.34 -6.83 20.38
CA VAL B 250 30.61 -7.65 19.41
C VAL B 250 30.00 -6.74 18.36
N ILE B 251 30.28 -7.04 17.09
CA ILE B 251 29.89 -6.18 15.98
C ILE B 251 28.79 -6.86 15.17
N ASN B 252 27.72 -6.10 14.90
CA ASN B 252 26.67 -6.52 13.96
C ASN B 252 27.05 -5.97 12.58
N MET B 253 27.55 -6.84 11.70
CA MET B 253 28.10 -6.34 10.45
C MET B 253 27.03 -5.72 9.56
N GLU B 254 25.83 -6.30 9.54
CA GLU B 254 24.77 -5.94 8.60
C GLU B 254 25.26 -6.15 7.17
N TRP B 255 25.74 -7.36 6.88
CA TRP B 255 26.45 -7.60 5.63
C TRP B 255 25.52 -7.78 4.46
N GLY B 256 24.21 -7.93 4.69
CA GLY B 256 23.29 -7.94 3.57
C GLY B 256 23.41 -6.71 2.71
N ASN B 257 23.82 -5.59 3.30
CA ASN B 257 23.98 -4.35 2.56
C ASN B 257 25.30 -4.29 1.81
N PHE B 258 26.11 -5.30 1.88
CA PHE B 258 27.32 -5.36 1.12
C PHE B 258 26.90 -5.24 -0.32
N LYS B 259 27.75 -4.63 -1.12
CA LYS B 259 27.51 -4.48 -2.51
C LYS B 259 28.91 -4.25 -2.96
N SER B 260 29.30 -4.76 -4.10
CA SER B 260 30.64 -4.60 -4.57
C SER B 260 30.48 -4.78 -6.03
N GLU B 261 31.36 -4.21 -6.84
CA GLU B 261 31.22 -4.40 -8.26
C GLU B 261 31.68 -5.76 -8.65
N ARG B 262 32.21 -6.53 -7.70
CA ARG B 262 32.58 -7.90 -7.98
C ARG B 262 31.44 -8.88 -7.80
N LEU B 263 30.31 -8.45 -7.26
CA LEU B 263 29.20 -9.36 -7.08
C LEU B 263 28.65 -9.75 -8.44
N PRO B 264 28.53 -11.00 -8.73
CA PRO B 264 28.08 -11.40 -10.07
C PRO B 264 26.58 -11.24 -10.29
N ARG B 265 26.11 -10.08 -10.72
CA ARG B 265 24.67 -9.87 -10.78
C ARG B 265 24.15 -9.84 -12.21
N SER B 266 22.84 -9.94 -12.32
CA SER B 266 22.21 -10.15 -13.61
C SER B 266 21.06 -9.18 -13.77
N ASP B 267 20.41 -9.26 -14.91
CA ASP B 267 19.21 -8.44 -15.07
C ASP B 267 18.12 -8.92 -14.16
N TYR B 268 18.09 -10.22 -13.84
CA TYR B 268 17.07 -10.69 -12.92
C TYR B 268 17.26 -10.10 -11.55
N ASP B 269 18.50 -9.79 -11.16
CA ASP B 269 18.75 -9.16 -9.86
C ASP B 269 18.37 -7.70 -9.88
N ASN B 270 18.62 -7.01 -10.98
CA ASN B 270 18.21 -5.61 -11.07
C ASN B 270 16.71 -5.49 -11.09
N ALA B 271 16.02 -6.38 -11.81
CA ALA B 271 14.57 -6.31 -11.86
C ALA B 271 13.96 -6.52 -10.47
N LEU B 272 14.39 -7.58 -9.78
CA LEU B 272 13.93 -7.84 -8.42
C LEU B 272 14.12 -6.62 -7.52
N ASP B 273 15.30 -6.00 -7.59
CA ASP B 273 15.59 -4.88 -6.71
C ASP B 273 14.74 -3.68 -7.07
N PHE B 274 14.55 -3.46 -8.36
CA PHE B 274 13.78 -2.32 -8.82
C PHE B 274 12.34 -2.38 -8.33
N GLU B 275 11.82 -3.57 -8.07
CA GLU B 275 10.45 -3.77 -7.61
C GLU B 275 10.39 -4.20 -6.16
N SER B 276 11.49 -4.12 -5.43
CA SER B 276 11.48 -4.55 -4.04
C SER B 276 10.95 -3.43 -3.14
N LEU B 277 10.70 -3.79 -1.90
CA LEU B 277 10.17 -2.83 -0.95
C LEU B 277 11.21 -1.84 -0.51
N ASN B 278 12.48 -2.13 -0.76
CA ASN B 278 13.59 -1.31 -0.31
C ASN B 278 14.62 -1.19 -1.42
N PRO B 279 14.24 -0.57 -2.53
CA PRO B 279 15.10 -0.60 -3.72
C PRO B 279 16.49 -0.01 -3.52
N GLY B 280 17.48 -0.77 -3.96
CA GLY B 280 18.86 -0.34 -3.85
C GLY B 280 19.54 -0.71 -2.56
N GLU B 281 18.81 -1.16 -1.55
CA GLU B 281 19.34 -1.52 -0.25
C GLU B 281 19.44 -3.03 -0.18
N GLN B 282 20.41 -3.50 0.61
CA GLN B 282 20.58 -4.93 0.86
C GLN B 282 20.90 -5.69 -0.43
N ILE B 283 21.83 -5.15 -1.22
CA ILE B 283 22.14 -5.76 -2.52
C ILE B 283 22.62 -7.20 -2.34
N TYR B 284 23.66 -7.40 -1.53
CA TYR B 284 24.21 -8.74 -1.29
C TYR B 284 23.14 -9.71 -0.80
N GLU B 285 22.32 -9.27 0.13
CA GLU B 285 21.30 -10.13 0.73
C GLU B 285 20.36 -10.71 -0.31
N LYS B 286 19.96 -9.89 -1.27
CA LYS B 286 18.96 -10.27 -2.23
C LYS B 286 19.48 -11.26 -3.25
N MET B 287 20.76 -11.60 -3.18
CA MET B 287 21.34 -12.65 -3.98
C MET B 287 21.46 -13.94 -3.20
N ILE B 288 21.14 -13.93 -1.91
CA ILE B 288 21.46 -15.03 -1.01
C ILE B 288 20.24 -15.48 -0.22
N SER B 289 19.50 -14.51 0.32
CA SER B 289 18.60 -14.77 1.42
C SER B 289 17.37 -15.58 0.98
N GLY B 290 16.77 -16.29 1.92
CA GLY B 290 15.63 -17.08 1.60
C GLY B 290 14.44 -16.29 1.11
N MET B 291 14.32 -15.02 1.48
CA MET B 291 13.20 -14.24 0.95
C MET B 291 13.29 -14.03 -0.55
N TYR B 292 14.43 -14.27 -1.17
CA TYR B 292 14.68 -13.81 -2.52
C TYR B 292 15.04 -14.90 -3.52
N LEU B 293 15.62 -16.01 -3.07
CA LEU B 293 16.11 -17.01 -4.02
C LEU B 293 14.98 -17.56 -4.88
N GLY B 294 13.85 -17.87 -4.27
CA GLY B 294 12.71 -18.35 -5.05
C GLY B 294 12.29 -17.38 -6.13
N GLU B 295 12.40 -16.09 -5.86
CA GLU B 295 11.95 -15.08 -6.81
C GLU B 295 12.96 -14.89 -7.94
N ILE B 296 14.23 -15.19 -7.72
CA ILE B 296 15.20 -15.24 -8.81
C ILE B 296 14.86 -16.38 -9.77
N VAL B 297 14.49 -17.55 -9.23
CA VAL B 297 14.08 -18.67 -10.06
C VAL B 297 12.83 -18.31 -10.87
N ARG B 298 11.80 -17.80 -10.20
CA ARG B 298 10.59 -17.44 -10.92
C ARG B 298 10.91 -16.53 -12.08
N ARG B 299 11.79 -15.57 -11.86
CA ARG B 299 12.06 -14.63 -12.93
C ARG B 299 12.84 -15.26 -14.07
N ILE B 300 13.71 -16.24 -13.78
CA ILE B 300 14.37 -17.00 -14.85
C ILE B 300 13.39 -17.93 -15.53
N LEU B 301 12.55 -18.63 -14.77
CA LEU B 301 11.56 -19.48 -15.41
C LEU B 301 10.61 -18.66 -16.25
N LEU B 302 10.32 -17.43 -15.84
CA LEU B 302 9.38 -16.61 -16.59
C LEU B 302 9.95 -16.18 -17.93
N LYS B 303 11.24 -15.86 -17.97
CA LYS B 303 11.90 -15.55 -19.23
C LYS B 303 11.96 -16.75 -20.15
N LEU B 304 12.20 -17.93 -19.60
CA LEU B 304 12.15 -19.12 -20.44
C LEU B 304 10.73 -19.41 -20.88
N ALA B 305 9.74 -19.20 -20.00
CA ALA B 305 8.36 -19.43 -20.39
C ALA B 305 7.97 -18.61 -21.60
N HIS B 306 8.51 -17.41 -21.71
CA HIS B 306 8.14 -16.42 -22.71
C HIS B 306 8.99 -16.55 -23.97
N ASP B 307 10.31 -16.69 -23.81
CA ASP B 307 11.18 -16.78 -24.98
C ASP B 307 11.33 -18.18 -25.54
N ALA B 308 11.01 -19.23 -24.79
CA ALA B 308 11.19 -20.56 -25.35
C ALA B 308 9.97 -21.44 -25.15
N SER B 309 8.80 -20.84 -24.93
CA SER B 309 7.57 -21.57 -24.65
C SER B 309 7.79 -22.75 -23.71
N LEU B 310 8.59 -22.55 -22.67
CA LEU B 310 9.02 -23.68 -21.85
C LEU B 310 7.85 -24.38 -21.20
N PHE B 311 6.78 -23.66 -20.97
CA PHE B 311 5.62 -24.25 -20.36
C PHE B 311 4.41 -24.22 -21.24
N GLY B 312 4.58 -24.04 -22.53
CA GLY B 312 3.46 -24.00 -23.43
C GLY B 312 3.45 -22.82 -24.34
N ASP B 313 2.31 -22.53 -24.91
CA ASP B 313 2.22 -21.46 -25.86
C ASP B 313 1.87 -20.19 -25.25
N VAL B 314 1.28 -20.29 -24.09
CA VAL B 314 0.88 -19.14 -23.36
C VAL B 314 1.56 -19.35 -22.07
N VAL B 315 2.19 -18.32 -21.57
CA VAL B 315 2.86 -18.40 -20.34
C VAL B 315 1.83 -18.59 -19.24
N PRO B 316 2.00 -19.60 -18.42
CA PRO B 316 1.04 -19.81 -17.35
C PRO B 316 0.94 -18.54 -16.54
N THR B 317 -0.28 -18.09 -16.30
CA THR B 317 -0.47 -16.75 -15.76
C THR B 317 0.05 -16.65 -14.32
N LYS B 318 -0.17 -17.67 -13.49
CA LYS B 318 0.36 -17.64 -12.12
C LYS B 318 1.86 -17.45 -12.12
N LEU B 319 2.54 -17.80 -13.20
CA LEU B 319 3.98 -17.65 -13.22
C LEU B 319 4.39 -16.19 -13.31
N GLU B 320 3.48 -15.29 -13.68
CA GLU B 320 3.78 -13.86 -13.76
C GLU B 320 3.52 -13.11 -12.47
N GLN B 321 3.12 -13.80 -11.42
CA GLN B 321 2.75 -13.18 -10.15
C GLN B 321 3.91 -13.20 -9.20
N ARG B 322 4.33 -12.04 -8.71
CA ARG B 322 5.56 -12.00 -7.94
C ARG B 322 5.41 -12.76 -6.64
N PHE B 323 6.49 -13.43 -6.25
CA PHE B 323 6.62 -14.22 -5.04
C PHE B 323 5.75 -15.45 -5.05
N ILE B 324 5.26 -15.87 -6.21
CA ILE B 324 4.43 -17.07 -6.24
C ILE B 324 5.25 -18.28 -5.86
N LEU B 325 6.52 -18.25 -6.19
CA LEU B 325 7.41 -19.35 -5.86
C LEU B 325 8.23 -18.96 -4.67
N ARG B 326 7.98 -19.58 -3.53
CA ARG B 326 8.70 -19.26 -2.35
C ARG B 326 9.93 -20.09 -2.38
N THR B 327 10.80 -20.07 -1.41
CA THR B 327 11.96 -20.91 -1.62
C THR B 327 11.92 -22.26 -0.93
N PRO B 328 11.14 -22.47 0.12
CA PRO B 328 10.82 -23.86 0.48
C PRO B 328 10.26 -24.65 -0.71
N ASP B 329 9.38 -24.03 -1.51
CA ASP B 329 8.92 -24.66 -2.74
C ASP B 329 10.09 -24.95 -3.65
N MET B 330 11.05 -24.07 -3.71
CA MET B 330 12.21 -24.27 -4.53
C MET B 330 13.07 -25.37 -3.97
N SER B 331 13.22 -25.44 -2.67
CA SER B 331 14.06 -26.47 -2.09
C SER B 331 13.43 -27.85 -2.30
N ALA B 332 12.11 -27.93 -2.21
CA ALA B 332 11.41 -29.19 -2.45
C ALA B 332 11.66 -29.69 -3.87
N MET B 333 11.58 -28.79 -4.85
CA MET B 333 11.87 -29.19 -6.21
C MET B 333 13.33 -29.54 -6.36
N HIS B 334 14.22 -28.76 -5.77
CA HIS B 334 15.64 -28.95 -6.01
C HIS B 334 16.15 -30.29 -5.52
N HIS B 335 15.50 -30.91 -4.53
CA HIS B 335 15.99 -32.12 -3.88
C HIS B 335 15.29 -33.38 -4.37
N ASP B 336 14.63 -33.33 -5.51
CA ASP B 336 13.86 -34.48 -5.98
C ASP B 336 14.79 -35.39 -6.78
N THR B 337 14.76 -36.67 -6.48
CA THR B 337 15.69 -37.59 -7.09
C THR B 337 15.01 -38.62 -7.97
N SER B 338 13.69 -38.58 -8.05
CA SER B 338 12.99 -39.45 -8.96
C SER B 338 13.50 -39.27 -10.38
N HIS B 339 13.49 -40.36 -11.15
CA HIS B 339 14.09 -40.39 -12.48
C HIS B 339 13.36 -39.48 -13.45
N ASP B 340 12.06 -39.28 -13.22
CA ASP B 340 11.25 -38.41 -14.05
C ASP B 340 10.87 -37.12 -13.33
N LEU B 341 11.48 -36.85 -12.19
CA LEU B 341 11.25 -35.62 -11.46
C LEU B 341 9.80 -35.41 -11.34
N LYS B 342 9.14 -36.37 -10.74
CA LYS B 342 7.72 -36.28 -10.60
C LYS B 342 7.29 -35.43 -9.46
N HIS B 343 8.11 -35.27 -8.45
CA HIS B 343 7.73 -34.42 -7.34
C HIS B 343 7.99 -32.97 -7.65
N LEU B 344 9.12 -32.71 -8.29
CA LEU B 344 9.42 -31.41 -8.72
C LEU B 344 8.40 -31.04 -9.76
N GLY B 345 7.67 -32.00 -10.30
CA GLY B 345 6.67 -31.72 -11.30
C GLY B 345 5.39 -31.52 -10.58
N ALA B 346 5.20 -32.29 -9.54
CA ALA B 346 4.00 -32.10 -8.72
C ALA B 346 3.94 -30.70 -8.12
N LYS B 347 5.09 -30.12 -7.78
CA LYS B 347 5.12 -28.75 -7.26
C LYS B 347 4.84 -27.74 -8.36
N LEU B 348 5.46 -27.91 -9.53
CA LEU B 348 5.22 -26.97 -10.62
C LEU B 348 3.75 -26.91 -11.02
N LYS B 349 2.97 -27.95 -10.85
CA LYS B 349 1.60 -27.82 -11.27
C LYS B 349 0.79 -27.11 -10.29
N ASP B 350 1.10 -27.25 -9.03
CA ASP B 350 0.37 -26.58 -8.00
C ASP B 350 0.66 -25.13 -8.07
N ILE B 351 1.95 -24.85 -8.16
CA ILE B 351 2.49 -23.54 -8.21
C ILE B 351 2.21 -22.81 -9.48
N LEU B 352 2.44 -23.43 -10.61
CA LEU B 352 2.27 -22.75 -11.87
C LEU B 352 0.90 -22.74 -12.48
N GLY B 353 0.02 -23.55 -11.96
CA GLY B 353 -1.32 -23.60 -12.49
C GLY B 353 -1.39 -24.25 -13.84
N VAL B 354 -0.54 -25.23 -14.06
CA VAL B 354 -0.51 -25.97 -15.28
C VAL B 354 -1.18 -27.30 -15.00
N ALA B 355 -1.29 -28.16 -15.99
CA ALA B 355 -1.90 -29.46 -15.78
C ALA B 355 -0.85 -30.54 -15.89
N ASP B 356 0.21 -30.24 -16.62
CA ASP B 356 1.32 -31.15 -16.79
C ASP B 356 2.43 -30.35 -17.38
N THR B 357 3.61 -30.89 -17.28
CA THR B 357 4.82 -30.21 -17.71
C THR B 357 5.66 -31.15 -18.57
N SER B 358 6.39 -30.57 -19.51
CA SER B 358 7.43 -31.29 -20.23
C SER B 358 8.38 -31.98 -19.27
N LEU B 359 9.25 -32.86 -19.77
CA LEU B 359 10.33 -33.35 -18.92
C LEU B 359 11.65 -32.68 -19.29
N GLU B 360 11.75 -32.19 -20.53
CA GLU B 360 12.66 -31.11 -20.83
C GLU B 360 12.47 -29.96 -19.85
N ALA B 361 11.22 -29.57 -19.61
CA ALA B 361 10.98 -28.43 -18.73
C ALA B 361 11.49 -28.69 -17.33
N ARG B 362 11.28 -29.91 -16.80
CA ARG B 362 11.63 -30.19 -15.40
C ARG B 362 13.11 -30.18 -15.18
N TYR B 363 13.89 -30.67 -16.14
CA TYR B 363 15.33 -30.65 -15.99
C TYR B 363 15.87 -29.23 -16.10
N ILE B 364 15.22 -28.39 -16.90
CA ILE B 364 15.63 -27.00 -16.97
C ILE B 364 15.31 -26.29 -15.67
N THR B 365 14.12 -26.51 -15.14
CA THR B 365 13.75 -26.00 -13.83
C THR B 365 14.77 -26.41 -12.79
N LEU B 366 15.17 -27.66 -12.82
CA LEU B 366 16.09 -28.11 -11.79
C LEU B 366 17.47 -27.51 -12.00
N HIS B 367 17.86 -27.25 -13.25
CA HIS B 367 19.15 -26.60 -13.47
C HIS B 367 19.09 -25.13 -13.05
N VAL B 368 17.92 -24.49 -13.18
CA VAL B 368 17.80 -23.10 -12.75
C VAL B 368 17.91 -23.01 -11.22
N CYS B 369 17.22 -23.90 -10.49
CA CYS B 369 17.37 -23.92 -9.05
C CYS B 369 18.82 -24.14 -8.65
N ASP B 370 19.54 -24.95 -9.40
CA ASP B 370 20.92 -25.26 -9.05
C ASP B 370 21.80 -24.03 -9.19
N LEU B 371 21.67 -23.30 -10.29
CA LEU B 371 22.49 -22.11 -10.49
C LEU B 371 22.21 -21.06 -9.44
N VAL B 372 20.94 -20.83 -9.12
CA VAL B 372 20.60 -19.77 -8.18
C VAL B 372 21.04 -20.14 -6.78
N ALA B 373 20.68 -21.34 -6.31
CA ALA B 373 21.06 -21.75 -4.96
C ALA B 373 22.57 -21.72 -4.81
N GLU B 374 23.29 -22.10 -5.86
CA GLU B 374 24.72 -22.25 -5.74
C GLU B 374 25.43 -20.92 -5.81
N ARG B 375 24.89 -19.95 -6.51
CA ARG B 375 25.50 -18.63 -6.41
C ARG B 375 25.28 -18.06 -5.02
N GLY B 376 24.12 -18.34 -4.43
CA GLY B 376 23.86 -17.85 -3.10
C GLY B 376 24.77 -18.50 -2.07
N ALA B 377 24.94 -19.81 -2.15
CA ALA B 377 25.76 -20.48 -1.15
C ALA B 377 27.22 -20.14 -1.32
N ARG B 378 27.68 -20.02 -2.55
CA ARG B 378 29.08 -19.70 -2.76
C ARG B 378 29.40 -18.29 -2.31
N LEU B 379 28.47 -17.35 -2.49
CA LEU B 379 28.70 -15.99 -2.03
C LEU B 379 28.63 -15.88 -0.52
N ALA B 380 27.72 -16.61 0.12
CA ALA B 380 27.70 -16.61 1.57
C ALA B 380 29.02 -17.15 2.12
N ALA B 381 29.56 -18.19 1.49
CA ALA B 381 30.85 -18.72 1.92
C ALA B 381 31.94 -17.66 1.81
N ALA B 382 31.95 -16.89 0.73
CA ALA B 382 32.93 -15.82 0.60
C ALA B 382 32.85 -14.84 1.75
N GLY B 383 31.63 -14.58 2.25
CA GLY B 383 31.49 -13.69 3.40
C GLY B 383 32.08 -14.31 4.65
N ILE B 384 31.67 -15.52 4.98
CA ILE B 384 32.22 -16.21 6.15
C ILE B 384 33.74 -16.21 6.08
N TYR B 385 34.29 -16.46 4.89
CA TYR B 385 35.72 -16.39 4.70
C TYR B 385 36.26 -15.00 5.02
N GLY B 386 35.58 -13.96 4.52
CA GLY B 386 35.99 -12.60 4.84
C GLY B 386 36.05 -12.32 6.32
N ILE B 387 35.09 -12.84 7.08
CA ILE B 387 35.12 -12.71 8.53
C ILE B 387 36.37 -13.38 9.09
N LEU B 388 36.63 -14.61 8.67
CA LEU B 388 37.81 -15.32 9.16
C LEU B 388 39.07 -14.54 8.85
N LYS B 389 39.13 -13.95 7.66
CA LYS B 389 40.27 -13.09 7.30
C LYS B 389 40.45 -11.98 8.32
N LYS B 390 39.36 -11.32 8.71
CA LYS B 390 39.51 -10.15 9.55
C LYS B 390 39.90 -10.54 10.95
N LEU B 391 39.62 -11.78 11.33
CA LEU B 391 40.12 -12.32 12.59
C LEU B 391 41.48 -12.98 12.44
N GLY B 392 42.10 -12.86 11.26
CA GLY B 392 43.39 -13.50 11.02
C GLY B 392 43.39 -14.99 11.20
N ARG B 393 42.22 -15.64 11.14
CA ARG B 393 42.14 -17.09 11.26
C ARG B 393 41.89 -17.77 9.93
N ASP B 394 42.24 -17.12 8.83
CA ASP B 394 42.21 -17.80 7.55
C ASP B 394 43.54 -18.44 7.23
N ARG B 395 44.53 -17.92 7.91
CA ARG B 395 45.87 -18.33 7.79
C ARG B 395 46.28 -19.15 8.99
N VAL B 396 47.41 -19.79 8.87
CA VAL B 396 47.88 -20.67 9.90
C VAL B 396 48.90 -20.01 10.82
N PRO B 397 49.03 -20.66 12.04
CA PRO B 397 49.99 -20.02 12.95
C PRO B 397 51.35 -19.71 12.31
N SER B 398 51.53 -18.43 12.02
CA SER B 398 52.73 -17.89 11.43
C SER B 398 54.01 -18.32 12.13
N ASP B 399 53.87 -19.16 13.15
CA ASP B 399 55.01 -19.62 13.90
C ASP B 399 55.02 -21.12 13.90
N GLY B 400 54.39 -21.63 14.93
CA GLY B 400 53.75 -20.73 15.85
C GLY B 400 52.73 -21.38 16.74
N SER B 401 52.12 -20.53 17.55
CA SER B 401 51.12 -20.94 18.50
C SER B 401 50.20 -21.94 17.87
N GLN B 402 49.98 -23.05 18.57
CA GLN B 402 49.14 -24.17 18.13
C GLN B 402 47.98 -23.71 17.29
N LYS B 403 47.54 -24.48 16.29
CA LYS B 403 46.40 -23.94 15.57
C LYS B 403 45.20 -23.84 16.49
N GLN B 404 44.45 -22.79 16.25
CA GLN B 404 43.42 -22.21 17.08
C GLN B 404 42.16 -23.07 16.84
N ARG B 405 41.10 -22.89 17.60
CA ARG B 405 39.84 -23.53 17.20
C ARG B 405 38.82 -22.42 17.09
N THR B 406 38.18 -22.30 15.94
CA THR B 406 37.29 -21.18 15.65
C THR B 406 35.93 -21.71 15.20
N VAL B 407 34.90 -21.51 16.02
CA VAL B 407 33.55 -22.01 15.73
C VAL B 407 32.68 -20.90 15.17
N ILE B 408 31.94 -21.21 14.10
CA ILE B 408 30.97 -20.31 13.50
C ILE B 408 29.57 -20.88 13.73
N ALA B 409 28.71 -20.13 14.42
CA ALA B 409 27.36 -20.57 14.67
C ALA B 409 26.44 -20.16 13.52
N LEU B 410 25.66 -21.11 13.02
CA LEU B 410 24.71 -20.80 11.96
C LEU B 410 23.29 -21.14 12.39
N ASP B 411 22.37 -20.34 11.89
CA ASP B 411 20.96 -20.61 12.04
C ASP B 411 20.28 -20.11 10.78
N GLY B 412 19.03 -20.50 10.61
CA GLY B 412 18.32 -20.12 9.41
C GLY B 412 17.87 -21.29 8.59
N GLY B 413 16.68 -21.17 8.01
CA GLY B 413 16.14 -22.25 7.20
C GLY B 413 17.00 -22.62 6.01
N LEU B 414 17.72 -21.65 5.45
CA LEU B 414 18.62 -21.96 4.36
C LEU B 414 19.70 -22.94 4.80
N TYR B 415 20.35 -22.66 5.92
CA TYR B 415 21.40 -23.56 6.35
C TYR B 415 20.87 -24.86 6.93
N GLU B 416 19.71 -24.82 7.58
CA GLU B 416 19.23 -25.96 8.33
C GLU B 416 18.32 -26.89 7.54
N HIS B 417 17.53 -26.37 6.60
CA HIS B 417 16.57 -27.22 5.91
C HIS B 417 16.71 -27.19 4.40
N TYR B 418 17.79 -26.64 3.87
CA TYR B 418 18.03 -26.63 2.44
C TYR B 418 19.37 -27.32 2.20
N LYS B 419 19.32 -28.62 1.93
CA LYS B 419 20.50 -29.44 2.15
C LYS B 419 21.54 -29.20 1.06
N LYS B 420 21.09 -28.94 -0.15
CA LYS B 420 22.00 -28.61 -1.22
C LYS B 420 22.64 -27.29 -0.96
N PHE B 421 21.92 -26.36 -0.35
CA PHE B 421 22.52 -25.08 0.02
C PHE B 421 23.63 -25.30 1.04
N ARG B 422 23.34 -26.03 2.12
CA ARG B 422 24.35 -26.22 3.17
C ARG B 422 25.63 -26.83 2.64
N THR B 423 25.53 -27.96 1.94
CA THR B 423 26.75 -28.65 1.55
C THR B 423 27.56 -27.82 0.58
N CYS B 424 26.90 -27.09 -0.30
CA CYS B 424 27.66 -26.22 -1.19
C CYS B 424 28.34 -25.10 -0.40
N LEU B 425 27.67 -24.59 0.64
CA LEU B 425 28.27 -23.57 1.50
C LEU B 425 29.52 -24.12 2.17
N GLU B 426 29.38 -25.27 2.84
CA GLU B 426 30.49 -25.84 3.59
C GLU B 426 31.60 -26.32 2.67
N ALA B 427 31.23 -26.85 1.50
CA ALA B 427 32.27 -27.25 0.56
C ALA B 427 33.05 -26.06 0.06
N THR B 428 32.37 -24.96 -0.29
CA THR B 428 33.10 -23.81 -0.80
C THR B 428 33.96 -23.16 0.27
N LEU B 429 33.45 -23.04 1.50
CA LEU B 429 34.27 -22.52 2.58
C LEU B 429 35.52 -23.39 2.78
N ALA B 430 35.35 -24.71 2.76
CA ALA B 430 36.48 -25.61 2.91
C ALA B 430 37.54 -25.33 1.86
N ASP B 431 37.12 -25.06 0.63
CA ASP B 431 38.09 -24.84 -0.42
C ASP B 431 38.68 -23.44 -0.37
N LEU B 432 37.95 -22.47 0.20
CA LEU B 432 38.51 -21.13 0.36
C LEU B 432 39.60 -21.13 1.43
N LEU B 433 39.28 -21.69 2.60
CA LEU B 433 40.32 -22.03 3.56
C LEU B 433 41.24 -23.04 2.91
N GLY B 434 42.45 -23.14 3.43
CA GLY B 434 43.31 -24.20 2.97
C GLY B 434 42.75 -25.55 3.32
N GLU B 435 43.52 -26.58 2.97
CA GLU B 435 43.16 -27.88 3.50
C GLU B 435 43.42 -27.89 4.99
N GLU B 436 44.44 -27.19 5.45
CA GLU B 436 44.74 -27.45 6.85
C GLU B 436 44.01 -26.48 7.75
N ALA B 437 43.76 -25.24 7.28
CA ALA B 437 42.96 -24.33 8.09
C ALA B 437 41.59 -24.91 8.39
N ALA B 438 41.00 -25.63 7.44
CA ALA B 438 39.66 -26.16 7.63
C ALA B 438 39.52 -26.97 8.92
N SER B 439 40.59 -27.63 9.36
CA SER B 439 40.50 -28.39 10.60
C SER B 439 40.33 -27.49 11.81
N SER B 440 40.75 -26.24 11.69
CA SER B 440 40.65 -25.29 12.78
C SER B 440 39.37 -24.47 12.78
N VAL B 441 38.46 -24.76 11.85
CA VAL B 441 37.22 -24.06 11.71
C VAL B 441 36.07 -25.02 11.75
N VAL B 442 35.14 -24.75 12.66
CA VAL B 442 33.97 -25.56 12.91
C VAL B 442 32.70 -24.79 12.62
N VAL B 443 31.79 -25.40 11.90
CA VAL B 443 30.57 -24.75 11.51
C VAL B 443 29.48 -25.57 12.08
N LYS B 444 28.51 -24.95 12.73
CA LYS B 444 27.44 -25.71 13.30
C LYS B 444 26.24 -24.95 13.81
N LEU B 445 25.12 -25.61 13.61
CA LEU B 445 23.82 -25.14 13.95
C LEU B 445 23.63 -24.79 15.41
N ALA B 446 22.87 -23.74 15.66
CA ALA B 446 22.53 -23.27 17.01
C ALA B 446 21.01 -23.15 17.06
N ASN B 447 20.35 -24.21 17.51
CA ASN B 447 18.89 -24.25 17.45
C ASN B 447 18.26 -23.16 18.32
N ASP B 448 17.25 -22.47 17.74
CA ASP B 448 16.55 -21.35 18.38
C ASP B 448 17.56 -20.45 19.09
N GLY B 449 18.70 -20.23 18.46
CA GLY B 449 19.81 -19.57 19.13
C GLY B 449 19.53 -18.14 19.54
N SER B 450 19.05 -17.30 18.61
CA SER B 450 18.93 -15.88 18.94
C SER B 450 18.01 -15.68 20.13
N GLY B 451 16.93 -16.43 20.24
CA GLY B 451 16.01 -16.24 21.32
C GLY B 451 16.49 -16.48 22.69
N ILE B 452 17.31 -17.48 22.85
CA ILE B 452 17.83 -17.82 24.13
C ILE B 452 19.01 -16.94 24.37
N GLY B 453 19.78 -16.65 23.35
CA GLY B 453 20.92 -15.77 23.50
C GLY B 453 20.55 -14.44 24.09
N ALA B 454 19.41 -13.90 23.69
CA ALA B 454 18.94 -12.66 24.30
C ALA B 454 18.60 -12.88 25.75
N ALA B 455 17.93 -14.00 26.05
CA ALA B 455 17.56 -14.32 27.42
C ALA B 455 18.77 -14.39 28.31
N LEU B 456 19.86 -14.99 27.82
CA LEU B 456 21.09 -15.05 28.60
C LEU B 456 21.72 -13.68 28.79
N LEU B 457 21.73 -12.86 27.73
CA LEU B 457 22.29 -11.52 27.89
C LEU B 457 21.43 -10.66 28.81
N ALA B 458 20.11 -10.88 28.83
CA ALA B 458 19.24 -10.20 29.78
C ALA B 458 19.53 -10.61 31.22
N ALA B 459 19.89 -11.87 31.43
CA ALA B 459 20.25 -12.33 32.77
C ALA B 459 21.48 -11.60 33.28
N SER B 460 22.57 -11.65 32.52
CA SER B 460 23.83 -11.03 32.92
C SER B 460 23.72 -9.52 33.04
N HIS B 461 22.53 -9.00 32.81
CA HIS B 461 22.33 -7.59 32.93
C HIS B 461 21.07 -7.31 33.70
N SER B 462 20.72 -8.20 34.61
CA SER B 462 19.50 -8.03 35.37
C SER B 462 19.42 -6.72 36.08
N GLN B 463 18.32 -6.49 36.79
CA GLN B 463 18.16 -5.21 37.47
C GLN B 463 18.16 -5.05 39.02
N TYR B 464 18.34 -6.05 39.87
CA TYR B 464 18.47 -7.47 39.66
C TYR B 464 17.18 -7.63 40.39
N ALA B 465 16.21 -6.88 39.90
CA ALA B 465 14.92 -6.65 40.54
C ALA B 465 13.77 -6.53 39.55
N GLU C 1 -17.34 -39.66 -9.52
CA GLU C 1 -16.07 -40.16 -9.02
C GLU C 1 -16.08 -40.27 -7.50
N GLU C 2 -14.97 -40.70 -6.90
CA GLU C 2 -14.76 -40.71 -5.44
C GLU C 2 -14.25 -39.38 -4.90
N ARG C 3 -13.84 -38.45 -5.78
CA ARG C 3 -13.70 -37.04 -5.39
C ARG C 3 -14.87 -36.64 -4.51
N ARG C 4 -16.08 -37.05 -4.89
CA ARG C 4 -17.29 -36.75 -4.13
C ARG C 4 -17.08 -37.08 -2.65
N ARG C 5 -16.35 -38.16 -2.38
CA ARG C 5 -16.03 -38.55 -1.01
C ARG C 5 -15.05 -37.59 -0.35
N ARG C 6 -13.97 -37.17 -1.04
CA ARG C 6 -13.03 -36.25 -0.40
C ARG C 6 -13.62 -34.85 -0.27
N ALA C 7 -14.47 -34.43 -1.21
CA ALA C 7 -15.19 -33.18 -1.03
C ALA C 7 -16.08 -33.25 0.20
N ALA C 8 -16.87 -34.32 0.33
CA ALA C 8 -17.76 -34.44 1.47
C ALA C 8 -17.02 -34.33 2.78
N ALA C 9 -15.76 -34.75 2.83
CA ALA C 9 -14.98 -34.60 4.05
C ALA C 9 -14.78 -33.12 4.39
N VAL C 10 -14.49 -32.31 3.38
CA VAL C 10 -14.29 -30.89 3.60
C VAL C 10 -15.60 -30.27 4.03
N ILE C 11 -16.67 -30.58 3.32
CA ILE C 11 -17.99 -30.09 3.68
C ILE C 11 -18.33 -30.50 5.09
N GLU C 12 -18.01 -31.73 5.47
CA GLU C 12 -18.45 -32.19 6.78
C GLU C 12 -17.75 -31.43 7.89
N GLU C 13 -16.55 -30.98 7.68
CA GLU C 13 -15.95 -30.25 8.74
C GLU C 13 -16.36 -28.81 8.90
N VAL C 14 -16.90 -28.25 7.85
CA VAL C 14 -17.36 -26.92 7.90
C VAL C 14 -18.60 -27.04 8.71
N GLU C 15 -19.46 -27.97 8.37
CA GLU C 15 -20.70 -28.18 9.06
C GLU C 15 -20.46 -28.29 10.55
N GLN C 16 -19.45 -29.06 10.92
CA GLN C 16 -19.08 -29.29 12.29
C GLN C 16 -18.53 -28.11 13.00
N ARG C 17 -17.78 -27.28 12.30
CA ARG C 17 -17.20 -26.12 12.93
C ARG C 17 -18.10 -24.92 12.99
N PHE C 18 -18.91 -24.72 11.97
CA PHE C 18 -19.84 -23.59 11.91
C PHE C 18 -21.13 -23.86 12.68
N SER C 19 -21.28 -25.04 13.26
CA SER C 19 -22.55 -25.45 13.84
C SER C 19 -22.92 -24.56 15.03
N THR C 20 -24.11 -24.00 14.99
CA THR C 20 -24.60 -23.11 16.04
C THR C 20 -25.89 -23.66 16.61
N PRO C 21 -25.78 -24.70 17.40
CA PRO C 21 -26.94 -25.25 18.06
C PRO C 21 -27.50 -24.23 19.00
N THR C 22 -28.80 -24.17 19.13
CA THR C 22 -29.44 -23.24 19.99
C THR C 22 -28.88 -23.16 21.37
N ALA C 23 -28.21 -24.18 21.83
CA ALA C 23 -27.66 -24.17 23.16
C ALA C 23 -26.41 -23.42 23.14
N LEU C 24 -25.74 -23.47 22.02
CA LEU C 24 -24.53 -22.68 21.93
C LEU C 24 -24.83 -21.21 21.72
N LEU C 25 -25.92 -20.88 21.03
CA LEU C 25 -26.30 -19.48 20.88
C LEU C 25 -26.68 -18.85 22.20
N ARG C 26 -27.37 -19.60 23.07
CA ARG C 26 -27.73 -19.07 24.39
C ARG C 26 -26.50 -18.80 25.23
N GLY C 27 -25.50 -19.67 25.15
CA GLY C 27 -24.27 -19.45 25.87
C GLY C 27 -23.51 -18.26 25.34
N ILE C 28 -23.55 -18.06 24.02
CA ILE C 28 -22.88 -16.90 23.46
C ILE C 28 -23.54 -15.62 23.93
N ALA C 29 -24.88 -15.59 23.94
CA ALA C 29 -25.58 -14.41 24.44
C ALA C 29 -25.25 -14.16 25.91
N ASP C 30 -25.08 -15.22 26.69
CA ASP C 30 -24.65 -15.00 28.06
C ASP C 30 -23.24 -14.43 28.09
N ALA C 31 -22.36 -14.92 27.21
CA ALA C 31 -21.04 -14.30 27.10
C ALA C 31 -21.14 -12.88 26.61
N MET C 32 -22.12 -12.57 25.75
CA MET C 32 -22.25 -11.21 25.26
C MET C 32 -22.66 -10.25 26.37
N VAL C 33 -23.53 -10.68 27.25
CA VAL C 33 -24.00 -9.88 28.36
C VAL C 33 -22.94 -9.66 29.40
N GLU C 34 -21.97 -10.54 29.49
CA GLU C 34 -20.92 -10.41 30.44
C GLU C 34 -19.93 -9.40 30.00
N GLU C 35 -19.69 -9.35 28.72
CA GLU C 35 -18.75 -8.44 28.16
C GLU C 35 -19.36 -7.10 28.07
N MET C 36 -20.65 -7.02 27.91
CA MET C 36 -21.19 -5.67 27.99
C MET C 36 -20.99 -5.09 29.36
N GLU C 37 -21.02 -5.91 30.40
CA GLU C 37 -20.81 -5.34 31.71
C GLU C 37 -19.35 -5.03 31.95
N ARG C 38 -18.43 -5.86 31.47
CA ARG C 38 -17.02 -5.52 31.55
C ARG C 38 -16.75 -4.14 30.94
N GLY C 39 -17.28 -3.90 29.75
CA GLY C 39 -17.05 -2.62 29.08
C GLY C 39 -17.72 -1.44 29.76
N LEU C 40 -18.82 -1.69 30.47
CA LEU C 40 -19.49 -0.60 31.14
C LEU C 40 -18.80 -0.21 32.44
N ARG C 41 -18.04 -1.11 33.05
CA ARG C 41 -17.22 -0.72 34.18
C ARG C 41 -15.82 -0.36 33.74
N ALA C 42 -15.59 -0.26 32.42
CA ALA C 42 -14.30 0.14 31.84
C ALA C 42 -13.17 -0.78 32.30
N ASP C 43 -13.38 -2.10 32.15
CA ASP C 43 -12.32 -3.07 32.39
C ASP C 43 -11.23 -2.86 31.35
N PRO C 44 -9.98 -2.99 31.72
CA PRO C 44 -8.90 -2.79 30.74
C PRO C 44 -9.04 -3.80 29.62
N HIS C 45 -8.93 -3.33 28.39
CA HIS C 45 -9.02 -4.22 27.23
C HIS C 45 -10.29 -5.04 27.26
N ALA C 46 -11.37 -4.46 27.69
CA ALA C 46 -12.63 -5.14 27.53
C ALA C 46 -12.91 -5.23 26.05
N PRO C 47 -13.27 -6.40 25.51
CA PRO C 47 -13.56 -6.47 24.07
C PRO C 47 -14.60 -5.48 23.58
N LEU C 48 -15.74 -5.40 24.28
CA LEU C 48 -16.80 -4.45 23.95
C LEU C 48 -16.47 -3.16 24.66
N LYS C 49 -16.20 -2.09 23.91
CA LYS C 49 -15.85 -0.84 24.54
C LYS C 49 -17.04 -0.13 25.16
N MET C 50 -18.27 -0.44 24.72
CA MET C 50 -19.47 0.18 25.25
C MET C 50 -19.30 1.67 25.45
N LEU C 51 -19.19 2.40 24.36
CA LEU C 51 -18.82 3.79 24.41
C LEU C 51 -20.00 4.67 24.72
N ILE C 52 -19.88 5.50 25.76
CA ILE C 52 -20.92 6.45 26.07
C ILE C 52 -21.03 7.47 24.95
N SER C 53 -22.22 7.64 24.42
CA SER C 53 -22.39 8.41 23.21
C SER C 53 -22.70 9.86 23.43
N TYR C 54 -23.09 10.26 24.64
CA TYR C 54 -23.52 11.60 25.02
C TYR C 54 -24.84 11.98 24.38
N VAL C 55 -25.58 11.01 23.91
CA VAL C 55 -26.85 11.28 23.38
C VAL C 55 -27.71 10.86 24.56
N ASP C 56 -28.24 11.88 25.22
CA ASP C 56 -29.06 11.79 26.42
C ASP C 56 -30.52 11.64 26.03
N ASN C 57 -30.98 12.65 25.30
CA ASN C 57 -32.33 12.74 24.83
C ASN C 57 -32.42 12.50 23.33
N LEU C 58 -33.25 11.55 22.93
CA LEU C 58 -33.45 11.14 21.54
C LEU C 58 -34.50 11.95 20.82
N PRO C 59 -34.64 11.81 19.50
CA PRO C 59 -35.64 12.65 18.81
C PRO C 59 -37.05 12.34 19.28
N THR C 60 -37.85 13.39 19.43
CA THR C 60 -39.21 13.23 19.93
C THR C 60 -40.26 13.32 18.83
N GLY C 61 -40.11 14.31 17.99
CA GLY C 61 -41.01 14.54 16.90
C GLY C 61 -41.16 16.01 16.68
N ASP C 62 -40.91 16.77 17.73
CA ASP C 62 -41.07 18.19 17.72
C ASP C 62 -39.87 18.95 17.25
N GLU C 63 -39.13 18.38 16.35
CA GLU C 63 -37.98 19.09 15.83
C GLU C 63 -38.37 19.87 14.59
N HIS C 64 -37.80 21.06 14.43
CA HIS C 64 -38.19 21.93 13.34
C HIS C 64 -36.97 22.70 12.93
N GLY C 65 -36.85 22.94 11.65
CA GLY C 65 -35.79 23.73 11.07
C GLY C 65 -35.12 22.97 9.94
N LEU C 66 -34.05 23.58 9.44
CA LEU C 66 -33.28 23.03 8.34
C LEU C 66 -31.96 22.57 8.90
N PHE C 67 -31.60 21.32 8.61
CA PHE C 67 -30.41 20.68 9.15
C PHE C 67 -29.84 19.72 8.12
N TYR C 68 -28.51 19.73 8.01
CA TYR C 68 -27.80 18.81 7.14
C TYR C 68 -27.26 17.65 7.96
N ALA C 69 -26.91 16.59 7.26
CA ALA C 69 -26.17 15.50 7.85
C ALA C 69 -25.14 15.02 6.85
N LEU C 70 -24.01 14.57 7.35
CA LEU C 70 -23.02 13.83 6.57
C LEU C 70 -22.86 12.47 7.21
N ASP C 71 -22.99 11.42 6.41
CA ASP C 71 -22.97 10.03 6.86
C ASP C 71 -21.79 9.34 6.18
N LEU C 72 -20.71 9.05 6.92
CA LEU C 72 -19.53 8.42 6.36
C LEU C 72 -19.47 6.96 6.77
N GLY C 73 -19.64 6.05 5.81
CA GLY C 73 -19.61 4.63 6.05
C GLY C 73 -18.36 3.97 5.49
N GLY C 74 -18.36 2.65 5.54
CA GLY C 74 -17.24 1.88 5.03
C GLY C 74 -17.14 1.76 3.52
N THR C 75 -18.21 2.02 2.81
CA THR C 75 -18.29 1.88 1.36
C THR C 75 -18.79 3.13 0.64
N ASN C 76 -19.74 3.85 1.23
CA ASN C 76 -20.32 5.05 0.64
C ASN C 76 -20.37 6.18 1.65
N PHE C 77 -20.74 7.37 1.20
CA PHE C 77 -21.15 8.40 2.13
C PHE C 77 -22.33 9.17 1.56
N ARG C 78 -23.26 9.56 2.43
CA ARG C 78 -24.41 10.35 1.99
C ARG C 78 -24.26 11.74 2.57
N VAL C 79 -24.61 12.76 1.81
CA VAL C 79 -24.88 14.09 2.34
C VAL C 79 -26.38 14.31 2.26
N ILE C 80 -26.97 14.73 3.38
CA ILE C 80 -28.41 14.77 3.52
C ILE C 80 -28.80 16.19 3.90
N ARG C 81 -30.07 16.51 3.69
CA ARG C 81 -30.59 17.84 3.92
C ARG C 81 -32.08 17.69 4.23
N VAL C 82 -32.50 18.07 5.42
CA VAL C 82 -33.91 17.94 5.79
C VAL C 82 -34.46 19.29 6.24
N GLN C 83 -35.76 19.50 6.01
CA GLN C 83 -36.50 20.60 6.61
C GLN C 83 -37.62 20.04 7.48
N LEU C 84 -37.52 20.26 8.78
CA LEU C 84 -38.47 19.70 9.72
C LEU C 84 -39.52 20.73 10.14
N GLY C 85 -40.72 20.24 10.43
CA GLY C 85 -41.86 21.11 10.65
C GLY C 85 -42.68 20.73 11.87
N GLY C 86 -42.00 20.36 12.94
CA GLY C 86 -42.68 20.15 14.20
C GLY C 86 -43.38 18.83 14.31
N ARG C 87 -44.13 18.71 15.41
CA ARG C 87 -44.82 17.48 15.74
C ARG C 87 -45.73 16.98 14.65
N GLU C 88 -46.37 17.84 13.89
CA GLU C 88 -47.24 17.25 12.91
C GLU C 88 -46.78 17.17 11.48
N LYS C 89 -45.91 18.05 11.04
CA LYS C 89 -45.51 18.04 9.64
C LYS C 89 -44.78 16.90 8.92
N ARG C 90 -43.61 16.41 9.27
CA ARG C 90 -42.70 16.80 10.31
C ARG C 90 -41.44 16.96 9.50
N VAL C 91 -41.12 15.98 8.66
CA VAL C 91 -40.01 16.06 7.72
C VAL C 91 -40.79 16.51 6.52
N VAL C 92 -40.58 17.74 6.10
CA VAL C 92 -41.36 18.31 5.04
C VAL C 92 -40.72 18.14 3.71
N SER C 93 -39.41 18.12 3.70
CA SER C 93 -38.66 17.95 2.49
C SER C 93 -37.37 17.29 2.88
N GLN C 94 -36.84 16.50 1.97
CA GLN C 94 -35.63 15.79 2.23
C GLN C 94 -34.87 15.68 0.94
N GLN C 95 -33.57 15.76 1.01
CA GLN C 95 -32.75 15.63 -0.15
C GLN C 95 -31.52 14.91 0.27
N TYR C 96 -31.10 13.99 -0.55
CA TYR C 96 -29.96 13.20 -0.24
C TYR C 96 -29.15 12.93 -1.44
N GLU C 97 -27.91 12.61 -1.19
CA GLU C 97 -27.04 12.25 -2.29
C GLU C 97 -25.93 11.36 -1.75
N GLU C 98 -25.79 10.18 -2.33
CA GLU C 98 -24.87 9.16 -1.86
C GLU C 98 -23.77 8.94 -2.89
N VAL C 99 -22.52 9.00 -2.46
CA VAL C 99 -21.36 8.86 -3.32
C VAL C 99 -20.58 7.64 -2.83
N ALA C 100 -20.03 6.87 -3.75
CA ALA C 100 -19.18 5.76 -3.35
C ALA C 100 -17.82 6.27 -2.96
N ILE C 101 -17.24 5.70 -1.89
CA ILE C 101 -15.92 6.12 -1.42
C ILE C 101 -14.86 5.48 -2.29
N PRO C 102 -14.05 6.26 -2.99
CA PRO C 102 -13.01 5.71 -3.83
C PRO C 102 -12.01 4.92 -3.00
N PRO C 103 -11.64 3.71 -3.45
CA PRO C 103 -10.86 2.83 -2.58
C PRO C 103 -9.58 3.42 -2.01
N HIS C 104 -8.85 4.26 -2.73
CA HIS C 104 -7.61 4.77 -2.15
C HIS C 104 -7.87 5.70 -0.98
N LEU C 105 -9.03 6.35 -0.93
CA LEU C 105 -9.24 7.25 0.20
C LEU C 105 -9.50 6.53 1.49
N MET C 106 -9.61 5.21 1.47
CA MET C 106 -9.73 4.41 2.68
C MET C 106 -8.39 4.09 3.33
N VAL C 107 -7.28 4.32 2.65
CA VAL C 107 -5.97 3.88 3.08
C VAL C 107 -4.94 4.92 2.65
N GLY C 108 -5.37 6.16 2.53
CA GLY C 108 -4.48 7.26 2.19
C GLY C 108 -4.19 8.20 3.34
N THR C 109 -4.17 9.51 3.12
CA THR C 109 -4.00 10.48 4.19
C THR C 109 -5.37 10.98 4.63
N SER C 110 -5.46 11.41 5.90
CA SER C 110 -6.80 11.77 6.34
C SER C 110 -7.24 13.10 5.71
N MET C 111 -6.30 13.94 5.30
CA MET C 111 -6.72 15.14 4.60
C MET C 111 -7.34 14.79 3.25
N GLU C 112 -6.80 13.77 2.59
CA GLU C 112 -7.36 13.37 1.31
C GLU C 112 -8.79 12.92 1.48
N LEU C 113 -9.07 12.16 2.53
CA LEU C 113 -10.42 11.65 2.74
C LEU C 113 -11.38 12.77 3.11
N PHE C 114 -11.00 13.60 4.07
CA PHE C 114 -11.92 14.65 4.45
C PHE C 114 -12.01 15.75 3.41
N ASP C 115 -11.01 15.92 2.55
CA ASP C 115 -11.16 16.92 1.49
C ASP C 115 -12.17 16.46 0.46
N PHE C 116 -12.16 15.16 0.13
CA PHE C 116 -13.07 14.61 -0.86
C PHE C 116 -14.51 14.74 -0.42
N ILE C 117 -14.75 14.41 0.84
CA ILE C 117 -16.09 14.47 1.42
C ILE C 117 -16.60 15.89 1.50
N ALA C 118 -15.80 16.75 2.11
CA ALA C 118 -16.20 18.14 2.22
C ALA C 118 -16.49 18.74 0.86
N ALA C 119 -15.78 18.29 -0.18
CA ALA C 119 -16.06 18.87 -1.50
C ALA C 119 -17.43 18.45 -2.03
N GLU C 120 -17.83 17.20 -1.77
CA GLU C 120 -19.18 16.78 -2.14
C GLU C 120 -20.24 17.54 -1.36
N LEU C 121 -20.00 17.74 -0.07
CA LEU C 121 -20.92 18.50 0.74
C LEU C 121 -21.03 19.92 0.22
N GLU C 122 -19.89 20.60 0.02
CA GLU C 122 -19.89 21.95 -0.51
C GLU C 122 -20.74 22.08 -1.78
N SER C 123 -20.62 21.14 -2.70
CA SER C 123 -21.36 21.34 -3.94
C SER C 123 -22.79 20.89 -3.82
N PHE C 124 -23.08 20.06 -2.81
CA PHE C 124 -24.46 19.70 -2.53
C PHE C 124 -25.21 20.83 -1.82
N VAL C 125 -24.56 21.55 -0.88
CA VAL C 125 -25.28 22.66 -0.25
C VAL C 125 -25.46 23.80 -1.21
N LYS C 126 -24.75 23.78 -2.33
CA LYS C 126 -24.94 24.80 -3.34
C LYS C 126 -26.10 24.52 -4.27
N THR C 127 -26.67 23.31 -4.22
CA THR C 127 -27.89 23.00 -4.98
C THR C 127 -29.14 23.18 -4.15
N GLU C 128 -29.03 23.75 -2.97
CA GLU C 128 -30.16 24.12 -2.16
C GLU C 128 -30.63 25.42 -2.80
N GLY C 129 -31.91 25.63 -3.11
CA GLY C 129 -33.06 24.80 -2.82
C GLY C 129 -34.12 25.74 -2.24
N GLU C 130 -35.27 25.90 -2.87
CA GLU C 130 -36.28 26.78 -2.30
C GLU C 130 -37.24 26.03 -1.39
N ASP C 131 -37.17 24.70 -1.38
CA ASP C 131 -37.86 23.92 -0.38
C ASP C 131 -37.15 23.93 0.96
N PHE C 132 -35.94 24.47 1.04
CA PHE C 132 -35.21 24.57 2.29
C PHE C 132 -34.88 26.02 2.57
N HIS C 133 -35.04 26.40 3.84
CA HIS C 133 -34.77 27.73 4.32
C HIS C 133 -34.17 27.77 5.69
N LEU C 134 -33.28 28.73 5.82
CA LEU C 134 -32.54 28.98 6.99
C LEU C 134 -32.69 30.45 7.31
N PRO C 135 -33.27 30.75 8.53
CA PRO C 135 -33.41 32.19 8.84
C PRO C 135 -32.26 33.11 8.49
N GLU C 136 -32.52 34.35 8.17
CA GLU C 136 -31.39 35.16 7.78
C GLU C 136 -30.38 35.29 8.89
N GLY C 137 -29.12 35.35 8.51
CA GLY C 137 -28.03 35.48 9.45
C GLY C 137 -27.72 34.28 10.31
N ARG C 138 -27.73 33.10 9.71
CA ARG C 138 -27.46 31.87 10.46
C ARG C 138 -26.46 31.00 9.82
N GLN C 139 -25.88 30.15 10.64
CA GLN C 139 -24.94 29.18 10.21
C GLN C 139 -25.73 27.92 10.09
N ARG C 140 -25.34 27.10 9.16
CA ARG C 140 -25.95 25.81 8.92
C ARG C 140 -25.26 24.79 9.81
N GLU C 141 -26.05 23.93 10.43
CA GLU C 141 -25.57 22.95 11.38
C GLU C 141 -25.75 21.55 10.83
N LEU C 142 -24.83 20.68 11.18
CA LEU C 142 -24.67 19.39 10.54
C LEU C 142 -24.56 18.32 11.61
N GLY C 143 -25.20 17.17 11.35
CA GLY C 143 -24.97 15.98 12.13
C GLY C 143 -24.04 15.05 11.38
N PHE C 144 -23.03 14.56 12.08
CA PHE C 144 -21.99 13.75 11.47
C PHE C 144 -22.15 12.32 11.95
N THR C 145 -22.48 11.41 11.03
CA THR C 145 -22.47 9.97 11.32
C THR C 145 -21.13 9.39 10.92
N PHE C 146 -20.44 8.77 11.87
CA PHE C 146 -19.10 8.24 11.66
C PHE C 146 -19.11 6.75 12.01
N SER C 147 -19.05 5.89 11.01
CA SER C 147 -19.18 4.44 11.22
C SER C 147 -17.92 3.79 11.75
N PHE C 148 -17.24 4.39 12.71
CA PHE C 148 -16.02 3.83 13.24
C PHE C 148 -15.99 4.11 14.73
N PRO C 149 -15.22 3.35 15.50
CA PRO C 149 -15.22 3.55 16.97
C PRO C 149 -14.60 4.88 17.39
N VAL C 150 -15.36 5.67 18.15
CA VAL C 150 -14.91 6.97 18.64
C VAL C 150 -15.05 7.03 20.14
N HIS C 151 -13.98 7.40 20.83
CA HIS C 151 -14.06 7.74 22.23
C HIS C 151 -14.69 9.12 22.34
N GLN C 152 -15.93 9.19 22.78
CA GLN C 152 -16.66 10.46 22.73
C GLN C 152 -16.30 11.33 23.90
N THR C 153 -16.29 12.62 23.66
CA THR C 153 -15.95 13.59 24.69
C THR C 153 -17.06 14.58 24.95
N SER C 154 -18.02 14.70 24.04
CA SER C 154 -19.19 15.54 24.16
C SER C 154 -20.08 15.12 23.01
N ILE C 155 -21.30 15.66 22.96
CA ILE C 155 -22.20 15.28 21.89
C ILE C 155 -21.63 15.56 20.51
N SER C 156 -20.62 16.40 20.41
CA SER C 156 -20.15 16.78 19.09
C SER C 156 -18.63 16.72 18.98
N SER C 157 -17.95 16.04 19.89
CA SER C 157 -16.51 15.86 19.83
C SER C 157 -16.11 14.45 20.25
N GLY C 158 -15.05 13.94 19.64
CA GLY C 158 -14.57 12.64 20.02
C GLY C 158 -13.36 12.23 19.22
N THR C 159 -12.52 11.38 19.77
CA THR C 159 -11.31 10.93 19.10
C THR C 159 -11.47 9.53 18.53
N LEU C 160 -10.76 9.25 17.45
CA LEU C 160 -10.80 7.94 16.81
C LEU C 160 -10.01 6.92 17.62
N ILE C 161 -10.60 5.73 17.81
CA ILE C 161 -9.93 4.64 18.50
C ILE C 161 -9.16 3.76 17.54
N LYS C 162 -9.80 3.34 16.47
CA LYS C 162 -9.17 2.49 15.48
C LYS C 162 -10.07 2.53 14.27
N TRP C 163 -9.49 2.24 13.12
CA TRP C 163 -10.33 2.03 11.96
C TRP C 163 -10.83 0.61 11.94
N THR C 164 -11.85 0.37 11.13
CA THR C 164 -12.35 -0.98 10.94
C THR C 164 -12.70 -1.16 9.46
N LYS C 165 -13.16 -2.32 9.11
CA LYS C 165 -13.57 -2.57 7.79
C LYS C 165 -12.43 -2.39 6.86
N GLY C 166 -12.60 -1.64 5.78
CA GLY C 166 -11.53 -1.54 4.83
C GLY C 166 -10.73 -0.27 4.95
N PHE C 167 -10.86 0.38 6.09
CA PHE C 167 -10.20 1.65 6.33
C PHE C 167 -8.92 1.46 7.14
N SER C 168 -7.86 2.16 6.75
CA SER C 168 -6.65 2.18 7.56
C SER C 168 -5.84 3.40 7.11
N ILE C 169 -6.03 4.51 7.80
CA ILE C 169 -5.43 5.79 7.50
C ILE C 169 -4.54 6.18 8.67
N ASN C 170 -3.25 6.32 8.42
CA ASN C 170 -2.33 6.77 9.45
C ASN C 170 -2.65 8.18 9.92
N GLY C 171 -2.25 8.47 11.15
CA GLY C 171 -2.35 9.82 11.62
C GLY C 171 -3.73 10.24 11.99
N THR C 172 -4.65 9.29 12.14
CA THR C 172 -5.97 9.64 12.64
C THR C 172 -6.30 9.03 13.99
N VAL C 173 -5.69 7.92 14.37
CA VAL C 173 -5.96 7.39 15.70
C VAL C 173 -5.58 8.43 16.74
N GLY C 174 -6.49 8.71 17.65
CA GLY C 174 -6.25 9.67 18.69
C GLY C 174 -6.67 11.09 18.37
N GLU C 175 -6.97 11.41 17.10
CA GLU C 175 -7.34 12.78 16.74
C GLU C 175 -8.85 12.96 16.77
N ASP C 176 -9.27 14.19 16.98
CA ASP C 176 -10.69 14.45 17.05
C ASP C 176 -11.28 14.42 15.64
N VAL C 177 -12.23 13.51 15.41
CA VAL C 177 -12.72 13.40 14.05
C VAL C 177 -13.57 14.59 13.65
N VAL C 178 -14.13 15.34 14.60
CA VAL C 178 -14.90 16.51 14.18
C VAL C 178 -13.97 17.67 13.79
N ALA C 179 -12.82 17.80 14.45
CA ALA C 179 -11.86 18.81 14.03
C ALA C 179 -11.36 18.54 12.62
N GLU C 180 -11.15 17.25 12.30
CA GLU C 180 -10.65 16.85 10.99
C GLU C 180 -11.64 17.21 9.90
N LEU C 181 -12.93 17.03 10.15
CA LEU C 181 -13.92 17.39 9.16
C LEU C 181 -14.14 18.90 9.11
N SER C 182 -13.99 19.60 10.22
CA SER C 182 -14.19 21.04 10.15
C SER C 182 -13.04 21.72 9.42
N ARG C 183 -11.80 21.26 9.58
CA ARG C 183 -10.79 21.91 8.73
C ARG C 183 -11.04 21.65 7.26
N ALA C 184 -11.56 20.47 6.91
CA ALA C 184 -11.86 20.19 5.51
C ALA C 184 -12.93 21.12 4.95
N MET C 185 -13.92 21.45 5.77
CA MET C 185 -15.01 22.28 5.32
C MET C 185 -14.61 23.73 5.24
N GLU C 186 -13.72 24.20 6.11
CA GLU C 186 -13.28 25.56 5.95
C GLU C 186 -12.32 25.69 4.78
N ARG C 187 -11.58 24.65 4.44
CA ARG C 187 -10.81 24.75 3.22
C ARG C 187 -11.66 24.83 1.98
N GLN C 188 -12.97 24.63 2.10
CA GLN C 188 -13.79 24.41 0.93
C GLN C 188 -14.60 25.53 0.27
N GLY C 189 -14.92 26.64 0.93
CA GLY C 189 -14.78 26.83 2.33
C GLY C 189 -16.22 27.10 2.62
N LEU C 190 -16.85 26.29 3.43
CA LEU C 190 -18.26 26.44 3.67
C LEU C 190 -18.49 26.67 5.15
N ASP C 191 -19.47 27.50 5.44
CA ASP C 191 -19.74 27.90 6.82
C ASP C 191 -20.77 26.93 7.37
N MET C 192 -20.29 25.85 7.94
CA MET C 192 -21.16 24.86 8.56
C MET C 192 -20.55 24.44 9.88
N LYS C 193 -21.38 24.32 10.90
CA LYS C 193 -20.93 23.91 12.22
C LYS C 193 -21.50 22.53 12.52
N VAL C 194 -20.63 21.59 12.89
CA VAL C 194 -21.06 20.24 13.28
C VAL C 194 -21.55 20.27 14.71
N THR C 195 -22.82 19.96 14.93
CA THR C 195 -23.34 20.04 16.28
C THR C 195 -23.61 18.68 16.92
N ALA C 196 -23.48 17.58 16.18
CA ALA C 196 -23.65 16.26 16.77
C ALA C 196 -22.72 15.27 16.05
N LEU C 197 -21.98 14.47 16.82
CA LEU C 197 -21.14 13.40 16.28
C LEU C 197 -21.66 12.08 16.82
N VAL C 198 -22.02 11.18 15.91
CA VAL C 198 -22.67 9.94 16.29
C VAL C 198 -22.17 8.81 15.42
N ASN C 199 -22.21 7.61 15.98
CA ASN C 199 -21.91 6.43 15.20
C ASN C 199 -23.17 5.96 14.47
N ASP C 200 -22.98 5.15 13.43
CA ASP C 200 -24.12 4.80 12.61
C ASP C 200 -25.16 3.99 13.38
N THR C 201 -24.76 3.26 14.42
CA THR C 201 -25.75 2.62 15.27
C THR C 201 -26.55 3.64 16.07
N VAL C 202 -25.86 4.61 16.66
CA VAL C 202 -26.55 5.63 17.44
C VAL C 202 -27.46 6.46 16.54
N GLY C 203 -27.00 6.81 15.34
CA GLY C 203 -27.86 7.54 14.42
C GLY C 203 -29.08 6.73 14.00
N THR C 204 -28.90 5.45 13.69
CA THR C 204 -30.05 4.65 13.30
C THR C 204 -31.07 4.60 14.42
N LEU C 205 -30.60 4.39 15.66
CA LEU C 205 -31.52 4.31 16.78
C LEU C 205 -32.20 5.64 17.04
N ALA C 206 -31.51 6.74 16.81
CA ALA C 206 -32.17 8.04 16.87
C ALA C 206 -33.16 8.17 15.74
N GLY C 207 -32.72 7.87 14.51
CA GLY C 207 -33.64 7.91 13.39
C GLY C 207 -34.84 7.00 13.59
N GLY C 208 -34.65 5.90 14.30
CA GLY C 208 -35.74 4.98 14.49
C GLY C 208 -36.77 5.43 15.50
N ARG C 209 -36.32 5.99 16.62
CA ARG C 209 -37.27 6.45 17.63
C ARG C 209 -38.02 7.70 17.19
N TYR C 210 -37.53 8.38 16.17
CA TYR C 210 -38.28 9.48 15.61
C TYR C 210 -39.67 9.05 15.11
N VAL C 211 -39.80 7.82 14.61
CA VAL C 211 -41.05 7.36 14.04
C VAL C 211 -41.80 6.40 14.96
N ASP C 212 -41.10 5.66 15.81
CA ASP C 212 -41.71 4.68 16.69
C ASP C 212 -41.14 4.88 18.07
N ASN C 213 -42.00 5.06 19.04
CA ASN C 213 -41.47 5.53 20.30
C ASN C 213 -40.87 4.41 21.13
N ASP C 214 -40.93 3.17 20.66
CA ASP C 214 -40.49 2.04 21.44
C ASP C 214 -39.14 1.51 21.03
N VAL C 215 -38.45 2.19 20.11
CA VAL C 215 -37.13 1.76 19.69
C VAL C 215 -36.20 1.76 20.90
N ALA C 216 -35.68 0.60 21.23
CA ALA C 216 -34.78 0.48 22.34
C ALA C 216 -33.36 0.14 21.91
N ALA C 217 -33.14 -0.18 20.63
CA ALA C 217 -31.80 -0.52 20.15
C ALA C 217 -31.78 -0.45 18.63
N ALA C 218 -30.59 -0.36 18.09
CA ALA C 218 -30.44 -0.36 16.65
C ALA C 218 -29.30 -1.31 16.29
N VAL C 219 -29.49 -2.12 15.26
CA VAL C 219 -28.46 -3.07 14.85
C VAL C 219 -28.13 -2.85 13.39
N ILE C 220 -26.84 -2.72 13.08
CA ILE C 220 -26.39 -2.66 11.70
C ILE C 220 -25.86 -4.02 11.33
N LEU C 221 -26.36 -4.55 10.21
CA LEU C 221 -25.88 -5.77 9.57
C LEU C 221 -25.62 -5.40 8.11
N GLY C 222 -24.49 -4.78 7.86
CA GLY C 222 -24.14 -4.29 6.55
C GLY C 222 -22.73 -4.72 6.22
N THR C 223 -21.98 -3.81 5.61
CA THR C 223 -20.57 -4.07 5.37
C THR C 223 -19.82 -4.31 6.67
N GLY C 224 -20.25 -3.69 7.77
CA GLY C 224 -19.79 -4.05 9.10
C GLY C 224 -20.95 -4.51 9.98
N THR C 225 -20.69 -4.75 11.24
CA THR C 225 -21.72 -5.10 12.17
C THR C 225 -21.50 -4.43 13.52
N ASN C 226 -22.53 -3.86 14.09
CA ASN C 226 -22.47 -3.24 15.37
C ASN C 226 -23.82 -3.00 15.91
N ALA C 227 -23.88 -2.56 17.15
CA ALA C 227 -25.16 -2.31 17.77
C ALA C 227 -25.18 -1.25 18.83
N ALA C 228 -26.31 -0.61 18.99
CA ALA C 228 -26.46 0.37 20.05
C ALA C 228 -27.77 0.14 20.75
N TYR C 229 -27.84 0.52 22.01
CA TYR C 229 -29.03 0.32 22.80
C TYR C 229 -29.04 1.35 23.92
N VAL C 230 -30.21 1.51 24.51
CA VAL C 230 -30.45 2.49 25.55
C VAL C 230 -30.22 1.82 26.90
N GLU C 231 -29.21 2.28 27.63
CA GLU C 231 -28.84 1.67 28.90
C GLU C 231 -29.22 2.56 30.07
N HIS C 232 -29.47 1.94 31.22
CA HIS C 232 -29.80 2.69 32.42
C HIS C 232 -28.52 3.25 33.00
N ALA C 233 -28.51 4.56 33.29
CA ALA C 233 -27.28 5.16 33.77
C ALA C 233 -26.77 4.48 35.03
N ASN C 234 -27.66 4.02 35.90
CA ASN C 234 -27.20 3.36 37.10
C ASN C 234 -26.58 2.00 36.83
N ALA C 235 -26.55 1.52 35.59
CA ALA C 235 -25.86 0.29 35.21
C ALA C 235 -24.54 0.55 34.52
N ILE C 236 -24.06 1.78 34.51
CA ILE C 236 -22.83 2.17 33.84
C ILE C 236 -21.86 2.65 34.93
N PRO C 237 -21.16 1.74 35.60
CA PRO C 237 -20.25 2.17 36.67
C PRO C 237 -19.23 3.20 36.19
N LYS C 238 -18.72 3.05 34.98
CA LYS C 238 -17.71 3.99 34.53
C LYS C 238 -18.24 5.38 34.33
N TRP C 239 -19.52 5.65 34.59
CA TRP C 239 -20.06 6.96 34.34
C TRP C 239 -19.79 7.86 35.53
N THR C 240 -19.36 9.07 35.27
CA THR C 240 -19.02 10.04 36.30
C THR C 240 -19.81 11.31 36.05
N GLY C 241 -20.49 11.79 37.04
CA GLY C 241 -21.24 13.01 36.87
C GLY C 241 -22.73 12.81 37.12
N LEU C 242 -23.48 13.85 36.84
CA LEU C 242 -24.90 13.85 37.13
C LEU C 242 -25.65 12.80 36.32
N LEU C 243 -26.66 12.23 36.94
CA LEU C 243 -27.56 11.33 36.25
C LEU C 243 -28.32 12.11 35.17
N PRO C 244 -28.62 11.46 34.07
CA PRO C 244 -29.32 12.10 32.99
C PRO C 244 -30.75 12.20 33.34
N ARG C 245 -31.35 13.30 32.96
CA ARG C 245 -32.73 13.53 33.25
C ARG C 245 -33.60 12.32 32.91
N SER C 246 -33.34 11.69 31.78
CA SER C 246 -34.10 10.55 31.32
C SER C 246 -33.74 9.28 31.98
N GLY C 247 -32.70 9.31 32.78
CA GLY C 247 -32.25 8.14 33.48
C GLY C 247 -31.52 7.13 32.63
N ASN C 248 -31.34 7.39 31.33
CA ASN C 248 -30.65 6.50 30.43
C ASN C 248 -29.62 7.24 29.61
N MET C 249 -28.84 6.44 28.86
CA MET C 249 -27.68 6.83 28.06
C MET C 249 -27.57 5.84 26.90
N VAL C 250 -27.38 6.32 25.69
CA VAL C 250 -27.27 5.45 24.53
C VAL C 250 -25.83 4.98 24.39
N ILE C 251 -25.62 3.67 24.36
CA ILE C 251 -24.29 3.09 24.35
C ILE C 251 -24.05 2.48 22.98
N ASN C 252 -22.91 2.80 22.39
CA ASN C 252 -22.40 2.16 21.18
C ASN C 252 -21.56 0.97 21.59
N MET C 253 -22.07 -0.24 21.39
CA MET C 253 -21.39 -1.42 21.92
C MET C 253 -20.05 -1.66 21.23
N GLU C 254 -19.97 -1.42 19.93
CA GLU C 254 -18.82 -1.82 19.14
C GLU C 254 -18.61 -3.33 19.24
N TRP C 255 -19.68 -4.10 18.95
CA TRP C 255 -19.69 -5.53 19.24
C TRP C 255 -18.96 -6.34 18.19
N GLY C 256 -18.64 -5.77 17.04
CA GLY C 256 -17.84 -6.47 16.04
C GLY C 256 -16.56 -6.97 16.63
N ASN C 257 -16.12 -6.34 17.72
CA ASN C 257 -14.91 -6.72 18.43
C ASN C 257 -15.11 -7.84 19.42
N PHE C 258 -16.35 -8.25 19.66
CA PHE C 258 -16.62 -9.42 20.47
C PHE C 258 -15.75 -10.60 20.03
N LYS C 259 -15.10 -11.23 20.99
CA LYS C 259 -14.43 -12.49 20.78
C LYS C 259 -14.73 -13.31 22.02
N SER C 260 -14.87 -14.61 21.83
CA SER C 260 -15.27 -15.49 22.90
C SER C 260 -14.94 -16.89 22.44
N GLU C 261 -14.24 -17.64 23.25
CA GLU C 261 -13.89 -18.96 22.86
C GLU C 261 -15.08 -19.80 22.48
N ARG C 262 -16.29 -19.29 22.62
CA ARG C 262 -17.50 -20.01 22.29
C ARG C 262 -17.99 -19.75 20.91
N LEU C 263 -17.35 -18.85 20.21
CA LEU C 263 -17.68 -18.53 18.84
C LEU C 263 -17.24 -19.68 17.94
N PRO C 264 -18.10 -20.23 17.16
CA PRO C 264 -17.71 -21.39 16.34
C PRO C 264 -16.89 -21.02 15.13
N ARG C 265 -15.57 -20.97 15.27
CA ARG C 265 -14.70 -20.53 14.20
C ARG C 265 -13.92 -21.70 13.64
N SER C 266 -13.27 -21.43 12.51
CA SER C 266 -12.57 -22.45 11.75
C SER C 266 -11.24 -21.89 11.28
N ASP C 267 -10.49 -22.73 10.58
CA ASP C 267 -9.23 -22.28 10.01
C ASP C 267 -9.44 -21.29 8.87
N TYR C 268 -10.60 -21.35 8.20
CA TYR C 268 -10.89 -20.32 7.22
C TYR C 268 -11.05 -18.97 7.90
N ASP C 269 -11.50 -18.97 9.14
CA ASP C 269 -11.65 -17.72 9.89
C ASP C 269 -10.31 -17.20 10.34
N ASN C 270 -9.40 -18.09 10.75
CA ASN C 270 -8.05 -17.66 11.13
C ASN C 270 -7.27 -17.17 9.93
N ALA C 271 -7.42 -17.83 8.79
CA ALA C 271 -6.74 -17.39 7.58
C ALA C 271 -7.22 -16.02 7.12
N LEU C 272 -8.54 -15.84 7.03
CA LEU C 272 -9.08 -14.53 6.66
C LEU C 272 -8.52 -13.45 7.56
N ASP C 273 -8.52 -13.70 8.87
CA ASP C 273 -8.08 -12.70 9.81
C ASP C 273 -6.59 -12.43 9.69
N PHE C 274 -5.82 -13.48 9.42
CA PHE C 274 -4.38 -13.34 9.27
C PHE C 274 -4.02 -12.42 8.10
N GLU C 275 -4.86 -12.32 7.09
CA GLU C 275 -4.59 -11.48 5.95
C GLU C 275 -5.48 -10.26 5.91
N SER C 276 -6.16 -9.94 7.00
CA SER C 276 -7.06 -8.80 6.97
C SER C 276 -6.27 -7.54 7.20
N LEU C 277 -6.94 -6.42 6.99
CA LEU C 277 -6.31 -5.11 7.15
C LEU C 277 -6.12 -4.74 8.59
N ASN C 278 -6.80 -5.43 9.50
CA ASN C 278 -6.75 -5.17 10.95
C ASN C 278 -6.65 -6.49 11.71
N PRO C 279 -5.55 -7.23 11.52
CA PRO C 279 -5.50 -8.61 12.03
C PRO C 279 -5.68 -8.72 13.53
N GLY C 280 -6.59 -9.59 13.94
CA GLY C 280 -6.91 -9.85 15.33
C GLY C 280 -8.04 -9.03 15.91
N GLU C 281 -8.50 -8.03 15.20
CA GLU C 281 -9.53 -7.11 15.65
C GLU C 281 -10.82 -7.50 14.96
N GLN C 282 -11.92 -7.21 15.61
CA GLN C 282 -13.23 -7.41 15.02
C GLN C 282 -13.50 -8.87 14.69
N ILE C 283 -13.16 -9.78 15.61
CA ILE C 283 -13.31 -11.21 15.37
C ILE C 283 -14.76 -11.54 15.06
N TYR C 284 -15.66 -11.17 15.96
CA TYR C 284 -17.09 -11.44 15.77
C TYR C 284 -17.58 -10.90 14.44
N GLU C 285 -17.21 -9.68 14.09
CA GLU C 285 -17.71 -9.07 12.86
C GLU C 285 -17.35 -9.90 11.63
N LYS C 286 -16.13 -10.45 11.60
CA LYS C 286 -15.59 -11.18 10.46
C LYS C 286 -16.23 -12.54 10.25
N MET C 287 -17.14 -12.94 11.13
CA MET C 287 -17.97 -14.10 10.95
C MET C 287 -19.34 -13.72 10.46
N ILE C 288 -19.63 -12.42 10.38
CA ILE C 288 -21.01 -11.98 10.23
C ILE C 288 -21.17 -11.01 9.08
N SER C 289 -20.26 -10.05 9.01
CA SER C 289 -20.45 -8.83 8.23
C SER C 289 -20.30 -9.05 6.72
N GLY C 290 -20.95 -8.20 5.94
CA GLY C 290 -20.89 -8.30 4.50
C GLY C 290 -19.52 -8.08 3.91
N MET C 291 -18.62 -7.45 4.61
CA MET C 291 -17.28 -7.34 4.04
C MET C 291 -16.58 -8.67 4.01
N TYR C 292 -17.11 -9.68 4.70
CA TYR C 292 -16.37 -10.89 4.99
C TYR C 292 -17.04 -12.18 4.56
N LEU C 293 -18.36 -12.23 4.50
CA LEU C 293 -19.01 -13.51 4.21
C LEU C 293 -18.56 -14.04 2.86
N GLY C 294 -18.68 -13.22 1.82
CA GLY C 294 -18.31 -13.63 0.49
C GLY C 294 -16.90 -14.17 0.44
N GLU C 295 -16.01 -13.62 1.25
CA GLU C 295 -14.65 -14.10 1.27
C GLU C 295 -14.53 -15.41 2.04
N ILE C 296 -15.41 -15.68 3.00
CA ILE C 296 -15.40 -17.00 3.63
C ILE C 296 -15.76 -18.08 2.63
N VAL C 297 -16.82 -17.89 1.85
CA VAL C 297 -17.20 -18.91 0.87
C VAL C 297 -16.08 -19.09 -0.15
N ARG C 298 -15.44 -18.01 -0.60
CA ARG C 298 -14.32 -18.17 -1.51
C ARG C 298 -13.28 -19.11 -0.93
N ARG C 299 -12.99 -18.99 0.35
CA ARG C 299 -11.90 -19.81 0.89
C ARG C 299 -12.31 -21.28 1.06
N ILE C 300 -13.58 -21.55 1.35
CA ILE C 300 -14.05 -22.92 1.40
C ILE C 300 -14.06 -23.52 0.00
N LEU C 301 -14.61 -22.78 -0.97
CA LEU C 301 -14.63 -23.26 -2.35
C LEU C 301 -13.22 -23.49 -2.90
N LEU C 302 -12.23 -22.72 -2.44
CA LEU C 302 -10.88 -22.94 -2.95
C LEU C 302 -10.30 -24.22 -2.37
N LYS C 303 -10.63 -24.53 -1.12
CA LYS C 303 -10.21 -25.81 -0.54
C LYS C 303 -10.86 -26.98 -1.27
N LEU C 304 -12.12 -26.82 -1.67
CA LEU C 304 -12.78 -27.82 -2.52
C LEU C 304 -12.20 -27.83 -3.93
N ALA C 305 -11.91 -26.68 -4.51
CA ALA C 305 -11.33 -26.70 -5.83
C ALA C 305 -10.03 -27.49 -5.83
N HIS C 306 -9.26 -27.40 -4.76
CA HIS C 306 -7.91 -27.93 -4.67
C HIS C 306 -7.89 -29.36 -4.15
N ASP C 307 -8.66 -29.67 -3.10
CA ASP C 307 -8.69 -31.02 -2.54
C ASP C 307 -9.68 -31.96 -3.19
N ALA C 308 -10.66 -31.48 -3.94
CA ALA C 308 -11.61 -32.38 -4.58
C ALA C 308 -11.78 -32.08 -6.07
N SER C 309 -10.83 -31.37 -6.67
CA SER C 309 -10.91 -30.95 -8.05
C SER C 309 -12.29 -30.48 -8.44
N LEU C 310 -12.97 -29.75 -7.55
CA LEU C 310 -14.38 -29.48 -7.74
C LEU C 310 -14.67 -28.66 -9.00
N PHE C 311 -13.71 -27.85 -9.46
CA PHE C 311 -13.91 -27.03 -10.63
C PHE C 311 -12.97 -27.39 -11.76
N GLY C 312 -12.48 -28.61 -11.80
CA GLY C 312 -11.58 -29.04 -12.84
C GLY C 312 -10.30 -29.61 -12.27
N ASP C 313 -9.43 -30.02 -13.16
CA ASP C 313 -8.21 -30.59 -12.62
C ASP C 313 -7.16 -29.54 -12.37
N VAL C 314 -7.34 -28.33 -12.84
CA VAL C 314 -6.52 -27.23 -12.39
C VAL C 314 -7.42 -26.25 -11.67
N VAL C 315 -6.93 -25.74 -10.57
CA VAL C 315 -7.73 -24.79 -9.81
C VAL C 315 -7.84 -23.49 -10.60
N PRO C 316 -9.04 -22.98 -10.84
CA PRO C 316 -9.18 -21.72 -11.59
C PRO C 316 -8.41 -20.57 -10.93
N THR C 317 -7.73 -19.79 -11.75
CA THR C 317 -6.81 -18.78 -11.23
C THR C 317 -7.52 -17.72 -10.41
N LYS C 318 -8.67 -17.23 -10.90
CA LYS C 318 -9.41 -16.19 -10.21
C LYS C 318 -9.89 -16.63 -8.84
N LEU C 319 -10.06 -17.92 -8.61
CA LEU C 319 -10.54 -18.34 -7.31
C LEU C 319 -9.47 -18.17 -6.24
N GLU C 320 -8.24 -17.95 -6.59
CA GLU C 320 -7.19 -17.77 -5.64
C GLU C 320 -6.89 -16.34 -5.34
N GLN C 321 -7.61 -15.46 -5.99
CA GLN C 321 -7.51 -14.05 -5.83
C GLN C 321 -8.36 -13.65 -4.66
N ARG C 322 -7.82 -12.93 -3.70
CA ARG C 322 -8.62 -12.60 -2.53
C ARG C 322 -9.67 -11.55 -2.84
N PHE C 323 -10.84 -11.71 -2.22
CA PHE C 323 -12.00 -10.84 -2.34
C PHE C 323 -12.61 -10.85 -3.72
N ILE C 324 -12.32 -11.86 -4.53
CA ILE C 324 -12.92 -11.94 -5.85
C ILE C 324 -14.42 -12.20 -5.78
N LEU C 325 -14.89 -12.85 -4.72
CA LEU C 325 -16.29 -13.22 -4.55
C LEU C 325 -16.88 -12.31 -3.47
N ARG C 326 -17.50 -11.23 -3.91
CA ARG C 326 -18.18 -10.28 -3.04
C ARG C 326 -19.44 -10.92 -2.46
N THR C 327 -19.99 -10.33 -1.42
CA THR C 327 -21.07 -11.15 -0.90
C THR C 327 -22.39 -10.86 -1.59
N PRO C 328 -22.62 -9.70 -2.22
CA PRO C 328 -23.77 -9.62 -3.12
C PRO C 328 -23.81 -10.73 -4.15
N ASP C 329 -22.68 -11.09 -4.76
CA ASP C 329 -22.60 -12.25 -5.62
C ASP C 329 -22.96 -13.52 -4.88
N MET C 330 -22.51 -13.67 -3.64
CA MET C 330 -22.93 -14.81 -2.84
C MET C 330 -24.45 -14.83 -2.70
N SER C 331 -25.06 -13.67 -2.43
CA SER C 331 -26.50 -13.57 -2.24
C SER C 331 -27.24 -13.91 -3.53
N ALA C 332 -26.68 -13.48 -4.68
CA ALA C 332 -27.26 -13.81 -5.96
C ALA C 332 -27.24 -15.31 -6.18
N MET C 333 -26.13 -15.97 -5.87
CA MET C 333 -26.10 -17.41 -6.00
C MET C 333 -27.03 -18.10 -4.99
N HIS C 334 -27.09 -17.59 -3.77
CA HIS C 334 -27.80 -18.30 -2.71
C HIS C 334 -29.29 -18.38 -2.95
N HIS C 335 -29.87 -17.47 -3.74
CA HIS C 335 -31.31 -17.44 -3.91
C HIS C 335 -31.80 -18.00 -5.24
N ASP C 336 -30.99 -18.77 -5.93
CA ASP C 336 -31.40 -19.29 -7.23
C ASP C 336 -32.16 -20.59 -7.00
N THR C 337 -33.34 -20.70 -7.62
CA THR C 337 -34.20 -21.84 -7.37
C THR C 337 -34.47 -22.68 -8.59
N SER C 338 -33.95 -22.29 -9.75
CA SER C 338 -34.05 -23.10 -10.95
C SER C 338 -33.51 -24.50 -10.72
N HIS C 339 -34.08 -25.49 -11.43
CA HIS C 339 -33.79 -26.89 -11.15
C HIS C 339 -32.33 -27.22 -11.40
N ASP C 340 -31.68 -26.49 -12.30
CA ASP C 340 -30.31 -26.73 -12.69
C ASP C 340 -29.34 -25.66 -12.17
N LEU C 341 -29.81 -24.73 -11.34
CA LEU C 341 -29.03 -23.60 -10.86
C LEU C 341 -28.32 -22.92 -12.02
N LYS C 342 -29.10 -22.42 -12.94
CA LYS C 342 -28.52 -21.74 -14.05
C LYS C 342 -28.05 -20.36 -13.75
N HIS C 343 -28.58 -19.72 -12.72
CA HIS C 343 -28.12 -18.38 -12.39
C HIS C 343 -26.91 -18.41 -11.46
N LEU C 344 -26.92 -19.29 -10.46
CA LEU C 344 -25.69 -19.54 -9.73
C LEU C 344 -24.58 -19.96 -10.68
N GLY C 345 -24.92 -20.76 -11.69
CA GLY C 345 -23.93 -21.17 -12.66
C GLY C 345 -23.41 -20.01 -13.47
N ALA C 346 -24.31 -19.09 -13.84
CA ALA C 346 -23.89 -17.91 -14.58
C ALA C 346 -22.93 -17.06 -13.77
N LYS C 347 -23.16 -16.97 -12.45
CA LYS C 347 -22.26 -16.19 -11.62
C LYS C 347 -20.94 -16.89 -11.43
N LEU C 348 -20.97 -18.19 -11.16
CA LEU C 348 -19.71 -18.90 -10.99
C LEU C 348 -18.83 -18.78 -12.22
N LYS C 349 -19.40 -18.67 -13.41
CA LYS C 349 -18.56 -18.58 -14.59
C LYS C 349 -17.80 -17.27 -14.60
N ASP C 350 -18.48 -16.17 -14.31
CA ASP C 350 -17.83 -14.86 -14.30
C ASP C 350 -16.82 -14.78 -13.18
N ILE C 351 -17.19 -15.27 -12.01
CA ILE C 351 -16.36 -15.04 -10.84
C ILE C 351 -15.10 -15.88 -10.91
N LEU C 352 -15.18 -17.10 -11.44
CA LEU C 352 -14.02 -17.98 -11.53
C LEU C 352 -13.39 -17.99 -12.91
N GLY C 353 -14.02 -17.37 -13.89
CA GLY C 353 -13.46 -17.37 -15.23
C GLY C 353 -13.36 -18.74 -15.84
N VAL C 354 -14.36 -19.57 -15.61
CA VAL C 354 -14.45 -20.87 -16.16
C VAL C 354 -15.38 -20.87 -17.35
N ALA C 355 -15.45 -21.99 -18.04
CA ALA C 355 -16.29 -22.12 -19.18
C ALA C 355 -17.58 -22.71 -18.76
N ASP C 356 -17.54 -23.50 -17.72
CA ASP C 356 -18.73 -24.12 -17.25
C ASP C 356 -18.46 -24.78 -15.96
N THR C 357 -19.53 -25.13 -15.26
CA THR C 357 -19.45 -25.80 -13.97
C THR C 357 -20.35 -26.99 -13.98
N SER C 358 -20.03 -27.97 -13.17
CA SER C 358 -20.81 -29.16 -13.06
C SER C 358 -22.08 -28.83 -12.38
N LEU C 359 -22.90 -29.81 -12.12
CA LEU C 359 -24.12 -29.53 -11.37
C LEU C 359 -24.02 -30.04 -9.94
N GLU C 360 -23.06 -30.90 -9.73
CA GLU C 360 -22.74 -31.30 -8.42
C GLU C 360 -21.97 -30.13 -7.81
N ALA C 361 -21.15 -29.42 -8.59
CA ALA C 361 -20.40 -28.29 -8.06
C ALA C 361 -21.33 -27.17 -7.65
N ARG C 362 -22.36 -26.90 -8.45
CA ARG C 362 -23.28 -25.82 -8.10
C ARG C 362 -24.09 -26.14 -6.86
N TYR C 363 -24.49 -27.40 -6.66
CA TYR C 363 -25.19 -27.72 -5.43
C TYR C 363 -24.24 -27.66 -4.24
N ILE C 364 -22.96 -27.99 -4.43
CA ILE C 364 -21.99 -27.82 -3.35
C ILE C 364 -21.76 -26.34 -3.08
N THR C 365 -21.61 -25.55 -4.14
CA THR C 365 -21.52 -24.11 -4.01
C THR C 365 -22.70 -23.56 -3.24
N LEU C 366 -23.91 -24.02 -3.56
CA LEU C 366 -25.09 -23.51 -2.86
C LEU C 366 -25.13 -23.99 -1.42
N HIS C 367 -24.57 -25.16 -1.13
CA HIS C 367 -24.54 -25.58 0.26
C HIS C 367 -23.52 -24.75 1.05
N VAL C 368 -22.42 -24.34 0.42
CA VAL C 368 -21.40 -23.56 1.13
C VAL C 368 -21.93 -22.18 1.50
N CYS C 369 -22.62 -21.51 0.57
CA CYS C 369 -23.27 -20.25 0.91
C CYS C 369 -24.23 -20.44 2.07
N ASP C 370 -24.93 -21.57 2.10
CA ASP C 370 -25.90 -21.78 3.15
C ASP C 370 -25.21 -21.88 4.51
N LEU C 371 -24.14 -22.68 4.58
CA LEU C 371 -23.40 -22.80 5.82
C LEU C 371 -22.85 -21.45 6.27
N VAL C 372 -22.30 -20.67 5.35
CA VAL C 372 -21.66 -19.42 5.73
C VAL C 372 -22.69 -18.42 6.20
N ALA C 373 -23.72 -18.21 5.40
CA ALA C 373 -24.75 -17.23 5.74
C ALA C 373 -25.48 -17.57 7.02
N GLU C 374 -25.71 -18.87 7.27
CA GLU C 374 -26.55 -19.19 8.40
C GLU C 374 -25.77 -19.14 9.72
N ARG C 375 -24.48 -19.42 9.71
CA ARG C 375 -23.73 -19.16 10.92
C ARG C 375 -23.69 -17.66 11.21
N GLY C 376 -23.60 -16.85 10.15
CA GLY C 376 -23.58 -15.41 10.33
C GLY C 376 -24.89 -14.85 10.86
N ALA C 377 -26.01 -15.35 10.34
CA ALA C 377 -27.30 -14.85 10.81
C ALA C 377 -27.64 -15.37 12.19
N ARG C 378 -27.27 -16.62 12.50
CA ARG C 378 -27.59 -17.16 13.80
C ARG C 378 -26.77 -16.49 14.89
N LEU C 379 -25.51 -16.17 14.60
CA LEU C 379 -24.69 -15.50 15.60
C LEU C 379 -25.20 -14.11 15.88
N ALA C 380 -25.62 -13.41 14.84
CA ALA C 380 -26.23 -12.09 15.01
C ALA C 380 -27.47 -12.18 15.89
N ALA C 381 -28.25 -13.24 15.71
CA ALA C 381 -29.43 -13.45 16.54
C ALA C 381 -29.05 -13.63 17.99
N ALA C 382 -28.02 -14.42 18.26
CA ALA C 382 -27.52 -14.56 19.62
C ALA C 382 -27.11 -13.21 20.18
N GLY C 383 -26.62 -12.33 19.32
CA GLY C 383 -26.28 -10.98 19.75
C GLY C 383 -27.50 -10.16 20.11
N ILE C 384 -28.48 -10.07 19.20
CA ILE C 384 -29.70 -9.35 19.53
C ILE C 384 -30.34 -9.93 20.78
N TYR C 385 -30.35 -11.25 20.91
CA TYR C 385 -30.86 -11.84 22.13
C TYR C 385 -30.08 -11.34 23.33
N GLY C 386 -28.75 -11.33 23.24
CA GLY C 386 -27.93 -10.82 24.33
C GLY C 386 -28.30 -9.41 24.73
N ILE C 387 -28.54 -8.53 23.75
CA ILE C 387 -29.00 -7.18 24.08
C ILE C 387 -30.32 -7.22 24.83
N LEU C 388 -31.28 -7.99 24.33
CA LEU C 388 -32.58 -8.09 24.99
C LEU C 388 -32.43 -8.56 26.43
N LYS C 389 -31.53 -9.51 26.67
CA LYS C 389 -31.21 -9.96 28.02
C LYS C 389 -30.81 -8.79 28.89
N LYS C 390 -29.99 -7.89 28.37
CA LYS C 390 -29.44 -6.80 29.16
C LYS C 390 -30.48 -5.75 29.49
N LEU C 391 -31.53 -5.62 28.67
CA LEU C 391 -32.65 -4.75 28.93
C LEU C 391 -33.75 -5.44 29.71
N GLY C 392 -33.54 -6.69 30.10
CA GLY C 392 -34.59 -7.45 30.72
C GLY C 392 -35.81 -7.67 29.87
N ARG C 393 -35.70 -7.64 28.56
CA ARG C 393 -36.87 -7.82 27.72
C ARG C 393 -36.92 -9.21 27.07
N ASP C 394 -36.14 -10.15 27.58
CA ASP C 394 -36.21 -11.56 27.22
C ASP C 394 -37.17 -12.32 28.11
N ARG C 395 -37.55 -11.69 29.22
CA ARG C 395 -38.39 -12.25 30.24
C ARG C 395 -39.60 -11.41 30.30
N VAL C 396 -40.65 -11.90 30.94
CA VAL C 396 -41.88 -11.13 31.01
C VAL C 396 -42.71 -11.35 32.25
N PRO C 397 -42.46 -10.58 33.30
CA PRO C 397 -43.24 -10.74 34.53
C PRO C 397 -44.73 -10.65 34.24
N SER C 398 -45.59 -11.51 34.79
CA SER C 398 -45.31 -12.55 35.77
C SER C 398 -46.57 -13.29 36.35
N ASP C 399 -47.79 -12.74 36.35
CA ASP C 399 -48.19 -11.42 35.86
C ASP C 399 -48.26 -11.43 34.33
N GLY C 400 -49.08 -10.60 33.69
CA GLY C 400 -49.97 -9.67 34.36
C GLY C 400 -49.71 -8.16 34.43
N SER C 401 -48.43 -7.79 34.56
CA SER C 401 -47.97 -6.42 34.65
C SER C 401 -47.25 -6.17 33.36
N GLN C 402 -47.81 -5.36 32.48
CA GLN C 402 -47.22 -5.05 31.17
C GLN C 402 -45.70 -5.04 31.19
N LYS C 403 -45.02 -5.66 30.25
CA LYS C 403 -45.56 -6.27 29.07
C LYS C 403 -45.24 -5.17 28.08
N GLN C 404 -43.98 -4.74 28.09
CA GLN C 404 -43.52 -3.63 27.28
C GLN C 404 -43.20 -4.03 25.90
N ARG C 405 -43.37 -3.13 24.95
CA ARG C 405 -43.10 -3.41 23.58
C ARG C 405 -41.74 -2.94 23.14
N THR C 406 -40.85 -3.84 22.81
CA THR C 406 -39.52 -3.44 22.40
C THR C 406 -39.26 -3.56 20.89
N VAL C 407 -38.89 -2.47 20.27
CA VAL C 407 -38.58 -2.45 18.83
C VAL C 407 -37.07 -2.32 18.62
N ILE C 408 -36.52 -3.09 17.69
CA ILE C 408 -35.11 -3.03 17.32
C ILE C 408 -35.03 -2.47 15.90
N ALA C 409 -34.33 -1.36 15.70
CA ALA C 409 -34.16 -0.82 14.35
C ALA C 409 -32.97 -1.48 13.68
N LEU C 410 -33.15 -1.96 12.47
CA LEU C 410 -32.10 -2.66 11.74
C LEU C 410 -31.78 -1.96 10.44
N ASP C 411 -30.52 -1.92 10.08
CA ASP C 411 -30.15 -1.40 8.77
C ASP C 411 -28.93 -2.17 8.28
N GLY C 412 -28.62 -2.01 6.99
CA GLY C 412 -27.55 -2.74 6.38
C GLY C 412 -28.00 -3.67 5.27
N GLY C 413 -27.20 -3.74 4.20
CA GLY C 413 -27.55 -4.52 3.04
C GLY C 413 -27.78 -5.99 3.36
N LEU C 414 -27.08 -6.51 4.36
CA LEU C 414 -27.32 -7.89 4.75
C LEU C 414 -28.77 -8.07 5.17
N TYR C 415 -29.27 -7.20 6.05
CA TYR C 415 -30.64 -7.36 6.50
C TYR C 415 -31.61 -6.93 5.42
N GLU C 416 -31.25 -5.94 4.61
CA GLU C 416 -32.20 -5.35 3.71
C GLU C 416 -32.24 -6.01 2.34
N HIS C 417 -31.13 -6.58 1.86
CA HIS C 417 -31.10 -7.17 0.53
C HIS C 417 -30.61 -8.61 0.51
N TYR C 418 -30.54 -9.29 1.65
CA TYR C 418 -30.15 -10.70 1.68
C TYR C 418 -31.24 -11.47 2.40
N LYS C 419 -32.19 -12.02 1.65
CA LYS C 419 -33.45 -12.44 2.24
C LYS C 419 -33.28 -13.69 3.09
N LYS C 420 -32.41 -14.62 2.68
CA LYS C 420 -32.18 -15.79 3.55
C LYS C 420 -31.44 -15.40 4.83
N PHE C 421 -30.64 -14.36 4.79
CA PHE C 421 -30.02 -13.90 6.03
C PHE C 421 -31.09 -13.34 6.96
N ARG C 422 -31.91 -12.41 6.47
CA ARG C 422 -32.97 -11.80 7.26
C ARG C 422 -33.91 -12.84 7.83
N THR C 423 -34.29 -13.83 7.03
CA THR C 423 -35.25 -14.82 7.50
C THR C 423 -34.64 -15.71 8.57
N CYS C 424 -33.40 -16.11 8.39
CA CYS C 424 -32.75 -16.94 9.39
C CYS C 424 -32.52 -16.17 10.68
N LEU C 425 -32.24 -14.88 10.56
CA LEU C 425 -32.04 -14.03 11.71
C LEU C 425 -33.28 -13.97 12.59
N GLU C 426 -34.41 -13.62 11.98
CA GLU C 426 -35.64 -13.42 12.74
C GLU C 426 -36.19 -14.72 13.29
N ALA C 427 -36.05 -15.82 12.55
CA ALA C 427 -36.50 -17.09 13.08
C ALA C 427 -35.67 -17.51 14.27
N THR C 428 -34.34 -17.37 14.19
CA THR C 428 -33.49 -17.75 15.30
C THR C 428 -33.73 -16.87 16.52
N LEU C 429 -33.89 -15.57 16.29
CA LEU C 429 -34.22 -14.68 17.39
C LEU C 429 -35.52 -15.09 18.06
N ALA C 430 -36.56 -15.33 17.24
CA ALA C 430 -37.84 -15.76 17.77
C ALA C 430 -37.71 -17.07 18.53
N ASP C 431 -36.85 -17.97 18.08
CA ASP C 431 -36.74 -19.22 18.79
C ASP C 431 -35.91 -19.08 20.04
N LEU C 432 -35.00 -18.10 20.09
CA LEU C 432 -34.26 -17.81 21.32
C LEU C 432 -35.16 -17.15 22.36
N LEU C 433 -35.89 -16.11 21.97
CA LEU C 433 -36.97 -15.67 22.83
C LEU C 433 -37.98 -16.78 22.97
N GLY C 434 -38.79 -16.69 23.99
CA GLY C 434 -39.92 -17.59 24.02
C GLY C 434 -40.88 -17.23 22.93
N GLU C 435 -41.95 -18.01 22.83
CA GLU C 435 -43.06 -17.54 22.02
C GLU C 435 -43.72 -16.36 22.68
N GLU C 436 -43.77 -16.34 24.00
CA GLU C 436 -44.38 -15.24 24.72
C GLU C 436 -43.52 -13.98 24.64
N ALA C 437 -42.21 -14.10 24.89
CA ALA C 437 -41.35 -12.93 24.80
C ALA C 437 -41.31 -12.38 23.38
N ALA C 438 -41.23 -13.27 22.38
CA ALA C 438 -41.18 -12.85 20.97
C ALA C 438 -42.38 -12.01 20.58
N SER C 439 -43.52 -12.22 21.24
CA SER C 439 -44.71 -11.46 20.87
C SER C 439 -44.60 -9.99 21.21
N SER C 440 -43.70 -9.62 22.11
CA SER C 440 -43.49 -8.24 22.52
C SER C 440 -42.30 -7.56 21.82
N VAL C 441 -41.56 -8.29 20.99
CA VAL C 441 -40.35 -7.78 20.35
C VAL C 441 -40.60 -7.58 18.87
N VAL C 442 -40.19 -6.44 18.33
CA VAL C 442 -40.39 -6.07 16.94
C VAL C 442 -39.02 -5.84 16.30
N VAL C 443 -38.89 -6.19 15.03
CA VAL C 443 -37.69 -5.93 14.26
C VAL C 443 -38.10 -5.19 12.99
N LYS C 444 -37.59 -3.97 12.84
CA LYS C 444 -37.90 -3.02 11.78
C LYS C 444 -36.71 -2.73 10.90
N LEU C 445 -36.94 -2.60 9.61
CA LEU C 445 -35.96 -1.94 8.78
C LEU C 445 -36.19 -0.45 8.94
N ALA C 446 -35.12 0.31 9.11
CA ALA C 446 -35.20 1.76 9.18
C ALA C 446 -34.33 2.27 8.02
N ASN C 447 -34.94 2.44 6.84
CA ASN C 447 -34.15 2.72 5.64
C ASN C 447 -33.49 4.10 5.76
N ASP C 448 -32.22 4.17 5.32
CA ASP C 448 -31.38 5.37 5.44
C ASP C 448 -31.49 6.00 6.82
N GLY C 449 -31.61 5.13 7.81
CA GLY C 449 -31.83 5.59 9.17
C GLY C 449 -30.66 6.37 9.71
N SER C 450 -29.42 5.86 9.54
CA SER C 450 -28.25 6.46 10.19
C SER C 450 -28.09 7.93 9.83
N GLY C 451 -28.35 8.28 8.57
CA GLY C 451 -28.16 9.64 8.12
C GLY C 451 -29.12 10.62 8.78
N ILE C 452 -30.41 10.32 8.73
CA ILE C 452 -31.35 11.33 9.19
C ILE C 452 -31.36 11.42 10.72
N GLY C 453 -31.05 10.34 11.42
CA GLY C 453 -30.92 10.42 12.87
C GLY C 453 -29.90 11.44 13.31
N ALA C 454 -28.81 11.58 12.56
CA ALA C 454 -27.81 12.57 12.89
C ALA C 454 -28.36 13.97 12.73
N ALA C 455 -29.07 14.21 11.61
CA ALA C 455 -29.68 15.53 11.39
C ALA C 455 -30.68 15.88 12.47
N LEU C 456 -31.45 14.90 12.93
CA LEU C 456 -32.39 15.17 14.02
C LEU C 456 -31.67 15.47 15.32
N LEU C 457 -30.58 14.75 15.57
CA LEU C 457 -29.78 15.00 16.76
C LEU C 457 -29.06 16.34 16.66
N ALA C 458 -28.66 16.75 15.45
CA ALA C 458 -28.15 18.09 15.31
C ALA C 458 -29.24 19.11 15.63
N ALA C 459 -30.48 18.80 15.27
CA ALA C 459 -31.56 19.72 15.56
C ALA C 459 -31.69 19.97 17.05
N SER C 460 -31.88 18.89 17.82
CA SER C 460 -32.06 19.00 19.26
C SER C 460 -30.83 19.56 19.95
N HIS C 461 -29.78 19.87 19.20
CA HIS C 461 -28.60 20.45 19.82
C HIS C 461 -28.12 21.66 19.03
N SER C 462 -29.05 22.53 18.62
CA SER C 462 -28.73 23.65 17.75
C SER C 462 -28.21 24.85 18.55
N GLN C 463 -27.99 26.00 17.91
CA GLN C 463 -27.36 27.13 18.63
C GLN C 463 -28.22 28.29 19.20
N TYR C 464 -29.30 28.79 18.57
CA TYR C 464 -29.78 28.52 17.22
C TYR C 464 -29.19 29.47 16.15
N ALA C 465 -27.92 29.40 15.82
CA ALA C 465 -27.35 30.46 14.98
C ALA C 465 -26.39 29.95 13.94
C2 BGC D . 2.21 17.42 -13.12
C3 BGC D . 2.81 18.61 -13.71
C4 BGC D . 3.76 18.21 -14.76
C5 BGC D . 3.12 17.33 -15.81
C6 BGC D . 4.13 16.73 -16.71
C1 BGC D . 1.39 16.86 -14.23
O1 BGC D . 0.68 15.90 -13.66
O2 BGC D . 1.33 17.71 -12.03
O3 BGC D . 3.48 19.34 -12.70
O4 BGC D . 4.07 19.39 -15.43
O5 BGC D . 2.33 16.26 -15.20
O6 BGC D . 4.64 15.59 -16.10
C2 BGC E . 18.47 -7.84 8.76
C3 BGC E . 19.47 -8.20 9.78
C4 BGC E . 19.25 -9.59 10.27
C5 BGC E . 19.20 -10.61 9.14
C6 BGC E . 18.77 -11.95 9.63
C1 BGC E . 18.81 -8.84 7.69
O1 BGC E . 18.22 -8.48 6.56
O2 BGC E . 18.67 -6.54 8.19
O3 BGC E . 19.51 -7.33 10.92
O4 BGC E . 20.37 -9.91 11.07
O5 BGC E . 18.26 -10.13 8.15
O6 BGC E . 17.40 -12.03 9.47
C2 BGC F . -17.75 -0.52 13.11
C3 BGC F . -18.89 0.10 13.84
C4 BGC F . -20.07 0.32 12.95
C5 BGC F . -20.49 -0.96 12.22
C6 BGC F . -21.58 -0.62 11.24
C1 BGC F . -18.18 -1.79 12.38
O1 BGC F . -17.13 -2.22 11.62
O2 BGC F . -16.71 -0.84 14.05
O3 BGC F . -18.46 1.39 14.38
O4 BGC F . -21.17 0.77 13.76
O5 BGC F . -19.36 -1.57 11.50
O6 BGC F . -21.03 0.07 10.15
#